data_8OYR
# 
_entry.id   8OYR 
# 
_audit_conform.dict_name       mmcif_pdbx.dic 
_audit_conform.dict_version    5.408 
_audit_conform.dict_location   http://mmcif.pdb.org/dictionaries/ascii/mmcif_pdbx.dic 
# 
loop_
_database_2.database_id 
_database_2.database_code 
_database_2.pdbx_database_accession 
_database_2.pdbx_DOI 
PDB   8OYR         pdb_00008oyr 10.2210/pdb8oyr/pdb 
WWPDB D_1292130302 ?            ?                   
# 
loop_
_pdbx_audit_revision_history.ordinal 
_pdbx_audit_revision_history.data_content_type 
_pdbx_audit_revision_history.major_revision 
_pdbx_audit_revision_history.minor_revision 
_pdbx_audit_revision_history.revision_date 
_pdbx_audit_revision_history.part_number 
1 'Structure model' 1 0 2024-03-13 ? 
2 'Structure model' 1 1 2024-03-27 ? 
3 'Structure model' 2 0 2025-12-10 ? 
# 
_pdbx_audit_revision_details.ordinal             1 
_pdbx_audit_revision_details.revision_ordinal    1 
_pdbx_audit_revision_details.data_content_type   'Structure model' 
_pdbx_audit_revision_details.provider            repository 
_pdbx_audit_revision_details.type                'Initial release' 
_pdbx_audit_revision_details.description         ? 
_pdbx_audit_revision_details.details             ? 
# 
loop_
_pdbx_audit_revision_group.ordinal 
_pdbx_audit_revision_group.revision_ordinal 
_pdbx_audit_revision_group.data_content_type 
_pdbx_audit_revision_group.group 
1 2 'Structure model' 'Database references'     
2 3 'Structure model' 'Atomic model'            
3 3 'Structure model' 'Data collection'         
4 3 'Structure model' 'Non-polymer description' 
5 3 'Structure model' 'Structure summary'       
# 
loop_
_pdbx_audit_revision_category.ordinal 
_pdbx_audit_revision_category.revision_ordinal 
_pdbx_audit_revision_category.data_content_type 
_pdbx_audit_revision_category.category 
1 2 'Structure model' citation           
2 3 'Structure model' atom_site          
3 3 'Structure model' chem_comp          
4 3 'Structure model' chem_comp_atom     
5 3 'Structure model' chem_comp_bond     
6 3 'Structure model' entity             
7 3 'Structure model' pdbx_entry_details 
# 
loop_
_pdbx_audit_revision_item.ordinal 
_pdbx_audit_revision_item.revision_ordinal 
_pdbx_audit_revision_item.data_content_type 
_pdbx_audit_revision_item.item 
1  2 'Structure model' '_citation.journal_volume'                     
2  3 'Structure model' '_atom_site.B_iso_or_equiv'                    
3  3 'Structure model' '_atom_site.Cartn_x'                           
4  3 'Structure model' '_atom_site.Cartn_y'                           
5  3 'Structure model' '_atom_site.Cartn_z'                           
6  3 'Structure model' '_atom_site.auth_atom_id'                      
7  3 'Structure model' '_atom_site.label_atom_id'                     
8  3 'Structure model' '_chem_comp.formula'                           
9  3 'Structure model' '_chem_comp.formula_weight'                    
10 3 'Structure model' '_entity.formula_weight'                       
11 3 'Structure model' '_pdbx_entry_details.has_protein_modification' 
# 
_pdbx_database_status.status_code                     REL 
_pdbx_database_status.status_code_sf                  REL 
_pdbx_database_status.status_code_mr                  ? 
_pdbx_database_status.entry_id                        8OYR 
_pdbx_database_status.recvd_initial_deposition_date   2023-05-05 
_pdbx_database_status.SG_entry                        N 
_pdbx_database_status.deposit_site                    PDBE 
_pdbx_database_status.process_site                    PDBE 
_pdbx_database_status.status_code_cs                  ? 
_pdbx_database_status.status_code_nmr_data            ? 
_pdbx_database_status.methods_development_category    ? 
_pdbx_database_status.pdb_format_compatible           Y 
# 
_pdbx_contact_author.id                 2 
_pdbx_contact_author.email              c.j.cardin@reading.ac.uk 
_pdbx_contact_author.name_first         Christine 
_pdbx_contact_author.name_last          Cardin 
_pdbx_contact_author.name_mi            ? 
_pdbx_contact_author.role               'principal investigator/group leader' 
_pdbx_contact_author.identifier_ORCID   0000-0002-2556-9995 
# 
loop_
_audit_author.name 
_audit_author.pdbx_ordinal 
_audit_author.identifier_ORCID 
'Prieto-Otoya, T.D.' 1 0000-0003-3168-8568 
'Cardin, C.J.'       2 0000-0002-2556-9995 
'McQuaid, K.T.'      3 0000-0002-3222-5584 
'Paterson, N.G.'     4 0000-0003-4292-6971 
# 
_citation.abstract                  ? 
_citation.abstract_id_CAS           ? 
_citation.book_id_ISBN              ? 
_citation.book_publisher            ? 
_citation.book_publisher_city       ? 
_citation.book_title                ? 
_citation.coordinate_linkage        ? 
_citation.country                   GE 
_citation.database_id_Medline       ? 
_citation.details                   ? 
_citation.id                        primary 
_citation.journal_abbrev            Angew.Chem.Int.Ed.Engl. 
_citation.journal_id_ASTM           ACIEAY 
_citation.journal_id_CSD            0179 
_citation.journal_id_ISSN           1521-3773 
_citation.journal_full              ? 
_citation.journal_issue             ? 
_citation.journal_volume            63 
_citation.language                  ? 
_citation.page_first                e202318863 
_citation.page_last                 e202318863 
_citation.title                     
'Probing a Major DNA Weakness: Resolving the Groove and Sequence Selectivity of the Diimine Complex Lambda-[Ru(phen) 2 phi] 2.' 
_citation.year                      2024 
_citation.database_id_CSD           ? 
_citation.pdbx_database_id_DOI      10.1002/anie.202318863 
_citation.pdbx_database_id_PubMed   38271265 
_citation.pdbx_database_id_patent   ? 
_citation.unpublished_flag          ? 
# 
loop_
_citation_author.citation_id 
_citation_author.name 
_citation_author.ordinal 
_citation_author.identifier_ORCID 
primary 'Prieto Otoya, T.D.' 1 0000-0003-3168-8568 
primary 'McQuaid, K.T.'      2 0000-0002-3222-5584 
primary 'Hennessy, J.'       3 0000-0001-7625-3803 
primary 'Menounou, G.'       4 0000-0002-2195-6787 
primary 'Gibney, A.'         5 ?                   
primary 'Paterson, N.G.'     6 0000-0003-4292-6971 
primary 'Cardin, D.J.'       7 0000-0002-1916-3059 
primary 'Kellett, A.'        8 0000-0002-8947-1401 
primary 'Cardin, C.J.'       9 0000-0002-2556-9995 
# 
loop_
_entity.id 
_entity.type 
_entity.src_method 
_entity.pdbx_description 
_entity.formula_weight 
_entity.pdbx_number_of_molecules 
_entity.pdbx_ec 
_entity.pdbx_mutation 
_entity.pdbx_fragment 
_entity.details 
1 polymer     syn 
;DNA (5'-D(*CP*CP*GP*GP*TP*AP*CP*CP*GP*G)-3')
;
3045.992 1 ? ? ? ? 
2 non-polymer syn 'ruthenium polypyridyl complex (lambda enantiomer)' 667.723  3 ? ? ? ? 
3 non-polymer syn 'STRONTIUM ION'                                     87.620   2 ? ? ? ? 
4 water       nat water                                               18.015   8 ? ? ? ? 
# 
_entity_poly.entity_id                      1 
_entity_poly.type                           polydeoxyribonucleotide 
_entity_poly.nstd_linkage                   no 
_entity_poly.nstd_monomer                   no 
_entity_poly.pdbx_seq_one_letter_code       '(DC)(DC)(DG)(DG)(DT)(DA)(DC)(DC)(DG)(DG)' 
_entity_poly.pdbx_seq_one_letter_code_can   CCGGTACCGG 
_entity_poly.pdbx_strand_id                 A 
_entity_poly.pdbx_target_identifier         ? 
# 
loop_
_pdbx_entity_nonpoly.entity_id 
_pdbx_entity_nonpoly.name 
_pdbx_entity_nonpoly.comp_id 
2 'ruthenium polypyridyl complex (lambda enantiomer)' V7F 
3 'STRONTIUM ION'                                     SR  
4 water                                               HOH 
# 
loop_
_entity_poly_seq.entity_id 
_entity_poly_seq.num 
_entity_poly_seq.mon_id 
_entity_poly_seq.hetero 
1 1  DC n 
1 2  DC n 
1 3  DG n 
1 4  DG n 
1 5  DT n 
1 6  DA n 
1 7  DC n 
1 8  DC n 
1 9  DG n 
1 10 DG n 
# 
_pdbx_entity_src_syn.entity_id              1 
_pdbx_entity_src_syn.pdbx_src_id            1 
_pdbx_entity_src_syn.pdbx_alt_source_flag   sample 
_pdbx_entity_src_syn.pdbx_beg_seq_num       1 
_pdbx_entity_src_syn.pdbx_end_seq_num       10 
_pdbx_entity_src_syn.organism_scientific    'synthetic construct' 
_pdbx_entity_src_syn.organism_common_name   ? 
_pdbx_entity_src_syn.ncbi_taxonomy_id       32630 
_pdbx_entity_src_syn.details                ? 
# 
loop_
_chem_comp.id 
_chem_comp.type 
_chem_comp.mon_nstd_flag 
_chem_comp.name 
_chem_comp.pdbx_synonyms 
_chem_comp.formula 
_chem_comp.formula_weight 
DA  'DNA linking' y "2'-DEOXYADENOSINE-5'-MONOPHOSPHATE"                ? 'C10 H14 N5 O6 P' 331.222 
DC  'DNA linking' y "2'-DEOXYCYTIDINE-5'-MONOPHOSPHATE"                 ? 'C9 H14 N3 O7 P'  307.197 
DG  'DNA linking' y "2'-DEOXYGUANOSINE-5'-MONOPHOSPHATE"                ? 'C10 H14 N5 O7 P' 347.221 
DT  'DNA linking' y "THYMIDINE-5'-MONOPHOSPHATE"                        ? 'C10 H15 N2 O8 P' 322.208 
HOH non-polymer   . WATER                                               ? 'H2 O'            18.015  
SR  non-polymer   . 'STRONTIUM ION'                                     ? 'Sr 2'            87.620  
V7F non-polymer   . 'ruthenium polypyridyl complex (lambda enantiomer)' ? 'C38 H26 N6 Ru 4' 667.723 
# 
loop_
_pdbx_poly_seq_scheme.asym_id 
_pdbx_poly_seq_scheme.entity_id 
_pdbx_poly_seq_scheme.seq_id 
_pdbx_poly_seq_scheme.mon_id 
_pdbx_poly_seq_scheme.ndb_seq_num 
_pdbx_poly_seq_scheme.pdb_seq_num 
_pdbx_poly_seq_scheme.auth_seq_num 
_pdbx_poly_seq_scheme.pdb_mon_id 
_pdbx_poly_seq_scheme.auth_mon_id 
_pdbx_poly_seq_scheme.pdb_strand_id 
_pdbx_poly_seq_scheme.pdb_ins_code 
_pdbx_poly_seq_scheme.hetero 
A 1 1  DC 1  1  1  DC DC A . n 
A 1 2  DC 2  2  2  DC DC A . n 
A 1 3  DG 3  3  3  DG DG A . n 
A 1 4  DG 4  4  4  DG DG A . n 
A 1 5  DT 5  5  5  DT DT A . n 
A 1 6  DA 6  6  6  DA DA A . n 
A 1 7  DC 7  7  7  DC DC A . n 
A 1 8  DC 8  8  8  DC DC A . n 
A 1 9  DG 9  9  9  DG DG A . n 
A 1 10 DG 10 10 10 DG DG A . n 
# 
_pdbx_entity_instance_feature.ordinal        1 
_pdbx_entity_instance_feature.comp_id        V7F 
_pdbx_entity_instance_feature.asym_id        ? 
_pdbx_entity_instance_feature.seq_num        ? 
_pdbx_entity_instance_feature.auth_comp_id   V7F 
_pdbx_entity_instance_feature.auth_asym_id   ? 
_pdbx_entity_instance_feature.auth_seq_num   ? 
_pdbx_entity_instance_feature.feature_type   'SUBJECT OF INVESTIGATION' 
_pdbx_entity_instance_feature.details        ? 
# 
loop_
_pdbx_nonpoly_scheme.asym_id 
_pdbx_nonpoly_scheme.entity_id 
_pdbx_nonpoly_scheme.mon_id 
_pdbx_nonpoly_scheme.ndb_seq_num 
_pdbx_nonpoly_scheme.pdb_seq_num 
_pdbx_nonpoly_scheme.auth_seq_num 
_pdbx_nonpoly_scheme.pdb_mon_id 
_pdbx_nonpoly_scheme.auth_mon_id 
_pdbx_nonpoly_scheme.pdb_strand_id 
_pdbx_nonpoly_scheme.pdb_ins_code 
B 2 V7F 1 101 1 V7F DPP A . 
C 2 V7F 1 102 2 V7F DPP A . 
D 2 V7F 1 103 3 V7F DPP A . 
E 3 SR  1 104 1 SR  SR  A . 
F 3 SR  1 105 2 SR  SR  A . 
G 4 HOH 1 201 4 HOH HOH A . 
G 4 HOH 2 202 3 HOH HOH A . 
G 4 HOH 3 203 1 HOH HOH A . 
G 4 HOH 4 204 8 HOH HOH A . 
G 4 HOH 5 205 6 HOH HOH A . 
G 4 HOH 6 206 7 HOH HOH A . 
G 4 HOH 7 207 5 HOH HOH A . 
G 4 HOH 8 208 2 HOH HOH A . 
# 
loop_
_software.citation_id 
_software.classification 
_software.compiler_name 
_software.compiler_version 
_software.contact_author 
_software.contact_author_email 
_software.date 
_software.description 
_software.dependencies 
_software.hardware 
_software.language 
_software.location 
_software.mods 
_software.name 
_software.os 
_software.os_version 
_software.type 
_software.version 
_software.pdbx_ordinal 
? refinement       ? ? ? ? ? ? ? ? ? ? ? PHENIX ? ? ? '(1.20.1_4487: ???)' 1 
? 'data scaling'   ? ? ? ? ? ? ? ? ? ? ? DIALS  ? ? ? .                    2 
? 'data reduction' ? ? ? ? ? ? ? ? ? ? ? DIALS  ? ? ? .                    3 
? phasing          ? ? ? ? ? ? ? ? ? ? ? SHELX  ? ? ? .                    4 
# 
_cell.angle_alpha                  90.00 
_cell.angle_alpha_esd              ? 
_cell.angle_beta                   90.00 
_cell.angle_beta_esd               ? 
_cell.angle_gamma                  90.00 
_cell.angle_gamma_esd              ? 
_cell.entry_id                     8OYR 
_cell.details                      ? 
_cell.formula_units_Z              ? 
_cell.length_a                     56.990 
_cell.length_a_esd                 ? 
_cell.length_b                     56.990 
_cell.length_b_esd                 ? 
_cell.length_c                     30.892 
_cell.length_c_esd                 ? 
_cell.volume                       ? 
_cell.volume_esd                   ? 
_cell.Z_PDB                        8 
_cell.reciprocal_angle_alpha       ? 
_cell.reciprocal_angle_beta        ? 
_cell.reciprocal_angle_gamma       ? 
_cell.reciprocal_angle_alpha_esd   ? 
_cell.reciprocal_angle_beta_esd    ? 
_cell.reciprocal_angle_gamma_esd   ? 
_cell.reciprocal_length_a          ? 
_cell.reciprocal_length_b          ? 
_cell.reciprocal_length_c          ? 
_cell.reciprocal_length_a_esd      ? 
_cell.reciprocal_length_b_esd      ? 
_cell.reciprocal_length_c_esd      ? 
_cell.pdbx_unique_axis             ? 
_cell.pdbx_esd_method              ? 
# 
_symmetry.entry_id                         8OYR 
_symmetry.cell_setting                     ? 
_symmetry.Int_Tables_number                89 
_symmetry.space_group_name_Hall            ? 
_symmetry.space_group_name_H-M             'P 4 2 2' 
_symmetry.pdbx_full_space_group_name_H-M   ? 
# 
_exptl.absorpt_coefficient_mu     ? 
_exptl.absorpt_correction_T_max   ? 
_exptl.absorpt_correction_T_min   ? 
_exptl.absorpt_correction_type    ? 
_exptl.absorpt_process_details    ? 
_exptl.entry_id                   8OYR 
_exptl.crystals_number            1 
_exptl.details                    ? 
_exptl.method                     'X-RAY DIFFRACTION' 
_exptl.method_details             ? 
# 
_exptl_crystal.colour                       ? 
_exptl_crystal.density_diffrn               ? 
_exptl_crystal.density_Matthews             4.12 
_exptl_crystal.density_method               ? 
_exptl_crystal.density_percent_sol          70.13 
_exptl_crystal.description                  'red octahedron' 
_exptl_crystal.F_000                        ? 
_exptl_crystal.id                           1 
_exptl_crystal.preparation                  ? 
_exptl_crystal.size_max                     ? 
_exptl_crystal.size_mid                     ? 
_exptl_crystal.size_min                     ? 
_exptl_crystal.size_rad                     ? 
_exptl_crystal.colour_lustre                ? 
_exptl_crystal.colour_modifier              ? 
_exptl_crystal.colour_primary               ? 
_exptl_crystal.density_meas                 ? 
_exptl_crystal.density_meas_esd             ? 
_exptl_crystal.density_meas_gt              ? 
_exptl_crystal.density_meas_lt              ? 
_exptl_crystal.density_meas_temp            ? 
_exptl_crystal.density_meas_temp_esd        ? 
_exptl_crystal.density_meas_temp_gt         ? 
_exptl_crystal.density_meas_temp_lt         ? 
_exptl_crystal.pdbx_crystal_image_url       ? 
_exptl_crystal.pdbx_crystal_image_format    ? 
_exptl_crystal.pdbx_mosaicity               ? 
_exptl_crystal.pdbx_mosaicity_esd           ? 
_exptl_crystal.pdbx_mosaic_method           ? 
_exptl_crystal.pdbx_mosaic_block_size       ? 
_exptl_crystal.pdbx_mosaic_block_size_esd   ? 
# 
_exptl_crystal_grow.apparatus       ? 
_exptl_crystal_grow.atmosphere      ? 
_exptl_crystal_grow.crystal_id      1 
_exptl_crystal_grow.details         ? 
_exptl_crystal_grow.method          'VAPOR DIFFUSION, SITTING DROP' 
_exptl_crystal_grow.method_ref      ? 
_exptl_crystal_grow.pH              7.0 
_exptl_crystal_grow.pressure        ? 
_exptl_crystal_grow.pressure_esd    ? 
_exptl_crystal_grow.seeding         ? 
_exptl_crystal_grow.seeding_ref     ? 
_exptl_crystal_grow.temp_details    ? 
_exptl_crystal_grow.temp_esd        ? 
_exptl_crystal_grow.time            ? 
_exptl_crystal_grow.pdbx_details    
;0.04 M Strontium Chloride hexahydrate, 0.02 M Sodium cacodylate trihydrate pH 7.0, 10% w/v MPD, 0.006 M spermine tetrahydrochloride, 0.01 M Magnesium chloride hexahydrate.
;
_exptl_crystal_grow.pdbx_pH_range   ? 
_exptl_crystal_grow.temp            277 
# 
_diffrn.ambient_environment              ? 
_diffrn.ambient_temp                     100 
_diffrn.ambient_temp_details             ? 
_diffrn.ambient_temp_esd                 ? 
_diffrn.crystal_id                       1 
_diffrn.crystal_support                  ? 
_diffrn.crystal_treatment                ? 
_diffrn.details                          ? 
_diffrn.id                               1 
_diffrn.ambient_pressure                 ? 
_diffrn.ambient_pressure_esd             ? 
_diffrn.ambient_pressure_gt              ? 
_diffrn.ambient_pressure_lt              ? 
_diffrn.ambient_temp_gt                  ? 
_diffrn.ambient_temp_lt                  ? 
_diffrn.pdbx_serial_crystal_experiment   N 
# 
_diffrn_detector.details                      ? 
_diffrn_detector.detector                     PIXEL 
_diffrn_detector.diffrn_id                    1 
_diffrn_detector.type                         'DECTRIS EIGER X 16M' 
_diffrn_detector.area_resol_mean              ? 
_diffrn_detector.dtime                        ? 
_diffrn_detector.pdbx_frames_total            ? 
_diffrn_detector.pdbx_collection_time_total   ? 
_diffrn_detector.pdbx_collection_date         2023-01-21 
_diffrn_detector.pdbx_frequency               ? 
_diffrn_detector.id                           ? 
_diffrn_detector.number_of_axes               ? 
# 
_diffrn_radiation.collimation                      ? 
_diffrn_radiation.diffrn_id                        1 
_diffrn_radiation.filter_edge                      ? 
_diffrn_radiation.inhomogeneity                    ? 
_diffrn_radiation.monochromator                    ? 
_diffrn_radiation.polarisn_norm                    ? 
_diffrn_radiation.polarisn_ratio                   ? 
_diffrn_radiation.probe                            ? 
_diffrn_radiation.type                             ? 
_diffrn_radiation.xray_symbol                      ? 
_diffrn_radiation.wavelength_id                    1 
_diffrn_radiation.pdbx_monochromatic_or_laue_m_l   M 
_diffrn_radiation.pdbx_wavelength_list             ? 
_diffrn_radiation.pdbx_wavelength                  ? 
_diffrn_radiation.pdbx_diffrn_protocol             'SINGLE WAVELENGTH' 
_diffrn_radiation.pdbx_analyzer                    ? 
_diffrn_radiation.pdbx_scattering_type             x-ray 
# 
loop_
_diffrn_radiation_wavelength.id 
_diffrn_radiation_wavelength.wavelength 
_diffrn_radiation_wavelength.wt 
1 0.9763 1.0 
2 0.5585 1.0 
# 
_diffrn_source.current                     ? 
_diffrn_source.details                     ? 
_diffrn_source.diffrn_id                   1 
_diffrn_source.power                       ? 
_diffrn_source.size                        ? 
_diffrn_source.source                      SYNCHROTRON 
_diffrn_source.target                      ? 
_diffrn_source.type                        'DIAMOND BEAMLINE I03' 
_diffrn_source.voltage                     ? 
_diffrn_source.take-off_angle              ? 
_diffrn_source.pdbx_wavelength_list        '0.9763, 0.5585' 
_diffrn_source.pdbx_wavelength             ? 
_diffrn_source.pdbx_synchrotron_beamline   I03 
_diffrn_source.pdbx_synchrotron_site       Diamond 
# 
_reflns.B_iso_Wilson_estimate                          ? 
_reflns.entry_id                                       8OYR 
_reflns.data_reduction_details                         ? 
_reflns.data_reduction_method                          ? 
_reflns.d_resolution_high                              2.21 
_reflns.d_resolution_low                               56.98 
_reflns.details                                        ? 
_reflns.limit_h_max                                    ? 
_reflns.limit_h_min                                    ? 
_reflns.limit_k_max                                    ? 
_reflns.limit_k_min                                    ? 
_reflns.limit_l_max                                    ? 
_reflns.limit_l_min                                    ? 
_reflns.number_all                                     ? 
_reflns.number_obs                                     4817 
_reflns.observed_criterion                             ? 
_reflns.observed_criterion_F_max                       ? 
_reflns.observed_criterion_F_min                       ? 
_reflns.observed_criterion_I_max                       ? 
_reflns.observed_criterion_I_min                       ? 
_reflns.observed_criterion_sigma_F                     ? 
_reflns.observed_criterion_sigma_I                     ? 
_reflns.percent_possible_obs                           100 
_reflns.R_free_details                                 ? 
_reflns.Rmerge_F_all                                   ? 
_reflns.Rmerge_F_obs                                   ? 
_reflns.Friedel_coverage                               ? 
_reflns.number_gt                                      ? 
_reflns.threshold_expression                           ? 
_reflns.pdbx_redundancy                                28.80 
_reflns.pdbx_netI_over_av_sigmaI                       ? 
_reflns.pdbx_netI_over_sigmaI                          21.5 
_reflns.pdbx_res_netI_over_av_sigmaI_2                 ? 
_reflns.pdbx_res_netI_over_sigmaI_2                    ? 
_reflns.pdbx_chi_squared                               ? 
_reflns.pdbx_scaling_rejects                           ? 
_reflns.pdbx_d_res_high_opt                            ? 
_reflns.pdbx_d_res_low_opt                             ? 
_reflns.pdbx_d_res_opt_method                          ? 
_reflns.phase_calculation_details                      ? 
_reflns.pdbx_Rrim_I_all                                ? 
_reflns.pdbx_Rpim_I_all                                ? 
_reflns.pdbx_d_opt                                     ? 
_reflns.pdbx_number_measured_all                       ? 
_reflns.pdbx_diffrn_id                                 1 
_reflns.pdbx_ordinal                                   1 
_reflns.pdbx_CC_half                                   0.999 
_reflns.pdbx_CC_star                                   ? 
_reflns.pdbx_R_split                                   ? 
_reflns.pdbx_Rmerge_I_obs                              ? 
_reflns.pdbx_Rmerge_I_all                              ? 
_reflns.pdbx_Rsym_value                                ? 
_reflns.pdbx_CC_split_method                           ? 
_reflns.pdbx_aniso_diffraction_limit_axis_1_ortho[1]   ? 
_reflns.pdbx_aniso_diffraction_limit_axis_1_ortho[2]   ? 
_reflns.pdbx_aniso_diffraction_limit_axis_1_ortho[3]   ? 
_reflns.pdbx_aniso_diffraction_limit_axis_2_ortho[1]   ? 
_reflns.pdbx_aniso_diffraction_limit_axis_2_ortho[2]   ? 
_reflns.pdbx_aniso_diffraction_limit_axis_2_ortho[3]   ? 
_reflns.pdbx_aniso_diffraction_limit_axis_3_ortho[1]   ? 
_reflns.pdbx_aniso_diffraction_limit_axis_3_ortho[2]   ? 
_reflns.pdbx_aniso_diffraction_limit_axis_3_ortho[3]   ? 
_reflns.pdbx_aniso_diffraction_limit_1                 ? 
_reflns.pdbx_aniso_diffraction_limit_2                 ? 
_reflns.pdbx_aniso_diffraction_limit_3                 ? 
_reflns.pdbx_aniso_B_tensor_eigenvector_1_ortho[1]     ? 
_reflns.pdbx_aniso_B_tensor_eigenvector_1_ortho[2]     ? 
_reflns.pdbx_aniso_B_tensor_eigenvector_1_ortho[3]     ? 
_reflns.pdbx_aniso_B_tensor_eigenvector_2_ortho[1]     ? 
_reflns.pdbx_aniso_B_tensor_eigenvector_2_ortho[2]     ? 
_reflns.pdbx_aniso_B_tensor_eigenvector_2_ortho[3]     ? 
_reflns.pdbx_aniso_B_tensor_eigenvector_3_ortho[1]     ? 
_reflns.pdbx_aniso_B_tensor_eigenvector_3_ortho[2]     ? 
_reflns.pdbx_aniso_B_tensor_eigenvector_3_ortho[3]     ? 
_reflns.pdbx_aniso_B_tensor_eigenvalue_1               ? 
_reflns.pdbx_aniso_B_tensor_eigenvalue_2               ? 
_reflns.pdbx_aniso_B_tensor_eigenvalue_3               ? 
_reflns.pdbx_orthogonalization_convention              ? 
_reflns.pdbx_percent_possible_ellipsoidal              ? 
_reflns.pdbx_percent_possible_spherical                ? 
_reflns.pdbx_percent_possible_ellipsoidal_anomalous    ? 
_reflns.pdbx_percent_possible_spherical_anomalous      ? 
_reflns.pdbx_redundancy_anomalous                      ? 
_reflns.pdbx_CC_half_anomalous                         ? 
_reflns.pdbx_absDiff_over_sigma_anomalous              ? 
_reflns.pdbx_percent_possible_anomalous                ? 
_reflns.pdbx_observed_signal_threshold                 ? 
_reflns.pdbx_signal_type                               ? 
_reflns.pdbx_signal_details                            ? 
_reflns.pdbx_signal_software_id                        ? 
# 
_reflns_shell.d_res_high                                    2.21 
_reflns_shell.d_res_low                                     2.25 
_reflns_shell.meanI_over_sigI_all                           ? 
_reflns_shell.meanI_over_sigI_obs                           0 
_reflns_shell.number_measured_all                           ? 
_reflns_shell.number_measured_obs                           ? 
_reflns_shell.number_possible                               ? 
_reflns_shell.number_unique_all                             ? 
_reflns_shell.number_unique_obs                             132 
_reflns_shell.percent_possible_obs                          ? 
_reflns_shell.Rmerge_F_all                                  ? 
_reflns_shell.Rmerge_F_obs                                  ? 
_reflns_shell.meanI_over_sigI_gt                            ? 
_reflns_shell.meanI_over_uI_all                             ? 
_reflns_shell.meanI_over_uI_gt                              ? 
_reflns_shell.number_measured_gt                            ? 
_reflns_shell.number_unique_gt                              ? 
_reflns_shell.percent_possible_gt                           ? 
_reflns_shell.Rmerge_F_gt                                   ? 
_reflns_shell.Rmerge_I_gt                                   ? 
_reflns_shell.pdbx_redundancy                               ? 
_reflns_shell.pdbx_chi_squared                              ? 
_reflns_shell.pdbx_netI_over_sigmaI_all                     ? 
_reflns_shell.pdbx_netI_over_sigmaI_obs                     ? 
_reflns_shell.pdbx_Rrim_I_all                               ? 
_reflns_shell.pdbx_Rpim_I_all                               ? 
_reflns_shell.pdbx_rejects                                  ? 
_reflns_shell.pdbx_ordinal                                  1 
_reflns_shell.pdbx_diffrn_id                                1 
_reflns_shell.pdbx_CC_half                                  0.094 
_reflns_shell.pdbx_CC_star                                  ? 
_reflns_shell.pdbx_R_split                                  ? 
_reflns_shell.percent_possible_all                          100 
_reflns_shell.Rmerge_I_all                                  ? 
_reflns_shell.Rmerge_I_obs                                  9.99 
_reflns_shell.pdbx_Rsym_value                               ? 
_reflns_shell.pdbx_percent_possible_ellipsoidal             ? 
_reflns_shell.pdbx_percent_possible_spherical               ? 
_reflns_shell.pdbx_percent_possible_ellipsoidal_anomalous   ? 
_reflns_shell.pdbx_percent_possible_spherical_anomalous     ? 
_reflns_shell.pdbx_redundancy_anomalous                     ? 
_reflns_shell.pdbx_CC_half_anomalous                        ? 
_reflns_shell.pdbx_absDiff_over_sigma_anomalous             ? 
_reflns_shell.pdbx_percent_possible_anomalous               ? 
# 
_refine.aniso_B[1][1]                            ? 
_refine.aniso_B[1][2]                            ? 
_refine.aniso_B[1][3]                            ? 
_refine.aniso_B[2][2]                            ? 
_refine.aniso_B[2][3]                            ? 
_refine.aniso_B[3][3]                            ? 
_refine.B_iso_max                                ? 
_refine.B_iso_mean                               ? 
_refine.B_iso_min                                ? 
_refine.correlation_coeff_Fo_to_Fc               ? 
_refine.correlation_coeff_Fo_to_Fc_free          ? 
_refine.details                                  ? 
_refine.diff_density_max                         ? 
_refine.diff_density_max_esd                     ? 
_refine.diff_density_min                         ? 
_refine.diff_density_min_esd                     ? 
_refine.diff_density_rms                         ? 
_refine.diff_density_rms_esd                     ? 
_refine.entry_id                                 8OYR 
_refine.pdbx_refine_id                           'X-RAY DIFFRACTION' 
_refine.ls_abs_structure_details                 ? 
_refine.ls_abs_structure_Flack                   ? 
_refine.ls_abs_structure_Flack_esd               ? 
_refine.ls_abs_structure_Rogers                  ? 
_refine.ls_abs_structure_Rogers_esd              ? 
_refine.ls_d_res_high                            2.21 
_refine.ls_d_res_low                             19.66 
_refine.ls_extinction_coef                       ? 
_refine.ls_extinction_coef_esd                   ? 
_refine.ls_extinction_expression                 ? 
_refine.ls_extinction_method                     ? 
_refine.ls_goodness_of_fit_all                   ? 
_refine.ls_goodness_of_fit_all_esd               ? 
_refine.ls_goodness_of_fit_obs                   ? 
_refine.ls_goodness_of_fit_obs_esd               ? 
_refine.ls_hydrogen_treatment                    ? 
_refine.ls_matrix_type                           ? 
_refine.ls_number_constraints                    ? 
_refine.ls_number_parameters                     ? 
_refine.ls_number_reflns_all                     ? 
_refine.ls_number_reflns_obs                     2817 
_refine.ls_number_reflns_R_free                  419 
_refine.ls_number_reflns_R_work                  ? 
_refine.ls_number_restraints                     ? 
_refine.ls_percent_reflns_obs                    85.60 
_refine.ls_percent_reflns_R_free                 10.04 
_refine.ls_R_factor_all                          ? 
_refine.ls_R_factor_obs                          0.2333 
_refine.ls_R_factor_R_free                       0.2628 
_refine.ls_R_factor_R_free_error                 ? 
_refine.ls_R_factor_R_free_error_details         ? 
_refine.ls_R_factor_R_work                       0.2296 
_refine.ls_R_Fsqd_factor_obs                     ? 
_refine.ls_R_I_factor_obs                        ? 
_refine.ls_redundancy_reflns_all                 ? 
_refine.ls_redundancy_reflns_obs                 ? 
_refine.ls_restrained_S_all                      ? 
_refine.ls_restrained_S_obs                      ? 
_refine.ls_shift_over_esd_max                    ? 
_refine.ls_shift_over_esd_mean                   ? 
_refine.ls_structure_factor_coef                 ? 
_refine.ls_weighting_details                     ? 
_refine.ls_weighting_scheme                      ? 
_refine.ls_wR_factor_all                         ? 
_refine.ls_wR_factor_obs                         ? 
_refine.ls_wR_factor_R_free                      ? 
_refine.ls_wR_factor_R_work                      ? 
_refine.occupancy_max                            ? 
_refine.occupancy_min                            ? 
_refine.solvent_model_details                    'FLAT BULK SOLVENT MODEL' 
_refine.solvent_model_param_bsol                 ? 
_refine.solvent_model_param_ksol                 ? 
_refine.pdbx_R_complete                          ? 
_refine.ls_R_factor_gt                           ? 
_refine.ls_goodness_of_fit_gt                    ? 
_refine.ls_goodness_of_fit_ref                   ? 
_refine.ls_shift_over_su_max                     ? 
_refine.ls_shift_over_su_max_lt                  ? 
_refine.ls_shift_over_su_mean                    ? 
_refine.ls_shift_over_su_mean_lt                 ? 
_refine.pdbx_ls_sigma_I                          ? 
_refine.pdbx_ls_sigma_F                          1.33 
_refine.pdbx_ls_sigma_Fsqd                       ? 
_refine.pdbx_data_cutoff_high_absF               ? 
_refine.pdbx_data_cutoff_high_rms_absF           ? 
_refine.pdbx_data_cutoff_low_absF                ? 
_refine.pdbx_isotropic_thermal_model             ? 
_refine.pdbx_ls_cross_valid_method               'FREE R-VALUE' 
_refine.pdbx_method_to_determine_struct          SAD 
_refine.pdbx_starting_model                      ? 
_refine.pdbx_stereochemistry_target_values       ML 
_refine.pdbx_R_Free_selection_details            ? 
_refine.pdbx_stereochem_target_val_spec_case     ? 
_refine.pdbx_overall_ESU_R                       ? 
_refine.pdbx_overall_ESU_R_Free                  ? 
_refine.pdbx_solvent_vdw_probe_radii             1.10 
_refine.pdbx_solvent_ion_probe_radii             ? 
_refine.pdbx_solvent_shrinkage_radii             0.90 
_refine.pdbx_real_space_R                        ? 
_refine.pdbx_density_correlation                 ? 
_refine.pdbx_pd_number_of_powder_patterns        ? 
_refine.pdbx_pd_number_of_points                 ? 
_refine.pdbx_pd_meas_number_of_points            ? 
_refine.pdbx_pd_proc_ls_prof_R_factor            ? 
_refine.pdbx_pd_proc_ls_prof_wR_factor           ? 
_refine.pdbx_pd_Marquardt_correlation_coeff      ? 
_refine.pdbx_pd_Fsqrd_R_factor                   ? 
_refine.pdbx_pd_ls_matrix_band_width             ? 
_refine.pdbx_overall_phase_error                 52.90 
_refine.pdbx_overall_SU_R_free_Cruickshank_DPI   ? 
_refine.pdbx_overall_SU_R_free_Blow_DPI          ? 
_refine.pdbx_overall_SU_R_Blow_DPI               ? 
_refine.pdbx_TLS_residual_ADP_flag               ? 
_refine.pdbx_diffrn_id                           1 
_refine.overall_SU_B                             ? 
_refine.overall_SU_ML                            0.59 
_refine.overall_SU_R_Cruickshank_DPI             ? 
_refine.overall_SU_R_free                        ? 
_refine.overall_FOM_free_R_set                   ? 
_refine.overall_FOM_work_R_set                   ? 
_refine.pdbx_average_fsc_overall                 ? 
_refine.pdbx_average_fsc_work                    ? 
_refine.pdbx_average_fsc_free                    ? 
# 
_refine_hist.pdbx_refine_id                   'X-RAY DIFFRACTION' 
_refine_hist.cycle_id                         LAST 
_refine_hist.details                          ? 
_refine_hist.d_res_high                       2.21 
_refine_hist.d_res_low                        19.66 
_refine_hist.number_atoms_solvent             8 
_refine_hist.number_atoms_total               347 
_refine_hist.number_reflns_all                ? 
_refine_hist.number_reflns_obs                ? 
_refine_hist.number_reflns_R_free             ? 
_refine_hist.number_reflns_R_work             ? 
_refine_hist.R_factor_all                     ? 
_refine_hist.R_factor_obs                     ? 
_refine_hist.R_factor_R_free                  ? 
_refine_hist.R_factor_R_work                  ? 
_refine_hist.pdbx_number_residues_total       ? 
_refine_hist.pdbx_B_iso_mean_ligand           ? 
_refine_hist.pdbx_B_iso_mean_solvent          ? 
_refine_hist.pdbx_number_atoms_protein        0 
_refine_hist.pdbx_number_atoms_nucleic_acid   202 
_refine_hist.pdbx_number_atoms_ligand         137 
_refine_hist.pdbx_number_atoms_lipid          ? 
_refine_hist.pdbx_number_atoms_carb           ? 
_refine_hist.pdbx_pseudo_atom_details         ? 
# 
loop_
_refine_ls_restr.pdbx_refine_id 
_refine_ls_restr.criterion 
_refine_ls_restr.dev_ideal 
_refine_ls_restr.dev_ideal_target 
_refine_ls_restr.number 
_refine_ls_restr.rejects 
_refine_ls_restr.type 
_refine_ls_restr.weight 
_refine_ls_restr.pdbx_restraint_function 
'X-RAY DIFFRACTION' ? 0.011  ? 394 ? f_bond_d           ? ? 
'X-RAY DIFFRACTION' ? 1.749  ? 632 ? f_angle_d          ? ? 
'X-RAY DIFFRACTION' ? 32.961 ? 120 ? f_dihedral_angle_d ? ? 
'X-RAY DIFFRACTION' ? 0.081  ? 39  ? f_chiral_restr     ? ? 
'X-RAY DIFFRACTION' ? 0.009  ? 19  ? f_plane_restr      ? ? 
# 
loop_
_refine_ls_shell.pdbx_refine_id 
_refine_ls_shell.d_res_high 
_refine_ls_shell.d_res_low 
_refine_ls_shell.number_reflns_all 
_refine_ls_shell.number_reflns_obs 
_refine_ls_shell.number_reflns_R_free 
_refine_ls_shell.number_reflns_R_work 
_refine_ls_shell.percent_reflns_obs 
_refine_ls_shell.percent_reflns_R_free 
_refine_ls_shell.R_factor_all 
_refine_ls_shell.R_factor_obs 
_refine_ls_shell.R_factor_R_free_error 
_refine_ls_shell.R_factor_R_work 
_refine_ls_shell.redundancy_reflns_all 
_refine_ls_shell.redundancy_reflns_obs 
_refine_ls_shell.wR_factor_all 
_refine_ls_shell.wR_factor_obs 
_refine_ls_shell.wR_factor_R_free 
_refine_ls_shell.wR_factor_R_work 
_refine_ls_shell.pdbx_R_complete 
_refine_ls_shell.pdbx_total_number_of_bins_used 
_refine_ls_shell.pdbx_phase_error 
_refine_ls_shell.pdbx_fsc_work 
_refine_ls_shell.pdbx_fsc_free 
_refine_ls_shell.R_factor_R_free 
'X-RAY DIFFRACTION' 2.21 2.53  . . 86  837  57.00  . . . . 0.4445 . . . . . . . . . . . 0.4235 
'X-RAY DIFFRACTION' 2.53 3.19  . . 164 1443 100.00 . . . . 0.4310 . . . . . . . . . . . 0.5370 
'X-RAY DIFFRACTION' 3.19 19.66 . . 169 1473 100.00 . . . . 0.2003 . . . . . . . . . . . 0.2298 
# 
_struct.entry_id                     8OYR 
_struct.title                        'DNA Major Groove Binding by lambda-[Ru(phen)2(phi)]2+' 
_struct.pdbx_model_details           ? 
_struct.pdbx_formula_weight          ? 
_struct.pdbx_formula_weight_method   ? 
_struct.pdbx_model_type_details      ? 
_struct.pdbx_CASP_flag               N 
# 
_struct_keywords.entry_id        8OYR 
_struct_keywords.text            'Major Groove, B-DNA, Ruthenium complex, ruthenium polypyridyl, decamer, small molecule, DNA' 
_struct_keywords.pdbx_keywords   DNA 
# 
loop_
_struct_asym.id 
_struct_asym.pdbx_blank_PDB_chainid_flag 
_struct_asym.pdbx_modified 
_struct_asym.entity_id 
_struct_asym.details 
A N N 1 ? 
B N N 2 ? 
C N N 2 ? 
D N N 2 ? 
E N N 3 ? 
F N N 3 ? 
G N N 4 ? 
# 
_struct_ref.id                         1 
_struct_ref.db_name                    PDB 
_struct_ref.db_code                    8OYR 
_struct_ref.pdbx_db_accession          8OYR 
_struct_ref.pdbx_db_isoform            ? 
_struct_ref.entity_id                  1 
_struct_ref.pdbx_seq_one_letter_code   ? 
_struct_ref.pdbx_align_begin           1 
# 
_struct_ref_seq.align_id                      1 
_struct_ref_seq.ref_id                        1 
_struct_ref_seq.pdbx_PDB_id_code              8OYR 
_struct_ref_seq.pdbx_strand_id                A 
_struct_ref_seq.seq_align_beg                 1 
_struct_ref_seq.pdbx_seq_align_beg_ins_code   ? 
_struct_ref_seq.seq_align_end                 10 
_struct_ref_seq.pdbx_seq_align_end_ins_code   ? 
_struct_ref_seq.pdbx_db_accession             8OYR 
_struct_ref_seq.db_align_beg                  1 
_struct_ref_seq.pdbx_db_align_beg_ins_code    ? 
_struct_ref_seq.db_align_end                  10 
_struct_ref_seq.pdbx_db_align_end_ins_code    ? 
_struct_ref_seq.pdbx_auth_seq_align_beg       1 
_struct_ref_seq.pdbx_auth_seq_align_end       10 
# 
_pdbx_struct_assembly.id                   1 
_pdbx_struct_assembly.details              author_defined_assembly 
_pdbx_struct_assembly.method_details       ? 
_pdbx_struct_assembly.oligomeric_details   dimeric 
_pdbx_struct_assembly.oligomeric_count     2 
# 
loop_
_pdbx_struct_assembly_gen.assembly_id 
_pdbx_struct_assembly_gen.oper_expression 
_pdbx_struct_assembly_gen.asym_id_list 
1 1 A,B,C,D,E,F,G 
1 2 A,B,C,D,E,F,G 
# 
_pdbx_struct_assembly_auth_evidence.id                     1 
_pdbx_struct_assembly_auth_evidence.assembly_id            1 
_pdbx_struct_assembly_auth_evidence.experimental_support   none 
_pdbx_struct_assembly_auth_evidence.details                ? 
# 
loop_
_pdbx_struct_oper_list.id 
_pdbx_struct_oper_list.type 
_pdbx_struct_oper_list.name 
_pdbx_struct_oper_list.symmetry_operation 
_pdbx_struct_oper_list.matrix[1][1] 
_pdbx_struct_oper_list.matrix[1][2] 
_pdbx_struct_oper_list.matrix[1][3] 
_pdbx_struct_oper_list.vector[1] 
_pdbx_struct_oper_list.matrix[2][1] 
_pdbx_struct_oper_list.matrix[2][2] 
_pdbx_struct_oper_list.matrix[2][3] 
_pdbx_struct_oper_list.vector[2] 
_pdbx_struct_oper_list.matrix[3][1] 
_pdbx_struct_oper_list.matrix[3][2] 
_pdbx_struct_oper_list.matrix[3][3] 
_pdbx_struct_oper_list.vector[3] 
1 'identity operation'         1_555 x,y,z      1.0000000000  0.0000000000  0.0000000000 0.0000000000  0.0000000000  1.0000000000  0.0000000000  0.0000000000  0.0000000000 0.0000000000  1.0000000000 0.0000000000  
2 'crystal symmetry operation' 8_556 -y,-x,-z+1 -0.8167663709 -0.3192000016 0.4806288114 -6.5269273998 -0.3192000016 -0.4439413685 -0.8372738025 -6.5064963727 0.4806288114 -0.8372738025 0.2607077394 -1.8328511265 
# 
loop_
_struct_conn.id 
_struct_conn.conn_type_id 
_struct_conn.pdbx_leaving_atom_flag 
_struct_conn.pdbx_PDB_id 
_struct_conn.ptnr1_label_asym_id 
_struct_conn.ptnr1_label_comp_id 
_struct_conn.ptnr1_label_seq_id 
_struct_conn.ptnr1_label_atom_id 
_struct_conn.pdbx_ptnr1_label_alt_id 
_struct_conn.pdbx_ptnr1_PDB_ins_code 
_struct_conn.pdbx_ptnr1_standard_comp_id 
_struct_conn.ptnr1_symmetry 
_struct_conn.ptnr2_label_asym_id 
_struct_conn.ptnr2_label_comp_id 
_struct_conn.ptnr2_label_seq_id 
_struct_conn.ptnr2_label_atom_id 
_struct_conn.pdbx_ptnr2_label_alt_id 
_struct_conn.pdbx_ptnr2_PDB_ins_code 
_struct_conn.ptnr1_auth_asym_id 
_struct_conn.ptnr1_auth_comp_id 
_struct_conn.ptnr1_auth_seq_id 
_struct_conn.ptnr2_auth_asym_id 
_struct_conn.ptnr2_auth_comp_id 
_struct_conn.ptnr2_auth_seq_id 
_struct_conn.ptnr2_symmetry 
_struct_conn.pdbx_ptnr3_label_atom_id 
_struct_conn.pdbx_ptnr3_label_seq_id 
_struct_conn.pdbx_ptnr3_label_comp_id 
_struct_conn.pdbx_ptnr3_label_asym_id 
_struct_conn.pdbx_ptnr3_label_alt_id 
_struct_conn.pdbx_ptnr3_PDB_ins_code 
_struct_conn.details 
_struct_conn.pdbx_dist_value 
_struct_conn.pdbx_value_order 
_struct_conn.pdbx_role 
hydrog1  hydrog ? ? A DC 2 N3 ? ? ? 1_555 A DG 9 N1 ? ? A DC 2 A DG 9 8_556 ? ? ? ? ? ? WATSON-CRICK ? ? ? 
hydrog2  hydrog ? ? A DC 2 N4 ? ? ? 1_555 A DG 9 O6 ? ? A DC 2 A DG 9 8_556 ? ? ? ? ? ? WATSON-CRICK ? ? ? 
hydrog3  hydrog ? ? A DC 2 O2 ? ? ? 1_555 A DG 9 N2 ? ? A DC 2 A DG 9 8_556 ? ? ? ? ? ? WATSON-CRICK ? ? ? 
hydrog4  hydrog ? ? A DG 3 N1 ? ? ? 1_555 A DC 8 N3 ? ? A DG 3 A DC 8 8_556 ? ? ? ? ? ? WATSON-CRICK ? ? ? 
hydrog5  hydrog ? ? A DG 3 N2 ? ? ? 1_555 A DC 8 O2 ? ? A DG 3 A DC 8 8_556 ? ? ? ? ? ? WATSON-CRICK ? ? ? 
hydrog6  hydrog ? ? A DG 3 O6 ? ? ? 1_555 A DC 8 N4 ? ? A DG 3 A DC 8 8_556 ? ? ? ? ? ? WATSON-CRICK ? ? ? 
hydrog7  hydrog ? ? A DG 4 N1 ? ? ? 1_555 A DC 7 N3 ? ? A DG 4 A DC 7 8_556 ? ? ? ? ? ? WATSON-CRICK ? ? ? 
hydrog8  hydrog ? ? A DG 4 N2 ? ? ? 1_555 A DC 7 O2 ? ? A DG 4 A DC 7 8_556 ? ? ? ? ? ? WATSON-CRICK ? ? ? 
hydrog9  hydrog ? ? A DG 4 O6 ? ? ? 1_555 A DC 7 N4 ? ? A DG 4 A DC 7 8_556 ? ? ? ? ? ? WATSON-CRICK ? ? ? 
hydrog10 hydrog ? ? A DT 5 N3 ? ? ? 1_555 A DA 6 N1 ? ? A DT 5 A DA 6 8_556 ? ? ? ? ? ? WATSON-CRICK ? ? ? 
hydrog11 hydrog ? ? A DT 5 O4 ? ? ? 1_555 A DA 6 N6 ? ? A DT 5 A DA 6 8_556 ? ? ? ? ? ? WATSON-CRICK ? ? ? 
hydrog12 hydrog ? ? A DA 6 N1 ? ? ? 1_555 A DT 5 N3 ? ? A DA 6 A DT 5 8_556 ? ? ? ? ? ? WATSON-CRICK ? ? ? 
hydrog13 hydrog ? ? A DA 6 N6 ? ? ? 1_555 A DT 5 O4 ? ? A DA 6 A DT 5 8_556 ? ? ? ? ? ? WATSON-CRICK ? ? ? 
hydrog14 hydrog ? ? A DC 7 N3 ? ? ? 1_555 A DG 4 N1 ? ? A DC 7 A DG 4 8_556 ? ? ? ? ? ? WATSON-CRICK ? ? ? 
hydrog15 hydrog ? ? A DC 7 N4 ? ? ? 1_555 A DG 4 O6 ? ? A DC 7 A DG 4 8_556 ? ? ? ? ? ? WATSON-CRICK ? ? ? 
hydrog16 hydrog ? ? A DC 7 O2 ? ? ? 1_555 A DG 4 N2 ? ? A DC 7 A DG 4 8_556 ? ? ? ? ? ? WATSON-CRICK ? ? ? 
hydrog17 hydrog ? ? A DC 8 N3 ? ? ? 1_555 A DG 3 N1 ? ? A DC 8 A DG 3 8_556 ? ? ? ? ? ? WATSON-CRICK ? ? ? 
hydrog18 hydrog ? ? A DC 8 N4 ? ? ? 1_555 A DG 3 O6 ? ? A DC 8 A DG 3 8_556 ? ? ? ? ? ? WATSON-CRICK ? ? ? 
hydrog19 hydrog ? ? A DC 8 O2 ? ? ? 1_555 A DG 3 N2 ? ? A DC 8 A DG 3 8_556 ? ? ? ? ? ? WATSON-CRICK ? ? ? 
hydrog20 hydrog ? ? A DG 9 N1 ? ? ? 1_555 A DC 2 N3 ? ? A DG 9 A DC 2 8_556 ? ? ? ? ? ? WATSON-CRICK ? ? ? 
hydrog21 hydrog ? ? A DG 9 N2 ? ? ? 1_555 A DC 2 O2 ? ? A DG 9 A DC 2 8_556 ? ? ? ? ? ? WATSON-CRICK ? ? ? 
hydrog22 hydrog ? ? A DG 9 O6 ? ? ? 1_555 A DC 2 N4 ? ? A DG 9 A DC 2 8_556 ? ? ? ? ? ? WATSON-CRICK ? ? ? 
# 
_struct_conn_type.id          hydrog 
_struct_conn_type.criteria    ? 
_struct_conn_type.reference   ? 
# 
_pdbx_entry_details.entry_id                   8OYR 
_pdbx_entry_details.has_ligand_of_interest     Y 
_pdbx_entry_details.compound_details           ? 
_pdbx_entry_details.source_details             ? 
_pdbx_entry_details.nonpolymer_details         ? 
_pdbx_entry_details.sequence_details           ? 
_pdbx_entry_details.has_protein_modification   N 
# 
_pdbx_validate_symm_contact.id                1 
_pdbx_validate_symm_contact.PDB_model_num     1 
_pdbx_validate_symm_contact.auth_atom_id_1    H21 
_pdbx_validate_symm_contact.auth_asym_id_1    A 
_pdbx_validate_symm_contact.auth_comp_id_1    DG 
_pdbx_validate_symm_contact.auth_seq_id_1     4 
_pdbx_validate_symm_contact.PDB_ins_code_1    ? 
_pdbx_validate_symm_contact.label_alt_id_1    ? 
_pdbx_validate_symm_contact.site_symmetry_1   1_555 
_pdbx_validate_symm_contact.auth_atom_id_2    O2 
_pdbx_validate_symm_contact.auth_asym_id_2    A 
_pdbx_validate_symm_contact.auth_comp_id_2    DC 
_pdbx_validate_symm_contact.auth_seq_id_2     7 
_pdbx_validate_symm_contact.PDB_ins_code_2    ? 
_pdbx_validate_symm_contact.label_alt_id_2    ? 
_pdbx_validate_symm_contact.site_symmetry_2   8_556 
_pdbx_validate_symm_contact.dist              1.45 
# 
loop_
_pdbx_struct_special_symmetry.id 
_pdbx_struct_special_symmetry.PDB_model_num 
_pdbx_struct_special_symmetry.auth_asym_id 
_pdbx_struct_special_symmetry.auth_comp_id 
_pdbx_struct_special_symmetry.auth_seq_id 
_pdbx_struct_special_symmetry.PDB_ins_code 
_pdbx_struct_special_symmetry.label_asym_id 
_pdbx_struct_special_symmetry.label_comp_id 
_pdbx_struct_special_symmetry.label_seq_id 
1 1 A V7F 101 ? B V7F . 
2 1 A V7F 101 ? B V7F . 
3 1 A V7F 103 ? D V7F . 
4 1 A HOH 203 ? G HOH . 
# 
_pdbx_refine_tls.id               1 
_pdbx_refine_tls.pdbx_refine_id   'X-RAY DIFFRACTION' 
_pdbx_refine_tls.details          ? 
_pdbx_refine_tls.method           refined 
_pdbx_refine_tls.origin_x         -0.2307 
_pdbx_refine_tls.origin_y         -0.7996 
_pdbx_refine_tls.origin_z         -0.0361 
_pdbx_refine_tls.T[1][1]          0.5292 
_pdbx_refine_tls.T[1][1]_esd      ? 
_pdbx_refine_tls.T[1][2]          -0.1162 
_pdbx_refine_tls.T[1][2]_esd      ? 
_pdbx_refine_tls.T[1][3]          -0.0011 
_pdbx_refine_tls.T[1][3]_esd      ? 
_pdbx_refine_tls.T[2][2]          0.8257 
_pdbx_refine_tls.T[2][2]_esd      ? 
_pdbx_refine_tls.T[2][3]          0.0517 
_pdbx_refine_tls.T[2][3]_esd      ? 
_pdbx_refine_tls.T[3][3]          0.8213 
_pdbx_refine_tls.T[3][3]_esd      ? 
_pdbx_refine_tls.L[1][1]          2.0791 
_pdbx_refine_tls.L[1][1]_esd      ? 
_pdbx_refine_tls.L[1][2]          2.9011 
_pdbx_refine_tls.L[1][2]_esd      ? 
_pdbx_refine_tls.L[1][3]          0.6395 
_pdbx_refine_tls.L[1][3]_esd      ? 
_pdbx_refine_tls.L[2][2]          12.5468 
_pdbx_refine_tls.L[2][2]_esd      ? 
_pdbx_refine_tls.L[2][3]          3.9622 
_pdbx_refine_tls.L[2][3]_esd      ? 
_pdbx_refine_tls.L[3][3]          2.4622 
_pdbx_refine_tls.L[3][3]_esd      ? 
_pdbx_refine_tls.S[1][1]          0.0664 
_pdbx_refine_tls.S[1][1]_esd      ? 
_pdbx_refine_tls.S[1][2]          0.4118 
_pdbx_refine_tls.S[1][2]_esd      ? 
_pdbx_refine_tls.S[1][3]          -0.0876 
_pdbx_refine_tls.S[1][3]_esd      ? 
_pdbx_refine_tls.S[2][1]          -0.2386 
_pdbx_refine_tls.S[2][1]_esd      ? 
_pdbx_refine_tls.S[2][2]          0.3652 
_pdbx_refine_tls.S[2][2]_esd      ? 
_pdbx_refine_tls.S[2][3]          -1.9759 
_pdbx_refine_tls.S[2][3]_esd      ? 
_pdbx_refine_tls.S[3][1]          -0.1561 
_pdbx_refine_tls.S[3][1]_esd      ? 
_pdbx_refine_tls.S[3][2]          0.0779 
_pdbx_refine_tls.S[3][2]_esd      ? 
_pdbx_refine_tls.S[3][3]          -0.3547 
_pdbx_refine_tls.S[3][3]_esd      ? 
# 
_pdbx_refine_tls_group.id                  1 
_pdbx_refine_tls_group.pdbx_refine_id      'X-RAY DIFFRACTION' 
_pdbx_refine_tls_group.refine_tls_id       1 
_pdbx_refine_tls_group.beg_label_asym_id   ? 
_pdbx_refine_tls_group.beg_label_seq_id    ? 
_pdbx_refine_tls_group.beg_auth_asym_id    ? 
_pdbx_refine_tls_group.beg_auth_seq_id     ? 
_pdbx_refine_tls_group.beg_PDB_ins_code    ? 
_pdbx_refine_tls_group.end_label_asym_id   ? 
_pdbx_refine_tls_group.end_label_seq_id    ? 
_pdbx_refine_tls_group.end_auth_asym_id    ? 
_pdbx_refine_tls_group.end_auth_seq_id     ? 
_pdbx_refine_tls_group.end_PDB_ins_code    ? 
_pdbx_refine_tls_group.selection           ? 
_pdbx_refine_tls_group.selection_details   all 
# 
loop_
_chem_comp_atom.comp_id 
_chem_comp_atom.atom_id 
_chem_comp_atom.type_symbol 
_chem_comp_atom.pdbx_aromatic_flag 
_chem_comp_atom.pdbx_stereo_config 
_chem_comp_atom.pdbx_ordinal 
DA  OP3    O  N N 1   
DA  P      P  N N 2   
DA  OP1    O  N N 3   
DA  OP2    O  N N 4   
DA  "O5'"  O  N N 5   
DA  "C5'"  C  N N 6   
DA  "C4'"  C  N R 7   
DA  "O4'"  O  N N 8   
DA  "C3'"  C  N S 9   
DA  "O3'"  O  N N 10  
DA  "C2'"  C  N N 11  
DA  "C1'"  C  N R 12  
DA  N9     N  Y N 13  
DA  C8     C  Y N 14  
DA  N7     N  Y N 15  
DA  C5     C  Y N 16  
DA  C6     C  Y N 17  
DA  N6     N  N N 18  
DA  N1     N  Y N 19  
DA  C2     C  Y N 20  
DA  N3     N  Y N 21  
DA  C4     C  Y N 22  
DA  HOP3   H  N N 23  
DA  HOP2   H  N N 24  
DA  "H5'"  H  N N 25  
DA  "H5''" H  N N 26  
DA  "H4'"  H  N N 27  
DA  "H3'"  H  N N 28  
DA  "HO3'" H  N N 29  
DA  "H2'"  H  N N 30  
DA  "H2''" H  N N 31  
DA  "H1'"  H  N N 32  
DA  H8     H  N N 33  
DA  H61    H  N N 34  
DA  H62    H  N N 35  
DA  H2     H  N N 36  
DC  OP3    O  N N 37  
DC  P      P  N N 38  
DC  OP1    O  N N 39  
DC  OP2    O  N N 40  
DC  "O5'"  O  N N 41  
DC  "C5'"  C  N N 42  
DC  "C4'"  C  N R 43  
DC  "O4'"  O  N N 44  
DC  "C3'"  C  N S 45  
DC  "O3'"  O  N N 46  
DC  "C2'"  C  N N 47  
DC  "C1'"  C  N R 48  
DC  N1     N  N N 49  
DC  C2     C  N N 50  
DC  O2     O  N N 51  
DC  N3     N  N N 52  
DC  C4     C  N N 53  
DC  N4     N  N N 54  
DC  C5     C  N N 55  
DC  C6     C  N N 56  
DC  HOP3   H  N N 57  
DC  HOP2   H  N N 58  
DC  "H5'"  H  N N 59  
DC  "H5''" H  N N 60  
DC  "H4'"  H  N N 61  
DC  "H3'"  H  N N 62  
DC  "HO3'" H  N N 63  
DC  "H2'"  H  N N 64  
DC  "H2''" H  N N 65  
DC  "H1'"  H  N N 66  
DC  H41    H  N N 67  
DC  H42    H  N N 68  
DC  H5     H  N N 69  
DC  H6     H  N N 70  
DG  OP3    O  N N 71  
DG  P      P  N N 72  
DG  OP1    O  N N 73  
DG  OP2    O  N N 74  
DG  "O5'"  O  N N 75  
DG  "C5'"  C  N N 76  
DG  "C4'"  C  N R 77  
DG  "O4'"  O  N N 78  
DG  "C3'"  C  N S 79  
DG  "O3'"  O  N N 80  
DG  "C2'"  C  N N 81  
DG  "C1'"  C  N R 82  
DG  N9     N  Y N 83  
DG  C8     C  Y N 84  
DG  N7     N  Y N 85  
DG  C5     C  Y N 86  
DG  C6     C  N N 87  
DG  O6     O  N N 88  
DG  N1     N  N N 89  
DG  C2     C  N N 90  
DG  N2     N  N N 91  
DG  N3     N  N N 92  
DG  C4     C  Y N 93  
DG  HOP3   H  N N 94  
DG  HOP2   H  N N 95  
DG  "H5'"  H  N N 96  
DG  "H5''" H  N N 97  
DG  "H4'"  H  N N 98  
DG  "H3'"  H  N N 99  
DG  "HO3'" H  N N 100 
DG  "H2'"  H  N N 101 
DG  "H2''" H  N N 102 
DG  "H1'"  H  N N 103 
DG  H8     H  N N 104 
DG  H1     H  N N 105 
DG  H21    H  N N 106 
DG  H22    H  N N 107 
DT  OP3    O  N N 108 
DT  P      P  N N 109 
DT  OP1    O  N N 110 
DT  OP2    O  N N 111 
DT  "O5'"  O  N N 112 
DT  "C5'"  C  N N 113 
DT  "C4'"  C  N R 114 
DT  "O4'"  O  N N 115 
DT  "C3'"  C  N S 116 
DT  "O3'"  O  N N 117 
DT  "C2'"  C  N N 118 
DT  "C1'"  C  N R 119 
DT  N1     N  N N 120 
DT  C2     C  N N 121 
DT  O2     O  N N 122 
DT  N3     N  N N 123 
DT  C4     C  N N 124 
DT  O4     O  N N 125 
DT  C5     C  N N 126 
DT  C7     C  N N 127 
DT  C6     C  N N 128 
DT  HOP3   H  N N 129 
DT  HOP2   H  N N 130 
DT  "H5'"  H  N N 131 
DT  "H5''" H  N N 132 
DT  "H4'"  H  N N 133 
DT  "H3'"  H  N N 134 
DT  "HO3'" H  N N 135 
DT  "H2'"  H  N N 136 
DT  "H2''" H  N N 137 
DT  "H1'"  H  N N 138 
DT  H3     H  N N 139 
DT  H71    H  N N 140 
DT  H72    H  N N 141 
DT  H73    H  N N 142 
DT  H6     H  N N 143 
HOH O      O  N N 144 
HOH H1     H  N N 145 
HOH H2     H  N N 146 
SR  SR     SR N N 147 
V7F C11    C  Y N 148 
V7F C12    C  Y N 149 
V7F C13    C  Y N 150 
V7F C14    C  Y N 151 
V7F C15    C  Y N 152 
V7F C16    C  Y N 153 
V7F C17    C  Y N 154 
V7F C18    C  Y N 155 
V7F C19    C  Y N 156 
V7F C20    C  Y N 157 
V7F C21    C  Y N 158 
V7F C22    C  Y N 159 
V7F C23    C  Y N 160 
V7F C24    C  Y N 161 
V7F C25    C  Y N 162 
V7F C26    C  Y N 163 
V7F C29    C  Y N 164 
V7F C30    C  Y N 165 
V7F C31    C  Y N 166 
V7F C32    C  Y N 167 
V7F C33    C  Y N 168 
V7F C34    C  Y N 169 
V7F C35    C  Y N 170 
V7F C36    C  Y N 171 
V7F C37    C  Y N 172 
V7F C38    C  Y N 173 
V7F C01    C  Y N 174 
V7F C02    C  Y N 175 
V7F C03    C  Y N 176 
V7F C04    C  Y N 177 
V7F C05    C  Y N 178 
V7F C06    C  Y N 179 
V7F C07    C  Y N 180 
V7F C08    C  Y N 181 
V7F C09    C  Y N 182 
V7F C10    C  Y N 183 
V7F C27    C  Y N 184 
V7F C28    C  Y N 185 
V7F N01    N  Y N 186 
V7F N02    N  N N 187 
V7F N03    N  Y N 188 
V7F N04    N  N N 189 
V7F N05    N  Y N 190 
V7F N06    N  Y N 191 
V7F RU01   RU N N 192 
V7F H03    H  N N 193 
V7F H04    H  N N 194 
V7F H05    H  N N 195 
V7F H06    H  N N 196 
V7F H07    H  N N 197 
V7F H08    H  N N 198 
V7F H09    H  N N 199 
V7F H10    H  N N 200 
V7F H11    H  N N 201 
V7F H25    H  N N 202 
V7F H14    H  N N 203 
V7F H15    H  N N 204 
V7F H16    H  N N 205 
V7F H17    H  N N 206 
V7F H18    H  N N 207 
V7F H19    H  N N 208 
V7F H20    H  N N 209 
V7F H21    H  N N 210 
V7F H22    H  N N 211 
V7F H23    H  N N 212 
V7F H01    H  N N 213 
V7F H02    H  N N 214 
V7F H12    H  N N 215 
V7F H13    H  N N 216 
V7F H26    H  N N 217 
V7F H24    H  N N 218 
# 
loop_
_chem_comp_bond.comp_id 
_chem_comp_bond.atom_id_1 
_chem_comp_bond.atom_id_2 
_chem_comp_bond.value_order 
_chem_comp_bond.pdbx_aromatic_flag 
_chem_comp_bond.pdbx_stereo_config 
_chem_comp_bond.pdbx_ordinal 
DA  OP3   P      sing N N 1   
DA  OP3   HOP3   sing N N 2   
DA  P     OP1    doub N N 3   
DA  P     OP2    sing N N 4   
DA  P     "O5'"  sing N N 5   
DA  OP2   HOP2   sing N N 6   
DA  "O5'" "C5'"  sing N N 7   
DA  "C5'" "C4'"  sing N N 8   
DA  "C5'" "H5'"  sing N N 9   
DA  "C5'" "H5''" sing N N 10  
DA  "C4'" "O4'"  sing N N 11  
DA  "C4'" "C3'"  sing N N 12  
DA  "C4'" "H4'"  sing N N 13  
DA  "O4'" "C1'"  sing N N 14  
DA  "C3'" "O3'"  sing N N 15  
DA  "C3'" "C2'"  sing N N 16  
DA  "C3'" "H3'"  sing N N 17  
DA  "O3'" "HO3'" sing N N 18  
DA  "C2'" "C1'"  sing N N 19  
DA  "C2'" "H2'"  sing N N 20  
DA  "C2'" "H2''" sing N N 21  
DA  "C1'" N9     sing N N 22  
DA  "C1'" "H1'"  sing N N 23  
DA  N9    C8     sing Y N 24  
DA  N9    C4     sing Y N 25  
DA  C8    N7     doub Y N 26  
DA  C8    H8     sing N N 27  
DA  N7    C5     sing Y N 28  
DA  C5    C6     sing Y N 29  
DA  C5    C4     doub Y N 30  
DA  C6    N6     sing N N 31  
DA  C6    N1     doub Y N 32  
DA  N6    H61    sing N N 33  
DA  N6    H62    sing N N 34  
DA  N1    C2     sing Y N 35  
DA  C2    N3     doub Y N 36  
DA  C2    H2     sing N N 37  
DA  N3    C4     sing Y N 38  
DC  OP3   P      sing N N 39  
DC  OP3   HOP3   sing N N 40  
DC  P     OP1    doub N N 41  
DC  P     OP2    sing N N 42  
DC  P     "O5'"  sing N N 43  
DC  OP2   HOP2   sing N N 44  
DC  "O5'" "C5'"  sing N N 45  
DC  "C5'" "C4'"  sing N N 46  
DC  "C5'" "H5'"  sing N N 47  
DC  "C5'" "H5''" sing N N 48  
DC  "C4'" "O4'"  sing N N 49  
DC  "C4'" "C3'"  sing N N 50  
DC  "C4'" "H4'"  sing N N 51  
DC  "O4'" "C1'"  sing N N 52  
DC  "C3'" "O3'"  sing N N 53  
DC  "C3'" "C2'"  sing N N 54  
DC  "C3'" "H3'"  sing N N 55  
DC  "O3'" "HO3'" sing N N 56  
DC  "C2'" "C1'"  sing N N 57  
DC  "C2'" "H2'"  sing N N 58  
DC  "C2'" "H2''" sing N N 59  
DC  "C1'" N1     sing N N 60  
DC  "C1'" "H1'"  sing N N 61  
DC  N1    C2     sing N N 62  
DC  N1    C6     sing N N 63  
DC  C2    O2     doub N N 64  
DC  C2    N3     sing N N 65  
DC  N3    C4     doub N N 66  
DC  C4    N4     sing N N 67  
DC  C4    C5     sing N N 68  
DC  N4    H41    sing N N 69  
DC  N4    H42    sing N N 70  
DC  C5    C6     doub N N 71  
DC  C5    H5     sing N N 72  
DC  C6    H6     sing N N 73  
DG  OP3   P      sing N N 74  
DG  OP3   HOP3   sing N N 75  
DG  P     OP1    doub N N 76  
DG  P     OP2    sing N N 77  
DG  P     "O5'"  sing N N 78  
DG  OP2   HOP2   sing N N 79  
DG  "O5'" "C5'"  sing N N 80  
DG  "C5'" "C4'"  sing N N 81  
DG  "C5'" "H5'"  sing N N 82  
DG  "C5'" "H5''" sing N N 83  
DG  "C4'" "O4'"  sing N N 84  
DG  "C4'" "C3'"  sing N N 85  
DG  "C4'" "H4'"  sing N N 86  
DG  "O4'" "C1'"  sing N N 87  
DG  "C3'" "O3'"  sing N N 88  
DG  "C3'" "C2'"  sing N N 89  
DG  "C3'" "H3'"  sing N N 90  
DG  "O3'" "HO3'" sing N N 91  
DG  "C2'" "C1'"  sing N N 92  
DG  "C2'" "H2'"  sing N N 93  
DG  "C2'" "H2''" sing N N 94  
DG  "C1'" N9     sing N N 95  
DG  "C1'" "H1'"  sing N N 96  
DG  N9    C8     sing Y N 97  
DG  N9    C4     sing Y N 98  
DG  C8    N7     doub Y N 99  
DG  C8    H8     sing N N 100 
DG  N7    C5     sing Y N 101 
DG  C5    C6     sing N N 102 
DG  C5    C4     doub Y N 103 
DG  C6    O6     doub N N 104 
DG  C6    N1     sing N N 105 
DG  N1    C2     sing N N 106 
DG  N1    H1     sing N N 107 
DG  C2    N2     sing N N 108 
DG  C2    N3     doub N N 109 
DG  N2    H21    sing N N 110 
DG  N2    H22    sing N N 111 
DG  N3    C4     sing N N 112 
DT  OP3   P      sing N N 113 
DT  OP3   HOP3   sing N N 114 
DT  P     OP1    doub N N 115 
DT  P     OP2    sing N N 116 
DT  P     "O5'"  sing N N 117 
DT  OP2   HOP2   sing N N 118 
DT  "O5'" "C5'"  sing N N 119 
DT  "C5'" "C4'"  sing N N 120 
DT  "C5'" "H5'"  sing N N 121 
DT  "C5'" "H5''" sing N N 122 
DT  "C4'" "O4'"  sing N N 123 
DT  "C4'" "C3'"  sing N N 124 
DT  "C4'" "H4'"  sing N N 125 
DT  "O4'" "C1'"  sing N N 126 
DT  "C3'" "O3'"  sing N N 127 
DT  "C3'" "C2'"  sing N N 128 
DT  "C3'" "H3'"  sing N N 129 
DT  "O3'" "HO3'" sing N N 130 
DT  "C2'" "C1'"  sing N N 131 
DT  "C2'" "H2'"  sing N N 132 
DT  "C2'" "H2''" sing N N 133 
DT  "C1'" N1     sing N N 134 
DT  "C1'" "H1'"  sing N N 135 
DT  N1    C2     sing N N 136 
DT  N1    C6     sing N N 137 
DT  C2    O2     doub N N 138 
DT  C2    N3     sing N N 139 
DT  N3    C4     sing N N 140 
DT  N3    H3     sing N N 141 
DT  C4    O4     doub N N 142 
DT  C4    C5     sing N N 143 
DT  C5    C7     sing N N 144 
DT  C5    C6     doub N N 145 
DT  C7    H71    sing N N 146 
DT  C7    H72    sing N N 147 
DT  C7    H73    sing N N 148 
DT  C6    H6     sing N N 149 
HOH O     H1     sing N N 150 
HOH O     H2     sing N N 151 
V7F C11   C25    doub Y N 152 
V7F C11   C31    sing Y N 153 
V7F C11   C01    sing Y N 154 
V7F C12   C21    doub Y N 155 
V7F C12   N03    sing Y N 156 
V7F C13   C06    doub Y N 157 
V7F C13   C10    sing Y N 158 
V7F C13   C27    sing Y N 159 
V7F C14   C26    doub Y N 160 
V7F C14   C07    sing Y N 161 
V7F C14   C09    sing Y N 162 
V7F C15   C19    doub Y N 163 
V7F C15   C06    sing Y N 164 
V7F C16   C30    doub Y N 165 
V7F C16   C02    sing Y N 166 
V7F C16   C09    sing Y N 167 
V7F C17   C29    sing Y N 168 
V7F C17   C33    doub Y N 169 
V7F C17   C08    sing Y N 170 
V7F C18   C35    sing Y N 171 
V7F C18   C02    doub Y N 172 
V7F C19   N01    sing Y N 173 
V7F C20   C05    doub Y N 174 
V7F C20   N06    sing Y N 175 
V7F C21   C25    sing Y N 176 
V7F C22   C34    doub Y N 177 
V7F C22   N05    sing Y N 178 
V7F C23   C24    doub Y N 179 
V7F C23   C04    sing Y N 180 
V7F C23   C28    sing Y N 181 
V7F C24   C05    sing Y N 182 
V7F C26   C32    sing Y N 183 
V7F C29   C31    doub Y N 184 
V7F C30   C37    sing Y N 185 
V7F C32   C38    doub Y N 186 
V7F C33   C34    sing Y N 187 
V7F C35   C37    doub Y N 188 
V7F C36   C38    sing Y N 189 
V7F C36   C09    doub Y N 190 
V7F C01   C08    sing Y N 191 
V7F C01   N03    doub Y N 192 
V7F C02   C03    sing Y N 193 
V7F C03   C07    doub Y N 194 
V7F C03   N04    sing N N 195 
V7F C04   C10    sing Y N 196 
V7F C04   N06    doub Y N 197 
V7F C07   N02    sing N N 198 
V7F C08   N05    doub Y N 199 
V7F C10   N01    doub Y N 200 
V7F C27   C28    doub Y N 201 
V7F N01   RU01   sing N N 202 
V7F N02   RU01   sing N N 203 
V7F N03   RU01   sing N N 204 
V7F N04   RU01   sing N N 205 
V7F N05   RU01   sing N N 206 
V7F N06   RU01   sing N N 207 
V7F C12   H03    sing N N 208 
V7F C15   H04    sing N N 209 
V7F C18   H05    sing N N 210 
V7F C19   H06    sing N N 211 
V7F C20   H07    sing N N 212 
V7F C21   H08    sing N N 213 
V7F C22   H09    sing N N 214 
V7F C24   H10    sing N N 215 
V7F C25   H11    sing N N 216 
V7F C26   H25    sing N N 217 
V7F C29   H14    sing N N 218 
V7F C30   H15    sing N N 219 
V7F C31   H16    sing N N 220 
V7F C32   H17    sing N N 221 
V7F C33   H18    sing N N 222 
V7F C34   H19    sing N N 223 
V7F C35   H20    sing N N 224 
V7F C36   H21    sing N N 225 
V7F C37   H22    sing N N 226 
V7F C38   H23    sing N N 227 
V7F C05   H01    sing N N 228 
V7F C06   H02    sing N N 229 
V7F C27   H12    sing N N 230 
V7F C28   H13    sing N N 231 
V7F N02   H26    sing N N 232 
V7F N04   H24    sing N N 233 
# 
loop_
_ndb_struct_conf_na.entry_id 
_ndb_struct_conf_na.feature 
8OYR 'double helix'        
8OYR 'b-form double helix' 
# 
loop_
_ndb_struct_na_base_pair.model_number 
_ndb_struct_na_base_pair.i_label_asym_id 
_ndb_struct_na_base_pair.i_label_comp_id 
_ndb_struct_na_base_pair.i_label_seq_id 
_ndb_struct_na_base_pair.i_symmetry 
_ndb_struct_na_base_pair.j_label_asym_id 
_ndb_struct_na_base_pair.j_label_comp_id 
_ndb_struct_na_base_pair.j_label_seq_id 
_ndb_struct_na_base_pair.j_symmetry 
_ndb_struct_na_base_pair.shear 
_ndb_struct_na_base_pair.stretch 
_ndb_struct_na_base_pair.stagger 
_ndb_struct_na_base_pair.buckle 
_ndb_struct_na_base_pair.propeller 
_ndb_struct_na_base_pair.opening 
_ndb_struct_na_base_pair.pair_number 
_ndb_struct_na_base_pair.pair_name 
_ndb_struct_na_base_pair.i_auth_asym_id 
_ndb_struct_na_base_pair.i_auth_seq_id 
_ndb_struct_na_base_pair.i_PDB_ins_code 
_ndb_struct_na_base_pair.j_auth_asym_id 
_ndb_struct_na_base_pair.j_auth_seq_id 
_ndb_struct_na_base_pair.j_PDB_ins_code 
_ndb_struct_na_base_pair.hbond_type_28 
_ndb_struct_na_base_pair.hbond_type_12 
1 A DC 2 1_555 A DG 9 8_556 0.075  0.230  -0.010 -19.547 5.451  0.945  1 A_DC2:DG9_A A 2 ? A 9 ? 19 1 
1 A DG 3 1_555 A DC 8 8_556 -0.529 -0.360 -0.879 8.533   -6.227 -7.237 2 A_DG3:DC8_A A 3 ? A 8 ? 19 1 
1 A DG 4 1_555 A DC 7 8_556 -0.768 -0.159 -0.115 -8.737  0.180  8.599  3 A_DG4:DC7_A A 4 ? A 7 ? 19 1 
1 A DT 5 1_555 A DA 6 8_556 -0.222 -0.121 0.021  11.911  -8.526 -0.134 4 A_DT5:DA6_A A 5 ? A 6 ? 20 1 
1 A DA 6 1_555 A DT 5 8_556 0.222  -0.121 0.021  -11.911 -8.526 -0.134 5 A_DA6:DT5_A A 6 ? A 5 ? 20 1 
1 A DC 7 1_555 A DG 4 8_556 0.768  -0.159 -0.115 8.737   0.180  8.599  6 A_DC7:DG4_A A 7 ? A 4 ? 19 1 
1 A DC 8 1_555 A DG 3 8_556 0.529  -0.360 -0.879 -8.533  -6.227 -7.237 7 A_DC8:DG3_A A 8 ? A 3 ? 19 1 
1 A DG 9 1_555 A DC 2 8_556 -0.075 0.230  -0.010 19.547  5.451  0.945  8 A_DG9:DC2_A A 9 ? A 2 ? 19 1 
# 
loop_
_ndb_struct_na_base_pair_step.model_number 
_ndb_struct_na_base_pair_step.i_label_asym_id_1 
_ndb_struct_na_base_pair_step.i_label_comp_id_1 
_ndb_struct_na_base_pair_step.i_label_seq_id_1 
_ndb_struct_na_base_pair_step.i_symmetry_1 
_ndb_struct_na_base_pair_step.j_label_asym_id_1 
_ndb_struct_na_base_pair_step.j_label_comp_id_1 
_ndb_struct_na_base_pair_step.j_label_seq_id_1 
_ndb_struct_na_base_pair_step.j_symmetry_1 
_ndb_struct_na_base_pair_step.i_label_asym_id_2 
_ndb_struct_na_base_pair_step.i_label_comp_id_2 
_ndb_struct_na_base_pair_step.i_label_seq_id_2 
_ndb_struct_na_base_pair_step.i_symmetry_2 
_ndb_struct_na_base_pair_step.j_label_asym_id_2 
_ndb_struct_na_base_pair_step.j_label_comp_id_2 
_ndb_struct_na_base_pair_step.j_label_seq_id_2 
_ndb_struct_na_base_pair_step.j_symmetry_2 
_ndb_struct_na_base_pair_step.shift 
_ndb_struct_na_base_pair_step.slide 
_ndb_struct_na_base_pair_step.rise 
_ndb_struct_na_base_pair_step.tilt 
_ndb_struct_na_base_pair_step.roll 
_ndb_struct_na_base_pair_step.twist 
_ndb_struct_na_base_pair_step.x_displacement 
_ndb_struct_na_base_pair_step.y_displacement 
_ndb_struct_na_base_pair_step.helical_rise 
_ndb_struct_na_base_pair_step.inclination 
_ndb_struct_na_base_pair_step.tip 
_ndb_struct_na_base_pair_step.helical_twist 
_ndb_struct_na_base_pair_step.step_number 
_ndb_struct_na_base_pair_step.step_name 
_ndb_struct_na_base_pair_step.i_auth_asym_id_1 
_ndb_struct_na_base_pair_step.i_auth_seq_id_1 
_ndb_struct_na_base_pair_step.i_PDB_ins_code_1 
_ndb_struct_na_base_pair_step.j_auth_asym_id_1 
_ndb_struct_na_base_pair_step.j_auth_seq_id_1 
_ndb_struct_na_base_pair_step.j_PDB_ins_code_1 
_ndb_struct_na_base_pair_step.i_auth_asym_id_2 
_ndb_struct_na_base_pair_step.i_auth_seq_id_2 
_ndb_struct_na_base_pair_step.i_PDB_ins_code_2 
_ndb_struct_na_base_pair_step.j_auth_asym_id_2 
_ndb_struct_na_base_pair_step.j_auth_seq_id_2 
_ndb_struct_na_base_pair_step.j_PDB_ins_code_2 
1 A DC 2 1_555 A DG 9 8_556 A DG 3 1_555 A DC 8 8_556 -0.043 1.741 2.792 7.150   13.254  11.480 -2.219 4.185  2.899 46.546  
-25.108 18.916 1 AA_DC2DG3:DC8DG9_AA A 2 ? A 9 ? A 3 ? A 8 ? 
1 A DG 3 1_555 A DC 8 8_556 A DG 4 1_555 A DC 7 8_556 -0.383 1.099 6.914 -14.646 3.045   21.514 0.624  -7.836 6.042 7.150   34.388 
26.154 2 AA_DG3DG4:DC7DC8_AA A 3 ? A 8 ? A 4 ? A 7 ? 
1 A DG 4 1_555 A DC 7 8_556 A DT 5 1_555 A DA 6 8_556 -1.349 0.103 2.989 -2.378  -12.151 35.939 1.595  1.794  2.886 -19.011 3.720 
37.946 3 AA_DG4DT5:DA6DC7_AA A 4 ? A 7 ? A 5 ? A 6 ? 
1 A DT 5 1_555 A DA 6 8_556 A DA 6 1_555 A DT 5 8_556 0.000  0.545 7.042 0.000   -7.302  32.629 3.530  0.000  6.765 -12.797 0.000 
33.415 4 AA_DT5DA6:DT5DA6_AA A 5 ? A 6 ? A 6 ? A 5 ? 
1 A DA 6 1_555 A DT 5 8_556 A DC 7 1_555 A DG 4 8_556 1.349  0.103 2.989 2.378   -12.151 35.939 1.595  -1.794 2.886 -19.011 -3.720 
37.946 5 AA_DA6DC7:DG4DT5_AA A 6 ? A 5 ? A 7 ? A 4 ? 
1 A DC 7 1_555 A DG 4 8_556 A DC 8 1_555 A DG 3 8_556 0.383  1.099 6.914 14.646  3.045   21.514 0.624  7.836  6.042 7.150   
-34.388 26.154 6 AA_DC7DC8:DG3DG4_AA A 7 ? A 4 ? A 8 ? A 3 ? 
1 A DC 8 1_555 A DG 3 8_556 A DG 9 1_555 A DC 2 8_556 0.043  1.741 2.792 -7.150  13.254  11.480 -2.219 -4.185 2.899 46.546  25.108 
18.916 7 AA_DC8DG9:DC2DG3_AA A 8 ? A 3 ? A 9 ? A 2 ? 
# 
_pdbx_audit_support.funding_organization   'H2020 Marie Curie Actions of the European Commission' 
_pdbx_audit_support.country                'European Union' 
_pdbx_audit_support.grant_number           861381 
_pdbx_audit_support.ordinal                1 
# 
_atom_sites.entry_id                    8OYR 
_atom_sites.Cartn_transf_matrix[1][1]   ? 
_atom_sites.Cartn_transf_matrix[1][2]   ? 
_atom_sites.Cartn_transf_matrix[1][3]   ? 
_atom_sites.Cartn_transf_matrix[2][1]   ? 
_atom_sites.Cartn_transf_matrix[2][2]   ? 
_atom_sites.Cartn_transf_matrix[2][3]   ? 
_atom_sites.Cartn_transf_matrix[3][1]   ? 
_atom_sites.Cartn_transf_matrix[3][2]   ? 
_atom_sites.Cartn_transf_matrix[3][3]   ? 
_atom_sites.Cartn_transf_vector[1]      ? 
_atom_sites.Cartn_transf_vector[2]      ? 
_atom_sites.Cartn_transf_vector[3]      ? 
_atom_sites.fract_transf_matrix[1][1]   0.00760187 
_atom_sites.fract_transf_matrix[1][2]   -0.01564040 
_atom_sites.fract_transf_matrix[1][3]   0.00234234 
_atom_sites.fract_transf_matrix[2][1]   0.00009073 
_atom_sites.fract_transf_matrix[2][2]   -0.00255572 
_atom_sites.fract_transf_matrix[2][3]   -0.01735964 
_atom_sites.fract_transf_matrix[3][1]   0.02917498 
_atom_sites.fract_transf_matrix[3][2]   0.01389666 
_atom_sites.fract_transf_matrix[3][3]   -0.00189340 
_atom_sites.fract_transf_vector[1]      0.173003 
_atom_sites.fract_transf_vector[2]      -0.220857 
_atom_sites.fract_transf_vector[3]      0.638688 
_atom_sites.solution_primary            ? 
_atom_sites.solution_secondary          ? 
_atom_sites.solution_hydrogens          ? 
_atom_sites.special_details             ? 
# 
loop_
_atom_type.symbol 
C  
H  
K  
N  
O  
P  
RU 
SR 
# 
loop_
_atom_site.group_PDB 
_atom_site.id 
_atom_site.type_symbol 
_atom_site.label_atom_id 
_atom_site.label_alt_id 
_atom_site.label_comp_id 
_atom_site.label_asym_id 
_atom_site.label_entity_id 
_atom_site.label_seq_id 
_atom_site.pdbx_PDB_ins_code 
_atom_site.Cartn_x 
_atom_site.Cartn_y 
_atom_site.Cartn_z 
_atom_site.occupancy 
_atom_site.B_iso_or_equiv 
_atom_site.pdbx_formal_charge 
_atom_site.auth_seq_id 
_atom_site.auth_comp_id 
_atom_site.auth_asym_id 
_atom_site.auth_atom_id 
_atom_site.pdbx_PDB_model_num 
ATOM   1   O  "O5'"  . DC  A 1 1  ? 1.897   19.131  -1.073  1.00 115.46 ? 1   DC  A "O5'"  1 
ATOM   2   C  "C5'"  . DC  A 1 1  ? 1.616   19.737  0.213   1.00 129.94 ? 1   DC  A "C5'"  1 
ATOM   3   C  "C4'"  . DC  A 1 1  ? 2.779   19.601  1.175   1.00 130.90 ? 1   DC  A "C4'"  1 
ATOM   4   O  "O4'"  . DC  A 1 1  ? 4.013   20.107  0.600   1.00 140.83 ? 1   DC  A "O4'"  1 
ATOM   5   C  "C3'"  . DC  A 1 1  ? 2.602   20.347  2.505   1.00 119.55 ? 1   DC  A "C3'"  1 
ATOM   6   O  "O3'"  . DC  A 1 1  ? 3.180   19.643  3.616   1.00 104.66 ? 1   DC  A "O3'"  1 
ATOM   7   C  "C2'"  . DC  A 1 1  ? 3.380   21.636  2.294   1.00 101.43 ? 1   DC  A "C2'"  1 
ATOM   8   C  "C1'"  . DC  A 1 1  ? 4.509   21.205  1.365   1.00 116.13 ? 1   DC  A "C1'"  1 
ATOM   9   N  N1     . DC  A 1 1  ? 4.985   22.241  0.426   1.00 104.23 ? 1   DC  A N1     1 
ATOM   10  C  C2     . DC  A 1 1  ? 4.074   22.837  -0.463  1.00 119.39 ? 1   DC  A C2     1 
ATOM   11  O  O2     . DC  A 1 1  ? 2.886   22.483  -0.434  1.00 130.42 ? 1   DC  A O2     1 
ATOM   12  N  N3     . DC  A 1 1  ? 4.513   23.783  -1.323  1.00 107.55 ? 1   DC  A N3     1 
ATOM   13  C  C4     . DC  A 1 1  ? 5.798   24.137  -1.326  1.00 106.50 ? 1   DC  A C4     1 
ATOM   14  N  N4     . DC  A 1 1  ? 6.192   25.072  -2.196  1.00 131.78 ? 1   DC  A N4     1 
ATOM   15  C  C5     . DC  A 1 1  ? 6.743   23.544  -0.441  1.00 115.67 ? 1   DC  A C5     1 
ATOM   16  C  C6     . DC  A 1 1  ? 6.299   22.613  0.413   1.00 100.73 ? 1   DC  A C6     1 
ATOM   17  H  "H5'"  . DC  A 1 1  ? 0.742   19.245  0.648   1.00 155.92 ? 1   DC  A "H5'"  1 
ATOM   18  H  "H5''" . DC  A 1 1  ? 1.358   20.788  0.080   1.00 155.92 ? 1   DC  A "H5''" 1 
ATOM   19  H  "H4'"  . DC  A 1 1  ? 2.910   18.534  1.400   1.00 157.07 ? 1   DC  A "H4'"  1 
ATOM   20  H  "H3'"  . DC  A 1 1  ? 1.543   20.583  2.665   1.00 143.45 ? 1   DC  A "H3'"  1 
ATOM   21  H  "H2'"  . DC  A 1 1  ? 2.743   22.409  1.866   1.00 121.71 ? 1   DC  A "H2'"  1 
ATOM   22  H  "H2''" . DC  A 1 1  ? 3.784   21.996  3.243   1.00 121.71 ? 1   DC  A "H2''" 1 
ATOM   23  H  "H1'"  . DC  A 1 1  ? 5.341   20.880  1.998   1.00 139.35 ? 1   DC  A "H1'"  1 
ATOM   24  H  H41    . DC  A 1 1  ? 5.520   25.491  -2.823  1.00 158.13 ? 1   DC  A H41    1 
ATOM   25  H  H42    . DC  A 1 1  ? 7.158   25.364  -2.226  1.00 158.13 ? 1   DC  A H42    1 
ATOM   26  H  H5     . DC  A 1 1  ? 7.760   23.859  -0.481  1.00 138.80 ? 1   DC  A H5     1 
ATOM   27  H  H6     . DC  A 1 1  ? 6.993   22.149  1.091   1.00 120.87 ? 1   DC  A H6     1 
ATOM   28  H  "HO5'" . DC  A 1 1  ? 2.787   18.758  -1.254  1.00 138.55 ? 1   DC  A "HO5'" 1 
ATOM   29  P  P      . DC  A 1 2  ? 2.250   18.966  4.785   1.00 102.26 ? 2   DC  A P      1 
ATOM   30  O  OP1    . DC  A 1 2  ? 0.810   19.338  4.574   1.00 83.95  ? 2   DC  A OP1    1 
ATOM   31  O  OP2    . DC  A 1 2  ? 2.953   19.194  6.154   1.00 85.10  ? 2   DC  A OP2    1 
ATOM   32  O  "O5'"  . DC  A 1 2  ? 2.285   17.438  4.351   1.00 96.18  ? 2   DC  A "O5'"  1 
ATOM   33  C  "C5'"  . DC  A 1 2  ? 1.358   16.869  3.413   1.00 90.44  ? 2   DC  A "C5'"  1 
ATOM   34  C  "C4'"  . DC  A 1 2  ? 1.928   15.554  2.931   1.00 104.64 ? 2   DC  A "C4'"  1 
ATOM   35  O  "O4'"  . DC  A 1 2  ? 2.144   14.683  4.066   1.00 107.74 ? 2   DC  A "O4'"  1 
ATOM   36  C  "C3'"  . DC  A 1 2  ? 1.046   14.782  1.962   1.00 104.93 ? 2   DC  A "C3'"  1 
ATOM   37  O  "O3'"  . DC  A 1 2  ? 1.357   15.258  0.635   1.00 98.45  ? 2   DC  A "O3'"  1 
ATOM   38  C  "C2'"  . DC  A 1 2  ? 1.354   13.328  2.298   1.00 110.61 ? 2   DC  A "C2'"  1 
ATOM   39  C  "C1'"  . DC  A 1 2  ? 1.886   13.336  3.732   1.00 101.80 ? 2   DC  A "C1'"  1 
ATOM   40  N  N1     . DC  A 1 2  ? 0.961   12.807  4.732   1.00 88.27  ? 2   DC  A N1     1 
ATOM   41  C  C2     . DC  A 1 2  ? 1.399   11.829  5.635   1.00 87.34  ? 2   DC  A C2     1 
ATOM   42  O  O2     . DC  A 1 2  ? 2.558   11.400  5.541   1.00 103.44 ? 2   DC  A O2     1 
ATOM   43  N  N3     . DC  A 1 2  ? 0.542   11.369  6.571   1.00 95.87  ? 2   DC  A N3     1 
ATOM   44  C  C4     . DC  A 1 2  ? -0.706  11.840  6.624   1.00 101.82 ? 2   DC  A C4     1 
ATOM   45  N  N4     . DC  A 1 2  ? -1.530  11.337  7.548   1.00 109.43 ? 2   DC  A N4     1 
ATOM   46  C  C5     . DC  A 1 2  ? -1.172  12.839  5.726   1.00 102.54 ? 2   DC  A C5     1 
ATOM   47  C  C6     . DC  A 1 2  ? -0.309  13.301  4.813   1.00 103.81 ? 2   DC  A C6     1 
ATOM   48  H  "H5'"  . DC  A 1 2  ? 1.210   17.546  2.569   1.00 108.53 ? 2   DC  A "H5'"  1 
ATOM   49  H  "H5''" . DC  A 1 2  ? 0.390   16.703  3.891   1.00 108.53 ? 2   DC  A "H5''" 1 
ATOM   50  H  "H4'"  . DC  A 1 2  ? 2.891   15.756  2.439   1.00 125.57 ? 2   DC  A "H4'"  1 
ATOM   51  H  "H3'"  . DC  A 1 2  ? -0.009  14.991  2.191   1.00 125.90 ? 2   DC  A "H3'"  1 
ATOM   52  H  "H2'"  . DC  A 1 2  ? 0.460   12.708  2.212   1.00 132.72 ? 2   DC  A "H2'"  1 
ATOM   53  H  "H2''" . DC  A 1 2  ? 2.130   12.930  1.650   1.00 132.72 ? 2   DC  A "H2''" 1 
ATOM   54  H  "H1'"  . DC  A 1 2  ? 2.817   12.768  3.739   1.00 122.16 ? 2   DC  A "H1'"  1 
ATOM   55  H  H41    . DC  A 1 2  ? -1.199  10.629  8.185   1.00 131.31 ? 2   DC  A H41    1 
ATOM   56  H  H42    . DC  A 1 2  ? -2.473  11.683  7.622   1.00 131.31 ? 2   DC  A H42    1 
ATOM   57  H  H5     . DC  A 1 2  ? -2.185  13.222  5.784   1.00 123.04 ? 2   DC  A H5     1 
ATOM   58  H  H6     . DC  A 1 2  ? -0.638  14.064  4.121   1.00 124.57 ? 2   DC  A H6     1 
ATOM   59  P  P      . DG  A 1 3  ? 1.259   14.305  -0.666  1.00 107.20 ? 3   DG  A P      1 
ATOM   60  O  OP1    . DG  A 1 3  ? 1.389   15.169  -1.860  1.00 83.83  ? 3   DG  A OP1    1 
ATOM   61  O  OP2    . DG  A 1 3  ? 0.067   13.422  -0.530  1.00 105.25 ? 3   DG  A OP2    1 
ATOM   62  O  "O5'"  . DG  A 1 3  ? 2.554   13.384  -0.517  1.00 101.55 ? 3   DG  A "O5'"  1 
ATOM   63  C  "C5'"  . DG  A 1 3  ? 2.906   12.392  -1.502  1.00 119.04 ? 3   DG  A "C5'"  1 
ATOM   64  C  "C4'"  . DG  A 1 3  ? 2.649   10.969  -1.045  1.00 97.86  ? 3   DG  A "C4'"  1 
ATOM   65  O  "O4'"  . DG  A 1 3  ? 2.104   10.846  0.296   1.00 115.20 ? 3   DG  A "O4'"  1 
ATOM   66  C  "C3'"  . DG  A 1 3  ? 1.688   10.200  -1.955  1.00 93.93  ? 3   DG  A "C3'"  1 
ATOM   67  O  "O3'"  . DG  A 1 3  ? 2.337   9.020   -2.399  1.00 86.11  ? 3   DG  A "O3'"  1 
ATOM   68  C  "C2'"  . DG  A 1 3  ? 0.533   9.828   -1.048  1.00 116.34 ? 3   DG  A "C2'"  1 
ATOM   69  C  "C1'"  . DG  A 1 3  ? 1.238   9.733   0.280   1.00 103.16 ? 3   DG  A "C1'"  1 
ATOM   70  N  N9     . DG  A 1 3  ? 0.340   9.806   1.424   1.00 98.91  ? 3   DG  A N9     1 
ATOM   71  C  C8     . DG  A 1 3  ? -0.947  10.291  1.431   1.00 100.91 ? 3   DG  A C8     1 
ATOM   72  N  N7     . DG  A 1 3  ? -1.543  10.153  2.584   1.00 96.16  ? 3   DG  A N7     1 
ATOM   73  C  C5     . DG  A 1 3  ? -0.603  9.512   3.380   1.00 95.67  ? 3   DG  A C5     1 
ATOM   74  C  C6     . DG  A 1 3  ? -0.680  9.095   4.735   1.00 88.57  ? 3   DG  A C6     1 
ATOM   75  O  O6     . DG  A 1 3  ? -1.625  9.211   5.526   1.00 106.26 ? 3   DG  A O6     1 
ATOM   76  N  N1     . DG  A 1 3  ? 0.502   8.490   5.152   1.00 106.09 ? 3   DG  A N1     1 
ATOM   77  C  C2     . DG  A 1 3  ? 1.608   8.287   4.362   1.00 121.63 ? 3   DG  A C2     1 
ATOM   78  N  N2     . DG  A 1 3  ? 2.649   7.669   4.952   1.00 119.57 ? 3   DG  A N2     1 
ATOM   79  N  N3     . DG  A 1 3  ? 1.689   8.664   3.091   1.00 111.76 ? 3   DG  A N3     1 
ATOM   80  C  C4     . DG  A 1 3  ? 0.556   9.270   2.673   1.00 96.49  ? 3   DG  A C4     1 
ATOM   81  H  "H5'"  . DG  A 1 3  ? 3.969   12.494  -1.733  1.00 142.84 ? 3   DG  A "H5'"  1 
ATOM   82  H  "H5''" . DG  A 1 3  ? 2.357   12.597  -2.423  1.00 142.84 ? 3   DG  A "H5''" 1 
ATOM   83  H  "H4'"  . DG  A 1 3  ? 3.616   10.448  -1.056  1.00 117.42 ? 3   DG  A "H4'"  1 
ATOM   84  H  "H3'"  . DG  A 1 3  ? 1.332   10.817  -2.792  1.00 112.70 ? 3   DG  A "H3'"  1 
ATOM   85  H  "H2'"  . DG  A 1 3  ? -0.221  10.615  -1.070  1.00 139.60 ? 3   DG  A "H2'"  1 
ATOM   86  H  "H2''" . DG  A 1 3  ? 0.089   8.873   -1.337  1.00 139.60 ? 3   DG  A "H2''" 1 
ATOM   87  H  "H1'"  . DG  A 1 3  ? 1.820   8.799   0.313   1.00 123.78 ? 3   DG  A "H1'"  1 
ATOM   88  H  H8     . DG  A 1 3  ? -1.430  10.761  0.582   1.00 121.08 ? 3   DG  A H8     1 
ATOM   89  H  H1     . DG  A 1 3  ? 0.534   8.151   6.132   1.00 127.29 ? 3   DG  A H1     1 
ATOM   90  H  H21    . DG  A 1 3  ? 2.586   7.382   5.916   1.00 143.47 ? 3   DG  A H21    1 
ATOM   91  H  H22    . DG  A 1 3  ? 3.492   7.500   4.429   1.00 143.47 ? 3   DG  A H22    1 
ATOM   92  P  P      . DG  A 1 4  ? 3.195   9.079   -3.700  1.00 103.59 ? 4   DG  A P      1 
ATOM   93  O  OP1    . DG  A 1 4  ? 4.361   9.962   -3.444  1.00 93.55  ? 4   DG  A OP1    1 
ATOM   94  O  OP2    . DG  A 1 4  ? 2.265   9.367   -4.820  1.00 115.87 ? 4   DG  A OP2    1 
ATOM   95  O  "O5'"  . DG  A 1 4  ? 3.781   7.607   -3.788  1.00 84.81  ? 4   DG  A "O5'"  1 
ATOM   96  C  "C5'"  . DG  A 1 4  ? 2.874   6.505   -3.771  1.00 98.33  ? 4   DG  A "C5'"  1 
ATOM   97  C  "C4'"  . DG  A 1 4  ? 3.469   5.342   -3.015  1.00 99.15  ? 4   DG  A "C4'"  1 
ATOM   98  O  "O4'"  . DG  A 1 4  ? 2.610   5.075   -1.884  1.00 95.41  ? 4   DG  A "O4'"  1 
ATOM   99  C  "C3'"  . DG  A 1 4  ? 3.432   4.050   -3.827  1.00 109.55 ? 4   DG  A "C3'"  1 
ATOM   100 O  "O3'"  . DG  A 1 4  ? 4.311   3.066   -3.260  1.00 103.38 ? 4   DG  A "O3'"  1 
ATOM   101 C  "C2'"  . DG  A 1 4  ? 1.971   3.672   -3.690  1.00 124.34 ? 4   DG  A "C2'"  1 
ATOM   102 C  "C1'"  . DG  A 1 4  ? 1.758   3.983   -2.212  1.00 105.68 ? 4   DG  A "C1'"  1 
ATOM   103 N  N9     . DG  A 1 4  ? 0.412   4.314   -1.768  1.00 102.48 ? 4   DG  A N9     1 
ATOM   104 C  C8     . DG  A 1 4  ? -0.447  5.292   -2.216  1.00 109.17 ? 4   DG  A C8     1 
ATOM   105 N  N7     . DG  A 1 4  ? -1.567  5.338   -1.544  1.00 99.46  ? 4   DG  A N7     1 
ATOM   106 C  C5     . DG  A 1 4  ? -1.434  4.332   -0.591  1.00 103.43 ? 4   DG  A C5     1 
ATOM   107 C  C6     . DG  A 1 4  ? -2.322  3.906   0.432   1.00 112.05 ? 4   DG  A C6     1 
ATOM   108 O  O6     . DG  A 1 4  ? -3.449  4.338   0.708   1.00 93.66  ? 4   DG  A O6     1 
ATOM   109 N  N1     . DG  A 1 4  ? -1.775  2.866   1.181   1.00 112.68 ? 4   DG  A N1     1 
ATOM   110 C  C2     . DG  A 1 4  ? -0.533  2.307   0.976   1.00 103.55 ? 4   DG  A C2     1 
ATOM   111 N  N2     . DG  A 1 4  ? -0.180  1.309   1.798   1.00 110.27 ? 4   DG  A N2     1 
ATOM   112 N  N3     . DG  A 1 4  ? 0.302   2.700   0.032   1.00 94.27  ? 4   DG  A N3     1 
ATOM   113 C  C4     . DG  A 1 4  ? -0.208  3.704   -0.712  1.00 93.35  ? 4   DG  A C4     1 
ATOM   114 H  "H5'"  . DG  A 1 4  ? 2.653   6.215   -4.798  1.00 117.99 ? 4   DG  A "H5'"  1 
ATOM   115 H  "H5''" . DG  A 1 4  ? 1.934   6.796   -3.306  1.00 117.99 ? 4   DG  A "H5''" 1 
ATOM   116 H  "H4'"  . DG  A 1 4  ? 4.496   5.567   -2.700  1.00 118.98 ? 4   DG  A "H4'"  1 
ATOM   117 H  "H3'"  . DG  A 1 4  ? 3.676   4.259   -4.878  1.00 131.45 ? 4   DG  A "H3'"  1 
ATOM   118 H  "H2'"  . DG  A 1 4  ? 1.326   4.274   -4.334  1.00 149.19 ? 4   DG  A "H2'"  1 
ATOM   119 H  "H2''" . DG  A 1 4  ? 1.842   2.616   -3.904  1.00 149.19 ? 4   DG  A "H2''" 1 
ATOM   120 H  "H1'"  . DG  A 1 4  ? 2.110   3.101   -1.656  1.00 126.81 ? 4   DG  A "H1'"  1 
ATOM   121 H  H8     . DG  A 1 4  ? -0.226  5.949   -3.047  1.00 130.99 ? 4   DG  A H8     1 
ATOM   122 H  H1     . DG  A 1 4  ? -2.359  2.485   1.950   1.00 135.21 ? 4   DG  A H1     1 
ATOM   123 H  H21    . DG  A 1 4  ? -0.797  0.990   2.525   1.00 132.32 ? 4   DG  A H21    1 
ATOM   124 H  H22    . DG  A 1 4  ? 0.725   0.875   1.682   1.00 132.32 ? 4   DG  A H22    1 
ATOM   125 P  P      . DT  A 1 5  ? 5.102   2.034   -4.222  1.00 121.57 ? 5   DT  A P      1 
ATOM   126 O  OP1    . DT  A 1 5  ? 6.533   2.452   -4.295  1.00 113.66 ? 5   DT  A OP1    1 
ATOM   127 O  OP2    . DT  A 1 5  ? 4.303   1.862   -5.467  1.00 123.65 ? 5   DT  A OP2    1 
ATOM   128 O  "O5'"  . DT  A 1 5  ? 5.135   0.685   -3.384  1.00 105.57 ? 5   DT  A "O5'"  1 
ATOM   129 C  "C5'"  . DT  A 1 5  ? 5.639   0.686   -2.045  1.00 110.12 ? 5   DT  A "C5'"  1 
ATOM   130 C  "C4'"  . DT  A 1 5  ? 4.884   -0.351  -1.254  1.00 100.00 ? 5   DT  A "C4'"  1 
ATOM   131 O  "O4'"  . DT  A 1 5  ? 3.520   0.097   -1.042  1.00 90.26  ? 5   DT  A "O4'"  1 
ATOM   132 C  "C3'"  . DT  A 1 5  ? 4.787   -1.687  -1.986  1.00 83.66  ? 5   DT  A "C3'"  1 
ATOM   133 O  "O3'"  . DT  A 1 5  ? 5.092   -2.762  -1.098  1.00 80.12  ? 5   DT  A "O3'"  1 
ATOM   134 C  "C2'"  . DT  A 1 5  ? 3.357   -1.701  -2.496  1.00 86.28  ? 5   DT  A "C2'"  1 
ATOM   135 C  "C1'"  . DT  A 1 5  ? 2.650   -0.972  -1.369  1.00 90.15  ? 5   DT  A "C1'"  1 
ATOM   136 N  N1     . DT  A 1 5  ? 1.299   -0.414  -1.635  1.00 88.68  ? 5   DT  A N1     1 
ATOM   137 C  C2     . DT  A 1 5  ? 0.330   -0.560  -0.659  1.00 93.32  ? 5   DT  A C2     1 
ATOM   138 O  O2     . DT  A 1 5  ? 0.522   -1.150  0.393   1.00 89.14  ? 5   DT  A O2     1 
ATOM   139 N  N3     . DT  A 1 5  ? -0.881  0.008   -0.969  1.00 98.59  ? 5   DT  A N3     1 
ATOM   140 C  C4     . DT  A 1 5  ? -1.219  0.683   -2.127  1.00 92.34  ? 5   DT  A C4     1 
ATOM   141 O  O4     . DT  A 1 5  ? -2.351  1.139   -2.260  1.00 107.97 ? 5   DT  A O4     1 
ATOM   142 C  C5     . DT  A 1 5  ? -0.163  0.784   -3.110  1.00 85.75  ? 5   DT  A C5     1 
ATOM   143 C  C7     . DT  A 1 5  ? -0.436  1.494   -4.399  1.00 96.21  ? 5   DT  A C7     1 
ATOM   144 C  C6     . DT  A 1 5  ? 1.029   0.242   -2.818  1.00 98.61  ? 5   DT  A C6     1 
ATOM   145 H  "H5'"  . DT  A 1 5  ? 5.511   1.668   -1.588  1.00 132.14 ? 5   DT  A "H5'"  1 
ATOM   146 H  "H5''" . DT  A 1 5  ? 6.703   0.446   -2.052  1.00 132.14 ? 5   DT  A "H5''" 1 
ATOM   147 H  "H4'"  . DT  A 1 5  ? 5.389   -0.500  -0.289  1.00 119.99 ? 5   DT  A "H4'"  1 
ATOM   148 H  "H3'"  . DT  A 1 5  ? 5.479   -1.699  -2.842  1.00 100.38 ? 5   DT  A "H3'"  1 
ATOM   149 H  "H2'"  . DT  A 1 5  ? 3.277   -1.181  -3.451  1.00 103.53 ? 5   DT  A "H2'"  1 
ATOM   150 H  "H2''" . DT  A 1 5  ? 2.981   -2.719  -2.596  1.00 103.53 ? 5   DT  A "H2''" 1 
ATOM   151 H  "H1'"  . DT  A 1 5  ? 2.611   -1.665  -0.518  1.00 108.17 ? 5   DT  A "H1'"  1 
ATOM   152 H  H3     . DT  A 1 5  ? -1.632  -0.088  -0.258  1.00 118.30 ? 5   DT  A H3     1 
ATOM   153 H  H71    . DT  A 1 5  ? -1.325  1.105   -4.818  1.00 115.45 ? 5   DT  A H71    1 
ATOM   154 H  H72    . DT  A 1 5  ? -0.540  2.528   -4.208  1.00 115.45 ? 5   DT  A H72    1 
ATOM   155 H  H73    . DT  A 1 5  ? 0.363   1.333   -5.074  1.00 115.45 ? 5   DT  A H73    1 
ATOM   156 H  H6     . DT  A 1 5  ? 1.818   0.337   -3.551  1.00 118.32 ? 5   DT  A H6     1 
ATOM   157 P  P      . DA  A 1 6  ? 5.596   -4.187  -1.686  1.00 106.24 ? 6   DA  A P      1 
ATOM   158 O  OP1    . DA  A 1 6  ? 7.078   -4.246  -1.607  1.00 138.35 ? 6   DA  A OP1    1 
ATOM   159 O  OP2    . DA  A 1 6  ? 4.950   -4.409  -2.989  1.00 104.17 ? 6   DA  A OP2    1 
ATOM   160 O  "O5'"  . DA  A 1 6  ? 4.966   -5.216  -0.648  1.00 98.99  ? 6   DA  A "O5'"  1 
ATOM   161 C  "C5'"  . DA  A 1 6  ? 3.660   -4.949  -0.090  1.00 106.82 ? 6   DA  A "C5'"  1 
ATOM   162 C  "C4'"  . DA  A 1 6  ? 2.823   -6.204  -0.012  1.00 93.75  ? 6   DA  A "C4'"  1 
ATOM   163 O  "O4'"  . DA  A 1 6  ? 1.552   -6.014  -0.678  1.00 115.10 ? 6   DA  A "O4'"  1 
ATOM   164 C  "C3'"  . DA  A 1 6  ? 3.441   -7.451  -0.647  1.00 87.95  ? 6   DA  A "C3'"  1 
ATOM   165 O  "O3'"  . DA  A 1 6  ? 3.178   -8.502  0.273   1.00 103.13 ? 6   DA  A "O3'"  1 
ATOM   166 C  "C2'"  . DA  A 1 6  ? 2.684   -7.597  -1.959  1.00 96.68  ? 6   DA  A "C2'"  1 
ATOM   167 C  "C1'"  . DA  A 1 6  ? 1.302   -7.110  -1.559  1.00 92.73  ? 6   DA  A "C1'"  1 
ATOM   168 N  N9     . DA  A 1 6  ? 0.405   -6.639  -2.625  1.00 99.29  ? 6   DA  A N9     1 
ATOM   169 C  C8     . DA  A 1 6  ? 0.726   -6.170  -3.875  1.00 99.44  ? 6   DA  A C8     1 
ATOM   170 N  N7     . DA  A 1 6  ? -0.311  -5.770  -4.571  1.00 92.54  ? 6   DA  A N7     1 
ATOM   171 C  C5     . DA  A 1 6  ? -1.388  -5.997  -3.725  1.00 81.00  ? 6   DA  A C5     1 
ATOM   172 C  C6     . DA  A 1 6  ? -2.770  -5.772  -3.869  1.00 94.36  ? 6   DA  A C6     1 
ATOM   173 N  N6     . DA  A 1 6  ? -3.329  -5.266  -4.973  1.00 109.63 ? 6   DA  A N6     1 
ATOM   174 N  N1     . DA  A 1 6  ? -3.571  -6.090  -2.828  1.00 102.27 ? 6   DA  A N1     1 
ATOM   175 C  C2     . DA  A 1 6  ? -3.009  -6.585  -1.717  1.00 102.80 ? 6   DA  A C2     1 
ATOM   176 N  N3     . DA  A 1 6  ? -1.726  -6.845  -1.462  1.00 96.87  ? 6   DA  A N3     1 
ATOM   177 C  C4     . DA  A 1 6  ? -0.960  -6.526  -2.520  1.00 78.80  ? 6   DA  A C4     1 
ATOM   178 H  "H5'"  . DA  A 1 6  ? 3.133   -4.216  -0.704  1.00 128.17 ? 6   DA  A "H5'"  1 
ATOM   179 H  "H5''" . DA  A 1 6  ? 3.773   -4.527  0.912   1.00 128.17 ? 6   DA  A "H5''" 1 
ATOM   180 H  "H4'"  . DA  A 1 6  ? 2.643   -6.417  1.050   1.00 112.49 ? 6   DA  A "H4'"  1 
ATOM   181 H  "H3'"  . DA  A 1 6  ? 4.518   -7.337  -0.828  1.00 105.53 ? 6   DA  A "H3'"  1 
ATOM   182 H  "H2'"  . DA  A 1 6  ? 3.133   -6.971  -2.735  1.00 116.01 ? 6   DA  A "H2'"  1 
ATOM   183 H  "H2''" . DA  A 1 6  ? 2.645   -8.633  -2.289  1.00 116.01 ? 6   DA  A "H2''" 1 
ATOM   184 H  "H1'"  . DA  A 1 6  ? 0.807   -7.913  -0.998  1.00 111.27 ? 6   DA  A "H1'"  1 
ATOM   185 H  H8     . DA  A 1 6  ? 1.739   -6.130  -4.257  1.00 119.31 ? 6   DA  A H8     1 
ATOM   186 H  H61    . DA  A 1 6  ? -2.751  -5.027  -5.767  1.00 131.55 ? 6   DA  A H61    1 
ATOM   187 H  H62    . DA  A 1 6  ? -4.330  -5.141  -5.024  1.00 131.55 ? 6   DA  A H62    1 
ATOM   188 H  H2     . DA  A 1 6  ? -3.699  -6.830  -0.917  1.00 123.35 ? 6   DA  A H2     1 
ATOM   189 P  P      . DC  A 1 7  ? 3.918   -9.892  0.126   1.00 112.43 ? 7   DC  A P      1 
ATOM   190 O  OP1    . DC  A 1 7  ? 4.838   -10.046 1.279   1.00 127.24 ? 7   DC  A OP1    1 
ATOM   191 O  OP2    . DC  A 1 7  ? 4.415   -9.997  -1.280  1.00 108.33 ? 7   DC  A OP2    1 
ATOM   192 O  "O5'"  . DC  A 1 7  ? 2.747   -10.946 0.343   1.00 116.83 ? 7   DC  A "O5'"  1 
ATOM   193 C  "C5'"  . DC  A 1 7  ? 1.906   -11.316 -0.762  1.00 112.70 ? 7   DC  A "C5'"  1 
ATOM   194 C  "C4'"  . DC  A 1 7  ? 0.474   -11.388 -0.300  1.00 107.47 ? 7   DC  A "C4'"  1 
ATOM   195 O  "O4'"  . DC  A 1 7  ? -0.242  -10.214 -0.729  1.00 128.87 ? 7   DC  A "O4'"  1 
ATOM   196 C  "C3'"  . DC  A 1 7  ? -0.298  -12.574 -0.858  1.00 114.99 ? 7   DC  A "C3'"  1 
ATOM   197 O  "O3'"  . DC  A 1 7  ? -0.232  -13.626 0.102   1.00 100.26 ? 7   DC  A "O3'"  1 
ATOM   198 C  "C2'"  . DC  A 1 7  ? -1.712  -12.050 -0.967  1.00 111.58 ? 7   DC  A "C2'"  1 
ATOM   199 C  "C1'"  . DC  A 1 7  ? -1.514  -10.576 -1.247  1.00 123.09 ? 7   DC  A "C1'"  1 
ATOM   200 N  N1     . DC  A 1 7  ? -1.542  -10.197 -2.662  1.00 113.95 ? 7   DC  A N1     1 
ATOM   201 C  C2     . DC  A 1 7  ? -2.693  -9.580  -3.157  1.00 106.46 ? 7   DC  A C2     1 
ATOM   202 O  O2     . DC  A 1 7  ? -3.659  -9.412  -2.396  1.00 103.72 ? 7   DC  A O2     1 
ATOM   203 N  N3     . DC  A 1 7  ? -2.728  -9.184  -4.451  1.00 92.51  ? 7   DC  A N3     1 
ATOM   204 C  C4     . DC  A 1 7  ? -1.671  -9.385  -5.236  1.00 99.35  ? 7   DC  A C4     1 
ATOM   205 N  N4     . DC  A 1 7  ? -1.753  -8.979  -6.503  1.00 85.08  ? 7   DC  A N4     1 
ATOM   206 C  C5     . DC  A 1 7  ? -0.478  -10.007 -4.754  1.00 99.49  ? 7   DC  A C5     1 
ATOM   207 C  C6     . DC  A 1 7  ? -0.459  -10.398 -3.475  1.00 77.17  ? 7   DC  A C6     1 
ATOM   208 H  "H5'"  . DC  A 1 7  ? 2.225   -12.286 -1.149  1.00 135.24 ? 7   DC  A "H5'"  1 
ATOM   209 H  "H5''" . DC  A 1 7  ? 1.995   -10.587 -1.566  1.00 135.24 ? 7   DC  A "H5''" 1 
ATOM   210 H  "H4'"  . DC  A 1 7  ? 0.459   -11.445 0.798   1.00 128.95 ? 7   DC  A "H4'"  1 
ATOM   211 H  "H3'"  . DC  A 1 7  ? 0.087   -12.850 -1.849  1.00 137.98 ? 7   DC  A "H3'"  1 
ATOM   212 H  "H2'"  . DC  A 1 7  ? -2.248  -12.535 -1.785  1.00 133.88 ? 7   DC  A "H2'"  1 
ATOM   213 H  "H2''" . DC  A 1 7  ? -2.258  -12.201 -0.035  1.00 133.88 ? 7   DC  A "H2''" 1 
ATOM   214 H  "H1'"  . DC  A 1 7  ? -2.277  -10.023 -0.686  1.00 147.70 ? 7   DC  A "H1'"  1 
ATOM   215 H  H41    . DC  A 1 7  ? -2.599  -8.545  -6.844  1.00 102.09 ? 7   DC  A H41    1 
ATOM   216 H  H42    . DC  A 1 7  ? -0.972  -9.120  -7.130  1.00 102.09 ? 7   DC  A H42    1 
ATOM   217 H  H5     . DC  A 1 7  ? 0.375   -10.166 -5.404  1.00 119.38 ? 7   DC  A H5     1 
ATOM   218 H  H6     . DC  A 1 7  ? 0.435   -10.861 -3.085  1.00 92.59  ? 7   DC  A H6     1 
ATOM   219 P  P      . DC  A 1 8  ? 0.284   -15.065 -0.321  1.00 112.52 ? 8   DC  A P      1 
ATOM   220 O  OP1    . DC  A 1 8  ? 1.364   -15.446 0.624   1.00 103.30 ? 8   DC  A OP1    1 
ATOM   221 O  OP2    . DC  A 1 8  ? 0.564   -15.071 -1.803  1.00 76.94  ? 8   DC  A OP2    1 
ATOM   222 O  "O5'"  . DC  A 1 8  ? -0.970  -15.992 0.030   1.00 136.42 ? 8   DC  A "O5'"  1 
ATOM   223 C  "C5'"  . DC  A 1 8  ? -2.343  -15.505 0.092   1.00 109.24 ? 8   DC  A "C5'"  1 
ATOM   224 C  "C4'"  . DC  A 1 8  ? -3.322  -16.529 -0.450  1.00 102.40 ? 8   DC  A "C4'"  1 
ATOM   225 O  "O4'"  . DC  A 1 8  ? -3.988  -16.008 -1.620  1.00 97.60  ? 8   DC  A "O4'"  1 
ATOM   226 C  "C3'"  . DC  A 1 8  ? -2.735  -17.870 -0.895  1.00 89.04  ? 8   DC  A "C3'"  1 
ATOM   227 O  "O3'"  . DC  A 1 8  ? -2.784  -18.785 0.198   1.00 82.92  ? 8   DC  A "O3'"  1 
ATOM   228 C  "C2'"  . DC  A 1 8  ? -3.699  -18.340 -1.959  1.00 87.48  ? 8   DC  A "C2'"  1 
ATOM   229 C  "C1'"  . DC  A 1 8  ? -4.372  -17.070 -2.471  1.00 88.68  ? 8   DC  A "C1'"  1 
ATOM   230 N  N1     . DC  A 1 8  ? -4.035  -16.689 -3.848  1.00 98.97  ? 8   DC  A N1     1 
ATOM   231 C  C2     . DC  A 1 8  ? -4.956  -15.925 -4.570  1.00 101.44 ? 8   DC  A C2     1 
ATOM   232 O  O2     . DC  A 1 8  ? -6.013  -15.575 -4.019  1.00 102.41 ? 8   DC  A O2     1 
ATOM   233 N  N3     . DC  A 1 8  ? -4.673  -15.579 -5.845  1.00 93.90  ? 8   DC  A N3     1 
ATOM   234 C  C4     . DC  A 1 8  ? -3.522  -15.966 -6.398  1.00 88.35  ? 8   DC  A C4     1 
ATOM   235 N  N4     . DC  A 1 8  ? -3.284  -15.597 -7.656  1.00 108.51 ? 8   DC  A N4     1 
ATOM   236 C  C5     . DC  A 1 8  ? -2.570  -16.751 -5.690  1.00 98.60  ? 8   DC  A C5     1 
ATOM   237 C  C6     . DC  A 1 8  ? -2.868  -17.094 -4.432  1.00 102.39 ? 8   DC  A C6     1 
ATOM   238 H  "H5'"  . DC  A 1 8  ? -2.437  -14.590 -0.492  1.00 131.07 ? 8   DC  A "H5'"  1 
ATOM   239 H  "H5''" . DC  A 1 8  ? -2.601  -15.270 1.128   1.00 131.07 ? 8   DC  A "H5''" 1 
ATOM   240 H  "H4'"  . DC  A 1 8  ? -4.065  -16.730 0.330   1.00 122.87 ? 8   DC  A "H4'"  1 
ATOM   241 H  "H3'"  . DC  A 1 8  ? -1.726  -17.755 -1.311  1.00 106.84 ? 8   DC  A "H3'"  1 
ATOM   242 H  "H2'"  . DC  A 1 8  ? -3.186  -18.901 -2.742  1.00 104.97 ? 8   DC  A "H2'"  1 
ATOM   243 H  "H2''" . DC  A 1 8  ? -4.456  -18.991 -1.523  1.00 104.97 ? 8   DC  A "H2''" 1 
ATOM   244 H  "H1'"  . DC  A 1 8  ? -5.456  -17.227 -2.385  1.00 106.41 ? 8   DC  A "H1'"  1 
ATOM   245 H  H41    . DC  A 1 8  ? -3.959  -15.040 -8.160  1.00 130.20 ? 8   DC  A H41    1 
ATOM   246 H  H42    . DC  A 1 8  ? -2.423  -15.876 -8.107  1.00 130.20 ? 8   DC  A H42    1 
ATOM   247 H  H5     . DC  A 1 8  ? -1.639  -17.062 -6.153  1.00 118.31 ? 8   DC  A H5     1 
ATOM   248 H  H6     . DC  A 1 8  ? -2.148  -17.684 -3.883  1.00 122.87 ? 8   DC  A H6     1 
ATOM   249 P  P      . DG  A 1 9  ? -2.176  -20.242 0.066   1.00 99.76  ? 9   DG  A P      1 
ATOM   250 O  OP1    . DG  A 1 9  ? -1.687  -20.632 1.412   1.00 93.36  ? 9   DG  A OP1    1 
ATOM   251 O  OP2    . DG  A 1 9  ? -1.241  -20.265 -1.105  1.00 91.97  ? 9   DG  A OP2    1 
ATOM   252 O  "O5'"  . DG  A 1 9  ? -3.466  -21.125 -0.266  1.00 81.20  ? 9   DG  A "O5'"  1 
ATOM   253 C  "C5'"  . DG  A 1 9  ? -4.717  -20.961 0.433   1.00 84.22  ? 9   DG  A "C5'"  1 
ATOM   254 C  "C4'"  . DG  A 1 9  ? -5.820  -21.678 -0.318  1.00 86.81  ? 9   DG  A "C4'"  1 
ATOM   255 O  "O4'"  . DG  A 1 9  ? -6.356  -20.814 -1.350  1.00 86.45  ? 9   DG  A "O4'"  1 
ATOM   256 C  "C3'"  . DG  A 1 9  ? -5.423  -22.967 -1.045  1.00 108.57 ? 9   DG  A "C3'"  1 
ATOM   257 O  "O3'"  . DG  A 1 9  ? -5.647  -24.146 -0.264  1.00 104.69 ? 9   DG  A "O3'"  1 
ATOM   258 C  "C2'"  . DG  A 1 9  ? -6.388  -23.023 -2.216  1.00 95.91  ? 9   DG  A "C2'"  1 
ATOM   259 C  "C1'"  . DG  A 1 9  ? -6.657  -21.566 -2.532  1.00 82.73  ? 9   DG  A "C1'"  1 
ATOM   260 N  N9     . DG  A 1 9  ? -5.844  -21.029 -3.615  1.00 88.20  ? 9   DG  A N9     1 
ATOM   261 C  C8     . DG  A 1 9  ? -4.502  -21.223 -3.821  1.00 89.06  ? 9   DG  A C8     1 
ATOM   262 N  N7     . DG  A 1 9  ? -4.041  -20.566 -4.847  1.00 95.01  ? 9   DG  A N7     1 
ATOM   263 C  C5     . DG  A 1 9  ? -5.144  -19.886 -5.345  1.00 96.16  ? 9   DG  A C5     1 
ATOM   264 C  C6     . DG  A 1 9  ? -5.262  -19.018 -6.455  1.00 101.14 ? 9   DG  A C6     1 
ATOM   265 O  O6     . DG  A 1 9  ? -4.382  -18.650 -7.241  1.00 104.99 ? 9   DG  A O6     1 
ATOM   266 N  N1     . DG  A 1 9  ? -6.563  -18.552 -6.604  1.00 105.32 ? 9   DG  A N1     1 
ATOM   267 C  C2     . DG  A 1 9  ? -7.618  -18.877 -5.789  1.00 98.86  ? 9   DG  A C2     1 
ATOM   268 N  N2     . DG  A 1 9  ? -8.801  -18.316 -6.095  1.00 105.68 ? 9   DG  A N2     1 
ATOM   269 N  N3     . DG  A 1 9  ? -7.526  -19.704 -4.764  1.00 105.61 ? 9   DG  A N3     1 
ATOM   270 C  C4     . DG  A 1 9  ? -6.266  -20.161 -4.596  1.00 84.42  ? 9   DG  A C4     1 
ATOM   271 H  "H5'"  . DG  A 1 9  ? -4.966  -19.905 0.525   1.00 101.06 ? 9   DG  A "H5'"  1 
ATOM   272 H  "H5''" . DG  A 1 9  ? -4.631  -21.378 1.438   1.00 101.06 ? 9   DG  A "H5''" 1 
ATOM   273 H  "H4'"  . DG  A 1 9  ? -6.618  -21.924 0.397   1.00 104.17 ? 9   DG  A "H4'"  1 
ATOM   274 H  "H3'"  . DG  A 1 9  ? -4.389  -22.925 -1.406  1.00 130.28 ? 9   DG  A "H3'"  1 
ATOM   275 H  "H2'"  . DG  A 1 9  ? -5.947  -23.518 -3.082  1.00 115.09 ? 9   DG  A "H2'"  1 
ATOM   276 H  "H2''" . DG  A 1 9  ? -7.312  -23.530 -1.935  1.00 115.09 ? 9   DG  A "H2''" 1 
ATOM   277 H  "H1'"  . DG  A 1 9  ? -7.723  -21.459 -2.776  1.00 99.27  ? 9   DG  A "H1'"  1 
ATOM   278 H  H8     . DG  A 1 9  ? -3.881  -21.855 -3.200  1.00 106.87 ? 9   DG  A H8     1 
ATOM   279 H  H1     . DG  A 1 9  ? -6.744  -17.902 -7.396  1.00 126.38 ? 9   DG  A H1     1 
ATOM   280 H  H21    . DG  A 1 9  ? -8.884  -17.699 -6.887  1.00 126.81 ? 9   DG  A H21    1 
ATOM   281 H  H22    . DG  A 1 9  ? -9.613  -18.525 -5.533  1.00 126.81 ? 9   DG  A H22    1 
ATOM   282 P  P      . DG  A 1 10 ? -5.249  -25.577 -0.863  1.00 114.14 ? 10  DG  A P      1 
ATOM   283 O  OP1    . DG  A 1 10 ? -4.236  -26.191 0.030   1.00 116.76 ? 10  DG  A OP1    1 
ATOM   284 O  OP2    . DG  A 1 10 ? -4.902  -25.391 -2.300  1.00 127.47 ? 10  DG  A OP2    1 
ATOM   285 O  "O5'"  . DG  A 1 10 ? -6.602  -26.416 -0.737  1.00 120.61 ? 10  DG  A "O5'"  1 
ATOM   286 C  "C5'"  . DG  A 1 10 ? -7.496  -26.604 -1.861  1.00 109.13 ? 10  DG  A "C5'"  1 
ATOM   287 C  "C4'"  . DG  A 1 10 ? -7.209  -27.874 -2.642  1.00 125.74 ? 10  DG  A "C4'"  1 
ATOM   288 O  "O4'"  . DG  A 1 10 ? -7.315  -27.555 -4.049  1.00 120.46 ? 10  DG  A "O4'"  1 
ATOM   289 C  "C3'"  . DG  A 1 10 ? -5.840  -28.563 -2.466  1.00 119.25 ? 10  DG  A "C3'"  1 
ATOM   290 O  "O3'"  . DG  A 1 10 ? -5.849  -29.747 -1.659  1.00 99.78  ? 10  DG  A "O3'"  1 
ATOM   291 C  "C2'"  . DG  A 1 10 ? -5.506  -29.089 -3.851  1.00 101.58 ? 10  DG  A "C2'"  1 
ATOM   292 C  "C1'"  . DG  A 1 10 ? -6.252  -28.155 -4.790  1.00 113.42 ? 10  DG  A "C1'"  1 
ATOM   293 N  N9     . DG  A 1 10 ? -5.457  -27.083 -5.365  1.00 106.67 ? 10  DG  A N9     1 
ATOM   294 C  C8     . DG  A 1 10 ? -4.137  -26.779 -5.127  1.00 103.77 ? 10  DG  A C8     1 
ATOM   295 N  N7     . DG  A 1 10 ? -3.725  -25.739 -5.797  1.00 109.01 ? 10  DG  A N7     1 
ATOM   296 C  C5     . DG  A 1 10 ? -4.838  -25.338 -6.524  1.00 120.78 ? 10  DG  A C5     1 
ATOM   297 C  C6     . DG  A 1 10 ? -5.001  -24.266 -7.440  1.00 130.68 ? 10  DG  A C6     1 
ATOM   298 O  O6     . DG  A 1 10 ? -4.160  -23.436 -7.814  1.00 139.28 ? 10  DG  A O6     1 
ATOM   299 N  N1     . DG  A 1 10 ? -6.303  -24.205 -7.927  1.00 130.82 ? 10  DG  A N1     1 
ATOM   300 C  C2     . DG  A 1 10 ? -7.316  -25.076 -7.598  1.00 132.04 ? 10  DG  A C2     1 
ATOM   301 N  N2     . DG  A 1 10 ? -8.504  -24.870 -8.197  1.00 129.58 ? 10  DG  A N2     1 
ATOM   302 N  N3     . DG  A 1 10 ? -7.174  -26.081 -6.750  1.00 111.02 ? 10  DG  A N3     1 
ATOM   303 C  C4     . DG  A 1 10 ? -5.918  -26.151 -6.255  1.00 100.77 ? 10  DG  A C4     1 
ATOM   304 H  "H5'"  . DG  A 1 10 ? -7.417  -25.741 -2.527  1.00 130.94 ? 10  DG  A "H5'"  1 
ATOM   305 H  "H5''" . DG  A 1 10 ? -8.521  -26.642 -1.487  1.00 130.94 ? 10  DG  A "H5''" 1 
ATOM   306 H  "H4'"  . DG  A 1 10 ? -7.989  -28.608 -2.383  1.00 150.88 ? 10  DG  A "H4'"  1 
ATOM   307 H  "H3'"  . DG  A 1 10 ? -5.058  -27.867 -2.149  1.00 143.10 ? 10  DG  A "H3'"  1 
ATOM   308 H  "HO3'" . DG  A 1 10 ? -5.099  -30.285 -1.327  1.00 119.72 ? 10  DG  A "HO3'" 1 
ATOM   309 H  "H2'"  . DG  A 1 10 ? -4.430  -29.081 -4.019  1.00 121.89 ? 10  DG  A "H2'"  1 
ATOM   310 H  "H2''" . DG  A 1 10 ? -5.866  -30.111 -3.969  1.00 121.89 ? 10  DG  A "H2''" 1 
ATOM   311 H  "H1'"  . DG  A 1 10 ? -6.674  -28.748 -5.611  1.00 136.10 ? 10  DG  A "H1'"  1 
ATOM   312 H  H8     . DG  A 1 10 ? -3.492  -27.331 -4.457  1.00 124.51 ? 10  DG  A H8     1 
ATOM   313 H  H1     . DG  A 1 10 ? -6.514  -23.478 -8.620  1.00 156.98 ? 10  DG  A H1     1 
ATOM   314 H  H21    . DG  A 1 10 ? -8.629  -24.115 -8.852  1.00 155.49 ? 10  DG  A H21    1 
ATOM   315 H  H22    . DG  A 1 10 ? -9.280  -25.480 -7.986  1.00 155.49 ? 10  DG  A H22    1 
HETATM 316 C  C11    . V7F B 2 .  ? 3.246   12.707  9.992   0.50 109.07 ? 101 V7F A C11    1 
HETATM 317 C  C12    . V7F B 2 .  ? 5.928   12.918  9.431   0.50 116.16 ? 101 V7F A C12    1 
HETATM 318 C  C13    . V7F B 2 .  ? 7.884   17.922  9.163   0.50 109.95 ? 101 V7F A C13    1 
HETATM 319 C  C14    . V7F B 2 .  ? 5.808   15.244  2.961   0.50 107.89 ? 101 V7F A C14    1 
HETATM 320 C  C15    . V7F B 2 .  ? 5.652   18.659  9.368   0.50 114.41 ? 101 V7F A C15    1 
HETATM 321 C  C16    . V7F B 2 .  ? 5.315   12.827  2.400   0.50 114.65 ? 101 V7F A C16    1 
HETATM 322 C  C17    . V7F B 2 .  ? 1.500   14.211  8.386   0.50 92.20  ? 101 V7F A C17    1 
HETATM 323 C  C18    . V7F B 2 .  ? 5.024   11.147  4.183   0.50 103.73 ? 101 V7F A C18    1 
HETATM 324 C  C19    . V7F B 2 .  ? 5.220   17.521  8.629   0.50 116.93 ? 101 V7F A C19    1 
HETATM 325 C  C20    . V7F B 2 .  ? 8.518   13.921  6.801   0.50 109.80 ? 101 V7F A C20    1 
HETATM 326 C  C21    . V7F B 2 .  ? 5.488   12.092  10.483  0.50 114.42 ? 101 V7F A C21    1 
HETATM 327 C  C22    . V7F B 2 .  ? 2.672   15.716  6.436   0.50 111.20 ? 101 V7F A C22    1 
HETATM 328 C  C23    . V7F B 2 .  ? 9.660   15.980  8.174   0.50 92.97  ? 101 V7F A C23    1 
HETATM 329 C  C24    . V7F B 2 .  ? 10.503  14.996  7.663   0.50 89.09  ? 101 V7F A C24    1 
HETATM 330 C  C25    . V7F B 2 .  ? 4.168   11.976  10.767  0.50 111.70 ? 101 V7F A C25    1 
HETATM 331 C  C26    . V7F B 2 .  ? 6.060   16.576  2.613   0.50 111.85 ? 101 V7F A C26    1 
HETATM 332 C  C29    . V7F B 2 .  ? 1.009   13.393  9.433   0.50 101.84 ? 101 V7F A C29    1 
HETATM 333 C  C30    . V7F B 2 .  ? 5.098   11.772  1.475   0.50 126.90 ? 101 V7F A C30    1 
HETATM 334 C  C31    . V7F B 2 .  ? 1.837   12.670  10.202  0.50 106.83 ? 101 V7F A C31    1 
HETATM 335 C  C32    . V7F B 2 .  ? 6.113   16.945  1.288   0.50 126.14 ? 101 V7F A C32    1 
HETATM 336 C  C33    . V7F B 2 .  ? 0.664   14.958  7.574   0.50 90.50  ? 101 V7F A C33    1 
HETATM 337 C  C34    . V7F B 2 .  ? 1.273   15.712  6.596   0.50 115.69 ? 101 V7F A C34    1 
HETATM 338 C  C35    . V7F B 2 .  ? 4.811   10.151  3.240   0.50 111.02 ? 101 V7F A C35    1 
HETATM 339 C  C36    . V7F B 2 .  ? 5.662   14.690  0.658   0.50 114.55 ? 101 V7F A C36    1 
HETATM 340 C  C37    . V7F B 2 .  ? 4.847   10.466  1.898   0.50 118.63 ? 101 V7F A C37    1 
HETATM 341 C  C38    . V7F B 2 .  ? 5.913   15.995  0.325   0.50 126.03 ? 101 V7F A C38    1 
HETATM 342 C  C01    . V7F B 2 .  ? 3.792   13.510  8.959   0.50 100.98 ? 101 V7F A C01    1 
HETATM 343 C  C02    . V7F B 2 .  ? 5.271   12.458  3.745   0.50 106.55 ? 101 V7F A C02    1 
HETATM 344 C  C03    . V7F B 2 .  ? 5.487   13.496  4.714   0.50 98.25  ? 101 V7F A C03    1 
HETATM 345 C  C04    . V7F B 2 .  ? 8.263   15.850  7.942   0.50 96.69  ? 101 V7F A C04    1 
HETATM 346 C  C05    . V7F B 2 .  ? 9.900   13.979  6.979   0.50 117.26 ? 101 V7F A C05    1 
HETATM 347 C  C06    . V7F B 2 .  ? 6.953   18.857  9.631   0.50 112.84 ? 101 V7F A C06    1 
HETATM 348 C  C07    . V7F B 2 .  ? 5.763   14.896  4.338   0.50 98.14  ? 101 V7F A C07    1 
HETATM 349 C  C08    . V7F B 2 .  ? 2.904   14.262  8.160   0.50 96.86  ? 101 V7F A C08    1 
HETATM 350 C  C09    . V7F B 2 .  ? 5.596   14.254  1.996   0.50 112.45 ? 101 V7F A C09    1 
HETATM 351 C  C10    . V7F B 2 .  ? 7.367   16.826  8.436   0.50 100.70 ? 101 V7F A C10    1 
HETATM 352 C  C27    . V7F B 2 .  ? 9.284   18.022  9.375   0.50 105.04 ? 101 V7F A C27    1 
HETATM 353 C  C28    . V7F B 2 .  ? 10.133  17.098  8.904   0.50 101.30 ? 101 V7F A C28    1 
HETATM 354 N  N01    . V7F B 2 .  ? 6.054   16.604  8.170   0.50 100.33 ? 101 V7F A N01    1 
HETATM 355 N  N02    . V7F B 2 .  ? 5.939   15.706  5.311   0.50 95.03  ? 101 V7F A N02    1 
HETATM 356 N  N03    . V7F B 2 .  ? 5.114   13.648  8.678   0.50 98.63  ? 101 V7F A N03    1 
HETATM 357 N  N04    . V7F B 2 .  ? 5.467   13.288  5.958   0.50 93.79  ? 101 V7F A N04    1 
HETATM 358 N  N05    . V7F B 2 .  ? 3.509   14.998  7.198   0.50 99.99  ? 101 V7F A N05    1 
HETATM 359 N  N06    . V7F B 2 .  ? 7.669   14.828  7.259   0.50 99.53  ? 101 V7F A N06    1 
HETATM 360 RU RU01   . V7F B 2 .  ? 5.597   14.891  7.081   0.50 114.43 ? 101 V7F A RU01   1 
HETATM 361 H  H03    . V7F B 2 .  ? 6.839   12.970  9.267   0.50 139.39 ? 101 V7F A H03    1 
HETATM 362 H  H04    . V7F B 2 .  ? 5.025   19.273  9.675   0.50 137.28 ? 101 V7F A H04    1 
HETATM 363 H  H05    . V7F B 2 .  ? 4.997   10.950  5.091   0.50 124.46 ? 101 V7F A H05    1 
HETATM 364 H  H06    . V7F B 2 .  ? 4.313   17.410  8.468   0.50 140.30 ? 101 V7F A H06    1 
HETATM 365 H  H07    . V7F B 2 .  ? 8.161   13.209  6.331   0.50 131.75 ? 101 V7F A H07    1 
HETATM 366 H  H08    . V7F B 2 .  ? 6.108   11.615  10.985  0.50 137.29 ? 101 V7F A H08    1 
HETATM 367 H  H09    . V7F B 2 .  ? 3.048   16.235  5.769   0.50 133.44 ? 101 V7F A H09    1 
HETATM 368 H  H10    . V7F B 2 .  ? 11.426  15.030  7.786   0.50 106.90 ? 101 V7F A H10    1 
HETATM 369 H  H11    . V7F B 2 .  ? 3.875   11.431  11.462  0.50 134.03 ? 101 V7F A H11    1 
HETATM 370 H  H25    . V7F B 2 .  ? 6.193   17.168  3.404   0.50 134.21 ? 101 V7F A H25    1 
HETATM 371 H  H14    . V7F B 2 .  ? 0.091   13.348  9.584   0.50 122.20 ? 101 V7F A H14    1 
HETATM 372 H  H15    . V7F B 2 .  ? 5.120   11.956  0.564   0.50 152.27 ? 101 V7F A H15    1 
HETATM 373 H  H16    . V7F B 2 .  ? 1.485   12.138  10.877  0.50 128.18 ? 101 V7F A H16    1 
HETATM 374 H  H17    . V7F B 2 .  ? 6.284   17.827  1.053   0.50 151.37 ? 101 V7F A H17    1 
HETATM 375 H  H18    . V7F B 2 .  ? -0.261  14.955  7.686   0.50 108.59 ? 101 V7F A H18    1 
HETATM 376 H  H19    . V7F B 2 .  ? 0.743   16.230  6.037   0.50 138.82 ? 101 V7F A H19    1 
HETATM 377 H  H20    . V7F B 2 .  ? 4.637   9.279   3.511   0.50 133.22 ? 101 V7F A H20    1 
HETATM 378 H  H21    . V7F B 2 .  ? 5.527   14.072  -0.023  0.50 137.45 ? 101 V7F A H21    1 
HETATM 379 H  H22    . V7F B 2 .  ? 4.707   9.800   1.264   0.50 142.35 ? 101 V7F A H22    1 
HETATM 380 H  H23    . V7F B 2 .  ? 5.944   16.238  -0.573  0.50 151.22 ? 101 V7F A H23    1 
HETATM 381 H  H01    . V7F B 2 .  ? 10.432  13.300  6.629   0.50 140.70 ? 101 V7F A H01    1 
HETATM 382 H  H02    . V7F B 2 .  ? 7.231   19.602  10.112  0.50 135.40 ? 101 V7F A H02    1 
HETATM 383 H  H12    . V7F B 2 .  ? 9.622   18.749  9.843   0.50 126.04 ? 101 V7F A H12    1 
HETATM 384 H  H13    . V7F B 2 .  ? 11.046  17.193  9.056   0.50 121.55 ? 101 V7F A H13    1 
HETATM 385 H  H26    . V7F B 2 .  ? 5.844   16.639  5.051   0.50 114.03 ? 101 V7F A H26    1 
HETATM 386 H  H24    . V7F B 2 .  ? 5.192   12.753  6.128   0.50 112.55 ? 101 V7F A H24    1 
HETATM 387 C  C11    . V7F C 2 .  ? 5.918   -0.002  3.182   1.00 86.78  ? 102 V7F A C11    1 
HETATM 388 C  C12    . V7F C 2 .  ? 6.155   2.196   4.819   1.00 84.89  ? 102 V7F A C12    1 
HETATM 389 C  C13    . V7F C 2 .  ? 4.724   1.472   9.360   1.00 97.55  ? 102 V7F A C13    1 
HETATM 390 C  C14    . V7F C 2 .  ? -0.736  4.301   5.488   1.00 93.27  ? 102 V7F A C14    1 
HETATM 391 C  C15    . V7F C 2 .  ? 3.971   -0.690  8.634   1.00 99.06  ? 102 V7F A C15    1 
HETATM 392 C  C16    . V7F C 2 .  ? -0.560  5.443   3.237   1.00 96.04  ? 102 V7F A C16    1 
HETATM 393 C  C17    . V7F C 2 .  ? 3.310   -1.084  2.900   1.00 95.91  ? 102 V7F A C17    1 
HETATM 394 C  C18    . V7F C 2 .  ? 1.444   5.254   1.852   1.00 87.51  ? 102 V7F A C18    1 
HETATM 395 C  C19    . V7F C 2 .  ? 3.537   -0.112  7.412   1.00 113.17 ? 102 V7F A C19    1 
HETATM 396 C  C20    . V7F C 2 .  ? 3.985   5.085   6.253   1.00 90.96  ? 102 V7F A C20    1 
HETATM 397 C  C21    . V7F C 2 .  ? 7.311   1.682   4.190   1.00 93.95  ? 102 V7F A C21    1 
HETATM 398 C  C22    . V7F C 2 .  ? 1.241   0.182   4.286   1.00 106.44 ? 102 V7F A C22    1 
HETATM 399 C  C23    . V7F C 2 .  ? 4.952   4.245   8.744   1.00 75.32  ? 102 V7F A C23    1 
HETATM 400 C  C24    . V7F C 2 .  ? 5.037   5.600   8.341   1.00 75.41  ? 102 V7F A C24    1 
HETATM 401 C  C25    . V7F C 2 .  ? 7.198   0.599   3.379   1.00 90.92  ? 102 V7F A C25    1 
HETATM 402 C  C26    . V7F C 2 .  ? -1.514  4.078   6.636   1.00 92.47  ? 102 V7F A C26    1 
HETATM 403 C  C29    . V7F C 2 .  ? 4.437   -1.649  2.236   1.00 96.14  ? 102 V7F A C29    1 
HETATM 404 C  C30    . V7F C 2 .  ? -1.104  6.262   2.219   1.00 98.26  ? 102 V7F A C30    1 
HETATM 405 C  C31    . V7F C 2 .  ? 5.679   -1.146  2.366   1.00 107.10 ? 102 V7F A C31    1 
HETATM 406 C  C32    . V7F C 2 .  ? -2.786  4.629   6.796   1.00 89.36  ? 102 V7F A C32    1 
HETATM 407 C  C33    . V7F C 2 .  ? 1.998   -1.572  2.801   1.00 108.82 ? 102 V7F A C33    1 
HETATM 408 C  C34    . V7F C 2 .  ? 0.970   -0.935  3.490   1.00 126.90 ? 102 V7F A C34    1 
HETATM 409 C  C35    . V7F C 2 .  ? 0.883   6.051   0.867   1.00 97.30  ? 102 V7F A C35    1 
HETATM 410 C  C36    . V7F C 2 .  ? -2.614  5.649   4.677   1.00 97.20  ? 102 V7F A C36    1 
HETATM 411 C  C37    . V7F C 2 .  ? -0.387  6.548   1.065   1.00 82.75  ? 102 V7F A C37    1 
HETATM 412 C  C38    . V7F C 2 .  ? -3.322  5.406   5.809   1.00 88.27  ? 102 V7F A C38    1 
HETATM 413 C  C01    . V7F C 2 .  ? 4.813   0.581   3.859   1.00 70.76  ? 102 V7F A C01    1 
HETATM 414 C  C02    . V7F C 2 .  ? 0.748   4.944   3.056   1.00 94.36  ? 102 V7F A C02    1 
HETATM 415 C  C03    . V7F C 2 .  ? 1.339   4.075   4.119   1.00 87.93  ? 102 V7F A C03    1 
HETATM 416 C  C04    . V7F C 2 .  ? 4.366   3.369   7.813   1.00 84.87  ? 102 V7F A C04    1 
HETATM 417 C  C05    . V7F C 2 .  ? 4.565   6.002   7.103   1.00 95.02  ? 102 V7F A C05    1 
HETATM 418 C  C06    . V7F C 2 .  ? 4.545   0.093   9.576   1.00 121.62 ? 102 V7F A C06    1 
HETATM 419 C  C07    . V7F C 2 .  ? 0.616   3.742   5.352   1.00 60.10  ? 102 V7F A C07    1 
HETATM 420 C  C08    . V7F C 2 .  ? 3.511   0.027   3.707   1.00 83.41  ? 102 V7F A C08    1 
HETATM 421 C  C09    . V7F C 2 .  ? -1.320  5.118   4.479   1.00 99.06  ? 102 V7F A C09    1 
HETATM 422 C  C10    . V7F C 2 .  ? 4.254   1.969   8.126   1.00 83.68  ? 102 V7F A C10    1 
HETATM 423 C  C27    . V7F C 2 .  ? 5.311   2.372   10.279  1.00 76.10  ? 102 V7F A C27    1 
HETATM 424 C  C28    . V7F C 2 .  ? 5.417   3.686   9.993   1.00 86.94  ? 102 V7F A C28    1 
HETATM 425 N  N01    . V7F C 2 .  ? 3.672   1.187   7.174   1.00 80.62  ? 102 V7F A N01    1 
HETATM 426 N  N02    . V7F C 2 .  ? 1.317   2.970   6.136   1.00 65.47  ? 102 V7F A N02    1 
HETATM 427 N  N03    . V7F C 2 .  ? 4.921   1.671   4.661   1.00 82.23  ? 102 V7F A N03    1 
HETATM 428 N  N04    . V7F C 2 .  ? 2.512   3.521   4.083   1.00 85.74  ? 102 V7F A N04    1 
HETATM 429 N  N05    . V7F C 2 .  ? 2.499   0.633   4.379   1.00 94.30  ? 102 V7F A N05    1 
HETATM 430 N  N06    . V7F C 2 .  ? 3.889   3.791   6.595   1.00 80.31  ? 102 V7F A N06    1 
HETATM 431 RU RU01   . V7F C 2 .  ? 3.111   2.247   5.487   1.00 110.26 ? 102 V7F A RU01   1 
HETATM 432 H  H03    . V7F C 2 .  ? 6.250   2.942   5.366   1.00 101.86 ? 102 V7F A H03    1 
HETATM 433 H  H04    . V7F C 2 .  ? 3.868   -1.602  8.783   1.00 118.86 ? 102 V7F A H04    1 
HETATM 434 H  H05    . V7F C 2 .  ? 2.284   4.914   1.704   1.00 105.00 ? 102 V7F A H05    1 
HETATM 435 H  H06    . V7F C 2 .  ? 3.138   -0.656  6.770   1.00 135.79 ? 102 V7F A H06    1 
HETATM 436 H  H07    . V7F C 2 .  ? 3.672   5.367   5.427   1.00 109.14 ? 102 V7F A H07    1 
HETATM 437 H  H08    . V7F C 2 .  ? 8.139   2.085   4.325   1.00 112.73 ? 102 V7F A H08    1 
HETATM 438 H  H09    . V7F C 2 .  ? 0.555   0.601   4.755   1.00 127.72 ? 102 V7F A H09    1 
HETATM 439 H  H10    . V7F C 2 .  ? 5.416   6.227   8.917   1.00 90.49  ? 102 V7F A H10    1 
HETATM 440 H  H11    . V7F C 2 .  ? 7.949   0.246   2.960   1.00 109.09 ? 102 V7F A H11    1 
HETATM 441 H  H25    . V7F C 2 .  ? -1.058  3.494   7.301   1.00 110.95 ? 102 V7F A H25    1 
HETATM 442 H  H14    . V7F C 2 .  ? 4.311   -2.394  1.693   1.00 115.37 ? 102 V7F A H14    1 
HETATM 443 H  H15    . V7F C 2 .  ? -1.952  6.626   2.311   1.00 117.90 ? 102 V7F A H15    1 
HETATM 444 H  H16    . V7F C 2 .  ? 6.387   -1.543  1.914   1.00 128.51 ? 102 V7F A H16    1 
HETATM 445 H  H17    . V7F C 2 .  ? -3.286  4.429   7.555   1.00 107.23 ? 102 V7F A H17    1 
HETATM 446 H  H18    . V7F C 2 .  ? 1.813   -2.312  2.270   1.00 130.58 ? 102 V7F A H18    1 
HETATM 447 H  H19    . V7F C 2 .  ? 0.101   -1.258  3.427   1.00 152.27 ? 102 V7F A H19    1 
HETATM 448 H  H20    . V7F C 2 .  ? 1.349   6.244   0.086   1.00 116.75 ? 102 V7F A H20    1 
HETATM 449 H  H21    . V7F C 2 .  ? -2.996  6.195   4.033   1.00 116.63 ? 102 V7F A H21    1 
HETATM 450 H  H22    . V7F C 2 .  ? -0.774  7.087   0.412   1.00 99.29  ? 102 V7F A H22    1 
HETATM 451 H  H23    . V7F C 2 .  ? -4.181  5.752   5.902   1.00 105.91 ? 102 V7F A H23    1 
HETATM 452 H  H01    . V7F C 2 .  ? 4.607   6.898   6.858   1.00 114.02 ? 102 V7F A H01    1 
HETATM 453 H  H02    . V7F C 2 .  ? 4.839   -0.288  10.371  1.00 145.93 ? 102 V7F A H02    1 
HETATM 454 H  H12    . V7F C 2 .  ? 5.614   2.057   11.099  1.00 91.31  ? 102 V7F A H12    1 
HETATM 455 H  H13    . V7F C 2 .  ? 5.811   4.248   10.616  1.00 104.32 ? 102 V7F A H13    1 
HETATM 456 H  H26    . V7F C 2 .  ? 1.013   2.999   7.059   1.00 78.56  ? 102 V7F A H26    1 
HETATM 457 H  H24    . V7F C 2 .  ? 2.911   3.859   3.767   1.00 102.88 ? 102 V7F A H24    1 
HETATM 458 C  C11    . V7F D 2 .  ? -3.867  2.881   -8.710  0.50 92.14  ? 103 V7F A C11    1 
HETATM 459 C  C12    . V7F D 2 .  ? -4.396  0.171   -8.808  0.50 108.15 ? 103 V7F A C12    1 
HETATM 460 C  C13    . V7F D 2 .  ? -9.422  -0.388  -6.975  0.50 99.62  ? 103 V7F A C13    1 
HETATM 461 C  C14    . V7F D 2 .  ? -5.246  -1.938  -2.149  0.50 93.20  ? 103 V7F A C14    1 
HETATM 462 C  C15    . V7F D 2 .  ? -9.314  1.856   -6.179  0.50 102.20 ? 103 V7F A C15    1 
HETATM 463 C  C16    . V7F D 2 .  ? -2.877  -2.726  -2.200  0.50 101.76 ? 103 V7F A C16    1 
HETATM 464 C  C17    . V7F D 2 .  ? -4.341  4.178   -6.235  0.50 95.91  ? 103 V7F A C17    1 
HETATM 465 C  C18    . V7F D 2 .  ? -1.344  -2.121  -4.014  0.50 101.04 ? 103 V7F A C18    1 
HETATM 466 C  C19    . V7F D 2 .  ? -7.937  1.675   -5.913  0.50 105.06 ? 103 V7F A C19    1 
HETATM 467 C  C20    . V7F D 2 .  ? -5.322  -2.870  -6.866  0.50 107.33 ? 103 V7F A C20    1 
HETATM 468 C  C21    . V7F D 2 .  ? -3.917  0.829   -9.950  0.50 96.94  ? 103 V7F A C21    1 
HETATM 469 C  C22    . V7F D 2 .  ? -5.287  2.608   -4.156  0.50 107.65 ? 103 V7F A C22    1 
HETATM 470 C  C23    . V7F D 2 .  ? -8.031  -2.802  -7.476  0.50 100.75 ? 103 V7F A C23    1 
HETATM 471 C  C24    . V7F D 2 .  ? -7.284  -3.969  -7.696  0.50 107.24 ? 103 V7F A C24    1 
HETATM 472 C  C25    . V7F D 2 .  ? -3.657  2.160   -9.908  0.50 91.69  ? 103 V7F A C25    1 
HETATM 473 C  C26    . V7F D 2 .  ? -6.510  -1.876  -1.558  0.50 100.54 ? 103 V7F A C26    1 
HETATM 474 C  C29    . V7F D 2 .  ? -3.852  4.885   -7.381  0.50 93.05  ? 103 V7F A C29    1 
HETATM 475 C  C30    . V7F D 2 .  ? -1.815  -3.449  -1.619  0.50 106.46 ? 103 V7F A C30    1 
HETATM 476 C  C31    . V7F D 2 .  ? -3.626  4.275   -8.556  0.50 94.33  ? 103 V7F A C31    1 
HETATM 477 C  C32    . V7F D 2 .  ? -6.759  -2.533  -0.379  0.50 100.34 ? 103 V7F A C32    1 
HETATM 478 C  C33    . V7F D 2 .  ? -4.594  4.759   -4.986  0.50 107.17 ? 103 V7F A C33    1 
HETATM 479 C  C34    . V7F D 2 .  ? -5.065  3.969   -3.953  0.50 114.37 ? 103 V7F A C34    1 
HETATM 480 C  C35    . V7F D 2 .  ? -0.331  -2.841  -3.412  0.50 101.43 ? 103 V7F A C35    1 
HETATM 481 C  C36    . V7F D 2 .  ? -4.520  -3.322  -0.353  0.50 106.40 ? 103 V7F A C36    1 
HETATM 482 C  C37    . V7F D 2 .  ? -0.571  -3.492  -2.223  0.50 97.25  ? 103 V7F A C37    1 
HETATM 483 C  C38    . V7F D 2 .  ? -5.761  -3.253  0.209   0.50 97.59  ? 103 V7F A C38    1 
HETATM 484 C  C01    . V7F D 2 .  ? -4.352  2.141   -7.617  0.50 95.57  ? 103 V7F A C01    1 
HETATM 485 C  C02    . V7F D 2 .  ? -2.605  -2.069  -3.408  0.50 93.30  ? 103 V7F A C02    1 
HETATM 486 C  C03    . V7F D 2 .  ? -3.674  -1.311  -4.029  0.50 97.72  ? 103 V7F A C03    1 
HETATM 487 C  C04    . V7F D 2 .  ? -7.336  -1.713  -6.941  0.50 98.83  ? 103 V7F A C04    1 
HETATM 488 C  C05    . V7F D 2 .  ? -5.946  -3.985  -7.392  0.50 105.78 ? 103 V7F A C05    1 
HETATM 489 C  C06    . V7F D 2 .  ? -10.034 0.845   -6.698  0.50 103.22 ? 103 V7F A C06    1 
HETATM 490 C  C07    . V7F D 2 .  ? -5.002  -1.249  -3.381  0.50 98.20  ? 103 V7F A C07    1 
HETATM 491 C  C08    . V7F D 2 .  ? -4.586  2.801   -6.369  0.50 94.06  ? 103 V7F A C08    1 
HETATM 492 C  C09    . V7F D 2 .  ? -4.219  -2.669  -1.555  0.50 101.63 ? 103 V7F A C09    1 
HETATM 493 C  C10    . V7F D 2 .  ? -8.052  -0.492  -6.688  0.50 95.89  ? 103 V7F A C10    1 
HETATM 494 C  C27    . V7F D 2 .  ? -10.086 -1.517  -7.511  0.50 98.84  ? 103 V7F A C27    1 
HETATM 495 C  C28    . V7F D 2 .  ? -9.429  -2.660  -7.752  0.50 103.17 ? 103 V7F A C28    1 
HETATM 496 N  N01    . V7F D 2 .  ? -7.317  0.529   -6.179  0.50 102.52 ? 103 V7F A N01    1 
HETATM 497 N  N02    . V7F D 2 .  ? -5.852  -0.545  -4.020  0.50 94.18  ? 103 V7F A N02    1 
HETATM 498 N  N03    . V7F D 2 .  ? -4.616  0.805   -7.656  0.50 93.72  ? 103 V7F A N03    1 
HETATM 499 N  N04    . V7F D 2 .  ? -3.598  -0.644  -5.136  0.50 95.97  ? 103 V7F A N04    1 
HETATM 500 N  N05    . V7F D 2 .  ? -5.033  2.028   -5.340  0.50 104.61 ? 103 V7F A N05    1 
HETATM 501 N  N06    . V7F D 2 .  ? -5.990  -1.746  -6.631  0.50 109.23 ? 103 V7F A N06    1 
HETATM 502 RU RU01   . V7F D 2 .  ? -5.324  0.040   -5.849  0.50 120.83 ? 103 V7F A RU01   1 
HETATM 503 H  H03    . V7F D 2 .  ? -4.573  -0.743  -8.859  0.50 129.78 ? 103 V7F A H03    1 
HETATM 504 H  H04    . V7F D 2 .  ? -9.721  2.674   -5.995  0.50 122.63 ? 103 V7F A H04    1 
HETATM 505 H  H05    . V7F D 2 .  ? -1.188  -1.669  -4.811  0.50 121.23 ? 103 V7F A H05    1 
HETATM 506 H  H06    . V7F D 2 .  ? -7.445  2.383   -5.558  0.50 126.07 ? 103 V7F A H06    1 
HETATM 507 H  H07    . V7F D 2 .  ? -4.417  -2.912  -6.663  0.50 128.79 ? 103 V7F A H07    1 
HETATM 508 H  H08    . V7F D 2 .  ? -3.784  0.355   -10.739 0.50 116.32 ? 103 V7F A H08    1 
HETATM 509 H  H09    . V7F D 2 .  ? -5.605  2.087   -3.452  0.50 129.18 ? 103 V7F A H09    1 
HETATM 510 H  H10    . V7F D 2 .  ? -7.692  -4.719  -8.058  0.50 128.68 ? 103 V7F A H10    1 
HETATM 511 H  H11    . V7F D 2 .  ? -3.341  2.599   -10.665 0.50 110.02 ? 103 V7F A H11    1 
HETATM 512 H  H25    . V7F D 2 .  ? -7.158  -1.326  -2.083  0.50 120.64 ? 103 V7F A H25    1 
HETATM 513 H  H14    . V7F D 2 .  ? -3.683  5.795   -7.309  0.50 111.65 ? 103 V7F A H14    1 
HETATM 514 H  H15    . V7F D 2 .  ? -1.954  -3.908  -0.823  0.50 127.74 ? 103 V7F A H15    1 
HETATM 515 H  H16    . V7F D 2 .  ? -3.308  4.769   -9.278  0.50 113.18 ? 103 V7F A H16    1 
HETATM 516 H  H17    . V7F D 2 .  ? -7.600  -2.490  0.015   0.50 120.41 ? 103 V7F A H17    1 
HETATM 517 H  H18    . V7F D 2 .  ? -4.444  5.668   -4.851  0.50 128.59 ? 103 V7F A H18    1 
HETATM 518 H  H19    . V7F D 2 .  ? -5.236  4.347   -3.122  0.50 137.24 ? 103 V7F A H19    1 
HETATM 519 H  H20    . V7F D 2 .  ? 0.511   -2.887  -3.805  0.50 121.71 ? 103 V7F A H20    1 
HETATM 520 H  H21    . V7F D 2 .  ? -3.857  -3.815  0.076   0.50 127.67 ? 103 V7F A H21    1 
HETATM 521 H  H22    . V7F D 2 .  ? 0.110   -3.986  -1.827  0.50 116.70 ? 103 V7F A H22    1 
HETATM 522 H  H23    . V7F D 2 .  ? -5.924  -3.690  1.010   0.50 117.10 ? 103 V7F A H23    1 
HETATM 523 H  H01    . V7F D 2 .  ? -5.454  -4.758  -7.540  0.50 126.92 ? 103 V7F A H01    1 
HETATM 524 H  H02    . V7F D 2 .  ? -10.939 0.965   -6.868  0.50 123.86 ? 103 V7F A H02    1 
HETATM 525 H  H12    . V7F D 2 .  ? -10.991 -1.462  -7.714  0.50 118.60 ? 103 V7F A H12    1 
HETATM 526 H  H13    . V7F D 2 .  ? -9.892  -3.378  -8.111  0.50 123.80 ? 103 V7F A H13    1 
HETATM 527 H  H26    . V7F D 2 .  ? -6.547  -0.175  -3.451  0.50 113.01 ? 103 V7F A H26    1 
HETATM 528 H  H24    . V7F D 2 .  ? -3.093  -0.767  -5.480  0.50 115.16 ? 103 V7F A H24    1 
HETATM 529 SR SR     . SR  E 3 .  ? -0.986  -29.897 1.743   1.00 223.00 ? 104 SR  A SR     1 
HETATM 530 SR SR     . SR  F 3 .  ? -19.082 -9.673  -5.649  1.00 216.95 ? 105 SR  A SR     1 
HETATM 531 O  O      . HOH G 4 .  ? -0.930  -21.943 -3.045  1.00 85.21  ? 201 HOH A O      1 
HETATM 532 O  O      . HOH G 4 .  ? -10.660 -18.981 -4.329  1.00 111.93 ? 202 HOH A O      1 
HETATM 533 O  O      . HOH G 4 .  ? -9.669  -26.206 -3.999  0.50 90.75  ? 203 HOH A O      1 
HETATM 534 O  O      . HOH G 4 .  ? -1.367  -7.436  -8.742  1.00 102.53 ? 204 HOH A O      1 
HETATM 535 O  O      . HOH G 4 .  ? -1.333  -3.884  -6.896  1.00 103.60 ? 205 HOH A O      1 
HETATM 536 O  O      . HOH G 4 .  ? -4.205  12.862  7.097   1.00 94.78  ? 206 HOH A O      1 
HETATM 537 O  O      . HOH G 4 .  ? -2.790  -13.235 1.862   1.00 98.49  ? 207 HOH A O      1 
HETATM 538 O  O      . HOH G 4 .  ? 3.152   -8.961  -4.599  1.00 124.36 ? 208 HOH A O      1 
# 
loop_
_atom_site_anisotrop.id 
_atom_site_anisotrop.type_symbol 
_atom_site_anisotrop.pdbx_label_atom_id 
_atom_site_anisotrop.pdbx_label_alt_id 
_atom_site_anisotrop.pdbx_label_comp_id 
_atom_site_anisotrop.pdbx_label_asym_id 
_atom_site_anisotrop.pdbx_label_seq_id 
_atom_site_anisotrop.pdbx_PDB_ins_code 
_atom_site_anisotrop.U[1][1] 
_atom_site_anisotrop.U[2][2] 
_atom_site_anisotrop.U[3][3] 
_atom_site_anisotrop.U[1][2] 
_atom_site_anisotrop.U[1][3] 
_atom_site_anisotrop.U[2][3] 
_atom_site_anisotrop.pdbx_auth_seq_id 
_atom_site_anisotrop.pdbx_auth_comp_id 
_atom_site_anisotrop.pdbx_auth_asym_id 
_atom_site_anisotrop.pdbx_auth_atom_id 
1   O  "O5'" . DC  A 1  ? 1.4753 1.3292 1.5825 -0.1953 0.1334  0.1708  1   DC  A "O5'" 
2   C  "C5'" . DC  A 1  ? 1.6285 1.5184 1.7901 -0.1752 0.0940  0.1667  1   DC  A "C5'" 
3   C  "C4'" . DC  A 1  ? 1.5862 1.5264 1.8610 -0.1834 0.1000  0.1410  1   DC  A "C4'" 
4   O  "O4'" . DC  A 1  ? 1.7102 1.6205 2.0203 -0.2138 0.1512  0.1292  1   DC  A "O4'" 
5   C  "C3'" . DC  A 1  ? 1.4228 1.3818 1.7377 -0.1693 0.0622  0.1358  1   DC  A "C3'" 
6   O  "O3'" . DC  A 1  ? 1.1902 1.2014 1.5851 -0.1661 0.0382  0.1146  1   DC  A "O3'" 
7   C  "C2'" . DC  A 1  ? 1.2020 1.1182 1.5337 -0.1881 0.0898  0.1346  1   DC  A "C2'" 
8   C  "C1'" . DC  A 1  ? 1.3810 1.2877 1.7438 -0.2169 0.1441  0.1216  1   DC  A "C1'" 
9   N  N1    . DC  A 1  ? 1.2687 1.1020 1.5895 -0.2447 0.1935  0.1277  1   DC  A N1    
10  C  C2    . DC  A 1  ? 1.5299 1.2853 1.7210 -0.2438 0.1940  0.1579  1   DC  A C2    
11  O  O2    . DC  A 1  ? 1.6865 1.4481 1.8208 -0.2172 0.1516  0.1751  1   DC  A O2    
12  N  N3    . DC  A 1  ? 1.4286 1.0975 1.5601 -0.2733 0.2379  0.1655  1   DC  A N3    
13  C  C4    . DC  A 1  ? 1.3909 1.0578 1.5977 -0.3046 0.2894  0.1407  1   DC  A C4    
14  N  N4    . DC  A 1  ? 1.7673 1.3376 1.9021 -0.3388 0.3393  0.1477  1   DC  A N4    
15  C  C5    . DC  A 1  ? 1.4256 1.1828 1.7866 -0.3039 0.2895  0.1056  1   DC  A C5    
16  C  C6    . DC  A 1  ? 1.1958 1.0288 1.6028 -0.2727 0.2365  0.1022  1   DC  A C6    
29  P  P     . DC  A 2  ? 1.1550 1.1973 1.5331 -0.1455 -0.0101 0.1123  2   DC  A P     
30  O  OP1   . DC  A 2  ? 0.9535 0.9789 1.2575 -0.1297 -0.0189 0.1281  2   DC  A OP1   
31  O  OP2   . DC  A 2  ? 0.9151 0.9665 1.3520 -0.1487 -0.0412 0.0940  2   DC  A OP2   
32  O  "O5'" . DC  A 2  ? 1.0673 1.1395 1.4477 -0.1442 -0.0072 0.1091  2   DC  A "O5'" 
33  C  "C5'" . DC  A 2  ? 1.0181 1.0864 1.3319 -0.1373 0.0042  0.1236  2   DC  A "C5'" 
34  C  "C4'" . DC  A 2  ? 1.1802 1.2737 1.5221 -0.1438 0.0182  0.1146  2   DC  A "C4'" 
35  O  "O4'" . DC  A 2  ? 1.1947 1.3197 1.5791 -0.1376 -0.0177 0.1004  2   DC  A "O4'" 
36  C  "C3'" . DC  A 2  ? 1.2078 1.2979 1.4810 -0.1385 0.0282  0.1272  2   DC  A "C3'" 
37  O  "O3'" . DC  A 2  ? 1.1535 1.1993 1.3880 -0.1549 0.0698  0.1363  2   DC  A "O3'" 
38  C  "C2'" . DC  A 2  ? 1.2535 1.3832 1.5659 -0.1367 0.0176  0.1135  2   DC  A "C2'" 
39  C  "C1'" . DC  A 2  ? 1.1166 1.2627 1.4888 -0.1337 -0.0186 0.0991  2   DC  A "C1'" 
40  N  N1    . DC  A 2  ? 0.9564 1.1092 1.2882 -0.1223 -0.0554 0.1001  2   DC  A N1    
41  C  C2    . DC  A 2  ? 0.9330 1.0936 1.2918 -0.1225 -0.0880 0.0877  2   DC  A C2    
42  O  O2    . DC  A 2  ? 1.1087 1.2792 1.5424 -0.1278 -0.0910 0.0747  2   DC  A O2    
43  N  N3    . DC  A 2  ? 1.0633 1.2135 1.3660 -0.1190 -0.1148 0.0877  2   DC  A N3    
44  C  C4    . DC  A 2  ? 1.1597 1.3048 1.4041 -0.1143 -0.1055 0.0940  2   DC  A C4    
45  N  N4    . DC  A 2  ? 1.2776 1.4094 1.4708 -0.1167 -0.1212 0.0876  2   DC  A N4    
46  C  C5    . DC  A 2  ? 1.1713 1.3170 1.4075 -0.1088 -0.0802 0.1045  2   DC  A C5    
47  C  C6    . DC  A 2  ? 1.1769 1.3203 1.4470 -0.1134 -0.0584 0.1099  2   DC  A C6    
59  P  P     . DG  A 3  ? 1.2870 1.3168 1.4693 -0.1652 0.1001  0.1400  3   DG  A P     
60  O  OP1   . DG  A 3  ? 1.0413 0.9957 1.1481 -0.1854 0.1365  0.1533  3   DG  A OP1   
61  O  OP2   . DG  A 3  ? 1.2674 1.3219 1.4098 -0.1447 0.0666  0.1472  3   DG  A OP2   
62  O  "O5'" . DG  A 3  ? 1.1692 1.2384 1.4510 -0.1791 0.1250  0.1127  3   DG  A "O5'" 
63  C  "C5'" . DG  A 3  ? 1.3938 1.4601 1.6691 -0.1940 0.1633  0.1033  3   DG  A "C5'" 
64  C  "C4'" . DG  A 3  ? 1.0976 1.2153 1.4050 -0.1785 0.1355  0.0947  3   DG  A "C4'" 
65  O  "O4'" . DG  A 3  ? 1.3000 1.4510 1.6261 -0.1554 0.0782  0.0980  3   DG  A "O4'" 
66  C  "C3'" . DG  A 3  ? 1.0844 1.1864 1.2980 -0.1759 0.1402  0.1084  3   DG  A "C3'" 
67  O  "O3'" . DG  A 3  ? 0.9637 1.0859 1.2220 -0.1867 0.1682  0.0883  3   DG  A "O3'" 
68  C  "C2'" . DG  A 3  ? 1.3649 1.4979 1.5576 -0.1492 0.0852  0.1187  3   DG  A "C2'" 
69  C  "C1'" . DG  A 3  ? 1.1549 1.3244 1.4402 -0.1433 0.0592  0.1029  3   DG  A "C1'" 
70  N  N9    . DG  A 3  ? 1.1039 1.2861 1.3684 -0.1261 0.0136  0.1092  3   DG  A N9    
71  C  C8    . DG  A 3  ? 1.1551 1.3259 1.3531 -0.1149 -0.0006 0.1232  3   DG  A C8    
72  N  N7    . DG  A 3  ? 1.0907 1.2751 1.2878 -0.1059 -0.0311 0.1186  3   DG  A N7    
73  C  C5    . DG  A 3  ? 1.0635 1.2594 1.3123 -0.1110 -0.0453 0.1057  3   DG  A C5    
74  C  C6    . DG  A 3  ? 0.9746 1.1674 1.2233 -0.1101 -0.0801 0.0973  3   DG  A C6    
75  O  O6    . DG  A 3  ? 1.2175 1.4000 1.4199 -0.1082 -0.0941 0.0965  3   DG  A O6    
76  N  N1    . DG  A 3  ? 1.1763 1.3698 1.4846 -0.1146 -0.0988 0.0856  3   DG  A N1    
77  C  C2    . DG  A 3  ? 1.3438 1.5521 1.7254 -0.1192 -0.0786 0.0770  3   DG  A C2    
78  N  N2    . DG  A 3  ? 1.2931 1.5023 1.7477 -0.1202 -0.1085 0.0606  3   DG  A N2    
79  N  N3    . DG  A 3  ? 1.2174 1.4302 1.5988 -0.1248 -0.0328 0.0813  3   DG  A N3    
80  C  C4    . DG  A 3  ? 1.0541 1.2546 1.3573 -0.1205 -0.0219 0.0985  3   DG  A C4    
92  P  P     . DG  A 4  ? 1.2033 1.2819 1.4509 -0.2207 0.2409  0.0743  4   DG  A P     
93  O  OP1   . DG  A 4  ? 1.0481 1.1234 1.3830 -0.2374 0.2697  0.0554  4   DG  A OP1   
94  O  OP2   . DG  A 4  ? 1.4316 1.4416 1.5292 -0.2291 0.2523  0.0994  4   DG  A OP2   
95  O  "O5'" . DG  A 4  ? 0.9241 1.0460 1.2521 -0.2233 0.2563  0.0466  4   DG  A "O5'" 
96  C  "C5'" . DG  A 4  ? 1.1038 1.2464 1.3861 -0.2059 0.2251  0.0565  4   DG  A "C5'" 
97  C  "C4'" . DG  A 4  ? 1.0564 1.2563 1.4546 -0.1944 0.2034  0.0325  4   DG  A "C4'" 
98  O  "O4'" . DG  A 4  ? 1.0064 1.2320 1.3867 -0.1671 0.1366  0.0489  4   DG  A "O4'" 
99  C  "C3'" . DG  A 4  ? 1.1906 1.3944 1.5775 -0.2020 0.2307  0.0200  4   DG  A "C3'" 
100 O  "O3'" . DG  A 4  ? 1.0534 1.3017 1.5728 -0.1956 0.2187  -0.0098 4   DG  A "O3'" 
101 C  "C2'" . DG  A 4  ? 1.4133 1.6165 1.6945 -0.1825 0.1874  0.0484  4   DG  A "C2'" 
102 C  "C1'" . DG  A 4  ? 1.1536 1.3862 1.4754 -0.1599 0.1275  0.0557  4   DG  A "C1'" 
103 N  N9    . DG  A 4  ? 1.1424 1.3707 1.3805 -0.1437 0.0889  0.0800  4   DG  A N9    
104 C  C8    . DG  A 4  ? 1.2654 1.4624 1.4200 -0.1425 0.0889  0.1003  4   DG  A C8    
105 N  N7    . DG  A 4  ? 1.1496 1.3585 1.2708 -0.1256 0.0499  0.1108  4   DG  A N7    
106 C  C5    . DG  A 4  ? 1.1738 1.4152 1.3409 -0.1190 0.0269  0.0994  4   DG  A C5    
107 C  C6    . DG  A 4  ? 1.2840 1.5396 1.4337 -0.1080 -0.0080 0.1000  4   DG  A C6    
108 O  O6    . DG  A 4  ? 1.0657 1.3194 1.1735 -0.1005 -0.0222 0.1065  4   DG  A O6    
109 N  N1    . DG  A 4  ? 1.2751 1.5415 1.4648 -0.1083 -0.0256 0.0885  4   DG  A N1    
110 C  C2    . DG  A 4  ? 1.1340 1.4065 1.3938 -0.1135 -0.0169 0.0750  4   DG  A C2    
111 N  N2    . DG  A 4  ? 1.2084 1.4818 1.4997 -0.1104 -0.0485 0.0655  4   DG  A N2    
112 N  N3    . DG  A 4  ? 1.0045 1.2753 1.3021 -0.1234 0.0209  0.0684  4   DG  A N3    
113 C  C4    . DG  A 4  ? 1.0189 1.2703 1.2575 -0.1277 0.0440  0.0824  4   DG  A C4    
125 P  P     . DT  A 5  ? 1.2614 1.5139 1.8439 -0.2158 0.2774  -0.0448 5   DT  A P     
126 O  OP1   . DT  A 5  ? 1.1112 1.3726 1.8348 -0.2345 0.3200  -0.0837 5   DT  A OP1   
127 O  OP2   . DT  A 5  ? 1.3501 1.5575 1.7906 -0.2325 0.3185  -0.0294 5   DT  A OP2   
128 O  "O5'" . DT  A 5  ? 1.0187 1.3148 1.6778 -0.1913 0.2221  -0.0553 5   DT  A "O5'" 
129 C  "C5'" . DT  A 5  ? 1.0345 1.3562 1.7934 -0.1710 0.1575  -0.0620 5   DT  A "C5'" 
130 C  "C4'" . DT  A 5  ? 0.9173 1.2464 1.6357 -0.1484 0.0937  -0.0464 5   DT  A "C4'" 
131 O  "O4'" . DT  A 5  ? 0.8472 1.1595 1.4227 -0.1416 0.0743  -0.0091 5   DT  A "O4'" 
132 C  "C3'" . DT  A 5  ? 0.7070 1.0441 1.4275 -0.1516 0.1175  -0.0599 5   DT  A "C3'" 
133 O  "O3'" . DT  A 5  ? 0.6347 0.9827 1.4268 -0.1336 0.0582  -0.0711 5   DT  A "O3'" 
134 C  "C2'" . DT  A 5  ? 0.7994 1.1189 1.3600 -0.1525 0.1264  -0.0275 5   DT  A "C2'" 
135 C  "C1'" . DT  A 5  ? 0.8687 1.1821 1.3746 -0.1375 0.0715  -0.0006 5   DT  A "C1'" 
136 N  N1    . DT  A 5  ? 0.8985 1.1965 1.2744 -0.1362 0.0731  0.0286  5   DT  A N1    
137 C  C2    . DT  A 5  ? 0.9752 1.2732 1.2973 -0.1227 0.0259  0.0449  5   DT  A C2    
138 O  O2    . DT  A 5  ? 0.9122 1.2102 1.2646 -0.1147 -0.0163 0.0404  5   DT  A O2    
139 N  N3    . DT  A 5  ? 1.0759 1.3650 1.3051 -0.1210 0.0293  0.0641  5   DT  A N3    
140 C  C4    . DT  A 5  ? 1.0211 1.2922 1.1953 -0.1292 0.0628  0.0730  5   DT  A C4    
141 O  O4    . DT  A 5  ? 1.2456 1.5074 1.3496 -0.1232 0.0502  0.0881  5   DT  A O4    
142 C  C5    . DT  A 5  ? 0.9316 1.1884 1.1382 -0.1469 0.1112  0.0598  5   DT  A C5    
143 C  C7    . DT  A 5  ? 1.1072 1.3193 1.2290 -0.1626 0.1488  0.0701  5   DT  A C7    
144 C  C6    . DT  A 5  ? 1.0532 1.3288 1.3645 -0.1505 0.1194  0.0361  5   DT  A C6    
157 P  P     . DA  A 6  ? 0.9338 1.2965 1.8062 -0.1351 0.0774  -0.1019 6   DA  A P     
158 O  OP1   . DA  A 6  ? 1.2713 1.6536 2.3316 -0.1364 0.0817  -0.1466 6   DA  A OP1   
159 O  OP2   . DA  A 6  ? 0.9415 1.2977 1.7190 -0.1528 0.1451  -0.0968 6   DA  A OP2   
160 O  "O5'" . DA  A 6  ? 0.8616 1.2106 1.6890 -0.1140 -0.0003 -0.0843 6   DA  A "O5'" 
161 C  "C5'" . DA  A 6  ? 1.0171 1.3458 1.6958 -0.1092 -0.0288 -0.0458 6   DA  A "C5'" 
162 C  "C4'" . DA  A 6  ? 0.8785 1.1968 1.4868 -0.1042 -0.0475 -0.0363 6   DA  A "C4'" 
163 O  "O4'" . DA  A 6  ? 1.1896 1.5105 1.6732 -0.1117 -0.0124 -0.0148 6   DA  A "O4'" 
164 C  "C3'" . DA  A 6  ? 0.7729 1.1039 1.4650 -0.1043 -0.0304 -0.0644 6   DA  A "C3'" 
165 O  "O3'" . DA  A 6  ? 0.9813 1.2848 1.6523 -0.0923 -0.0934 -0.0580 6   DA  A "O3'" 
166 C  "C2'" . DA  A 6  ? 0.9070 1.2491 1.5174 -0.1188 0.0363  -0.0597 6   DA  A "C2'" 
167 C  "C1'" . DA  A 6  ? 0.9078 1.2367 1.3788 -0.1165 0.0170  -0.0244 6   DA  A "C1'" 
168 N  N9    . DA  A 6  ? 1.0225 1.3527 1.3972 -0.1276 0.0630  -0.0111 6   DA  A N9    
169 C  C8    . DA  A 6  ? 1.0276 1.3539 1.3966 -0.1441 0.1225  -0.0199 6   DA  A C8    
170 N  N7    . DA  A 6  ? 0.9828 1.2935 1.2399 -0.1502 0.1378  -0.0010 6   DA  A N7    
171 C  C5    . DA  A 6  ? 0.8513 1.1688 1.0574 -0.1359 0.0907  0.0171  6   DA  A C5    
172 C  C6    . DA  A 6  ? 1.0537 1.3665 1.1651 -0.1328 0.0780  0.0354  6   DA  A C6    
173 N  N6    . DA  A 6  ? 1.2778 1.5708 1.3169 -0.1408 0.1003  0.0435  6   DA  A N6    
174 N  N1    . DA  A 6  ? 1.1571 1.4781 1.2505 -0.1229 0.0397  0.0423  6   DA  A N1    
175 C  C2    . DA  A 6  ? 1.1480 1.4675 1.2903 -0.1180 0.0112  0.0367  6   DA  A C2    
176 N  N3    . DA  A 6  ? 1.0454 1.3632 1.2721 -0.1168 0.0065  0.0232  6   DA  A N3    
177 C  C4    . DA  A 6  ? 0.8008 1.1253 1.0681 -0.1250 0.0495  0.0116  6   DA  A C4    
189 P  P     . DC  A 7  ? 1.0653 1.3680 1.8387 -0.0848 -0.1096 -0.0864 7   DC  A P     
190 O  OP1   . DC  A 7  ? 1.2326 1.5047 2.0974 -0.0695 -0.1901 -0.0970 7   DC  A OP1   
191 O  OP2   . DC  A 7  ? 0.9765 1.3173 1.8224 -0.0973 -0.0299 -0.1154 7   DC  A OP2   
192 O  "O5'" . DC  A 7  ? 1.1709 1.4475 1.8207 -0.0845 -0.1280 -0.0652 7   DC  A "O5'" 
193 C  "C5'" . DC  A 7  ? 1.1346 1.4335 1.7142 -0.0956 -0.0679 -0.0619 7   DC  A "C5'" 
194 C  "C4'" . DC  A 7  ? 1.1236 1.4023 1.5573 -0.0991 -0.0827 -0.0320 7   DC  A "C4'" 
195 O  "O4'" . DC  A 7  ? 1.4113 1.7082 1.7769 -0.1065 -0.0476 -0.0161 7   DC  A "O4'" 
196 C  "C3'" . DC  A 7  ? 1.2366 1.5159 1.6165 -0.1038 -0.0646 -0.0331 7   DC  A "C3'" 
197 O  "O3'" . DC  A 7  ? 1.0660 1.3024 1.4411 -0.0978 -0.1198 -0.0325 7   DC  A "O3'" 
198 C  "C2'" . DC  A 7  ? 1.2316 1.5162 1.4916 -0.1118 -0.0470 -0.0113 7   DC  A "C2'" 
199 C  "C1'" . DC  A 7  ? 1.3686 1.6710 1.6372 -0.1130 -0.0255 -0.0051 7   DC  A "C1'" 
200 N  N1    . DC  A 7  ? 1.2477 1.5722 1.5099 -0.1219 0.0307  -0.0109 7   DC  A N1    
201 C  C2    . DC  A 7  ? 1.1825 1.5100 1.3527 -0.1265 0.0459  0.0053  7   DC  A C2    
202 O  O2    . DC  A 7  ? 1.1670 1.4904 1.2834 -0.1228 0.0185  0.0189  7   DC  A O2    
203 N  N3    . DC  A 7  ? 1.0159 1.3423 1.1569 -0.1371 0.0890  0.0030  7   DC  A N3    
204 C  C4    . DC  A 7  ? 1.0849 1.4085 1.2815 -0.1474 0.1290  -0.0172 7   DC  A C4    
205 N  N4    . DC  A 7  ? 0.9295 1.2329 1.0703 -0.1640 0.1745  -0.0187 7   DC  A N4    
206 C  C5    . DC  A 7  ? 1.0448 1.3781 1.3574 -0.1428 0.1229  -0.0396 7   DC  A C5    
207 C  C6    . DC  A 7  ? 0.7520 1.0850 1.0950 -0.1278 0.0671  -0.0344 7   DC  A C6    
219 P  P     . DC  A 8  ? 1.2004 1.4324 1.6423 -0.0934 -0.1226 -0.0547 8   DC  A P     
220 O  OP1   . DC  A 8  ? 1.0678 1.2598 1.5973 -0.0796 -0.1906 -0.0652 8   DC  A OP1   
221 O  OP2   . DC  A 8  ? 0.7158 0.9964 1.2110 -0.1002 -0.0516 -0.0761 8   DC  A OP2   
222 O  "O5'" . DC  A 8  ? 1.5547 1.7545 1.8743 -0.1013 -0.1341 -0.0383 8   DC  A "O5'" 
223 C  "C5'" . DC  A 8  ? 1.2482 1.4530 1.4492 -0.1134 -0.1127 -0.0185 8   DC  A "C5'" 
224 C  "C4'" . DC  A 8  ? 1.1800 1.3893 1.3214 -0.1224 -0.0884 -0.0208 8   DC  A "C4'" 
225 O  "O4'" . DC  A 8  ? 1.1108 1.3688 1.2288 -0.1278 -0.0369 -0.0216 8   DC  A "O4'" 
226 C  "C3'" . DC  A 8  ? 0.9942 1.1961 1.1929 -0.1182 -0.0906 -0.0391 8   DC  A "C3'" 
227 O  "O3'" . DC  A 8  ? 0.9509 1.0868 1.1127 -0.1190 -0.1428 -0.0332 8   DC  A "O3'" 
228 C  "C2'" . DC  A 8  ? 0.9806 1.2135 1.1297 -0.1285 -0.0431 -0.0435 8   DC  A "C2'" 
229 C  "C1'" . DC  A 8  ? 0.9983 1.2665 1.1046 -0.1332 -0.0123 -0.0331 8   DC  A "C1'" 
230 N  N1    . DC  A 8  ? 1.1083 1.4094 1.2429 -0.1360 0.0348  -0.0442 8   DC  A N1    
231 C  C2    . DC  A 8  ? 1.1561 1.4745 1.2237 -0.1426 0.0586  -0.0351 8   DC  A C2    
232 O  O2    . DC  A 8  ? 1.1874 1.5058 1.1979 -0.1433 0.0411  -0.0221 8   DC  A O2    
233 N  N3    . DC  A 8  ? 1.0587 1.3850 1.1240 -0.1502 0.0996  -0.0432 8   DC  A N3    
234 C  C4    . DC  A 8  ? 0.9659 1.2902 1.1008 -0.1540 0.1284  -0.0641 8   DC  A C4    
235 N  N4    . DC  A 8  ? 1.2310 1.5485 1.3435 -0.1688 0.1771  -0.0738 8   DC  A N4    
236 C  C5    . DC  A 8  ? 1.0651 1.3862 1.2951 -0.1448 0.1075  -0.0789 8   DC  A C5    
237 C  C6    . DC  A 8  ? 1.1209 1.4269 1.3428 -0.1345 0.0551  -0.0660 8   DC  A C6    
249 P  P     . DG  A 9  ? 1.1549 1.2633 1.3724 -0.1124 -0.1644 -0.0500 9   DG  A P     
250 O  OP1   . DG  A 9  ? 1.1073 1.1307 1.3094 -0.1076 -0.2410 -0.0411 9   DG  A OP1   
251 O  OP2   . DG  A 9  ? 0.9956 1.1597 1.3390 -0.1033 -0.1267 -0.0768 9   DG  A OP2   
252 O  "O5'" . DG  A 9  ? 0.9532 1.0583 1.0738 -0.1283 -0.1354 -0.0464 9   DG  A "O5'" 
253 C  "C5'" . DG  A 9  ? 1.0414 1.1180 1.0405 -0.1458 -0.1349 -0.0294 9   DG  A "C5'" 
254 C  "C4'" . DG  A 9  ? 1.0812 1.1839 1.0333 -0.1586 -0.0932 -0.0364 9   DG  A "C4'" 
255 O  "O4'" . DG  A 9  ? 1.0507 1.2241 1.0098 -0.1587 -0.0475 -0.0392 9   DG  A "O4'" 
256 C  "C3'" . DG  A 9  ? 1.3407 1.4446 1.3400 -0.1542 -0.0865 -0.0533 9   DG  A "C3'" 
257 O  "O3'" . DG  A 9  ? 1.3332 1.3648 1.2795 -0.1631 -0.1184 -0.0507 9   DG  A "O3'" 
258 C  "C2'" . DG  A 9  ? 1.1699 1.3303 1.1442 -0.1633 -0.0336 -0.0617 9   DG  A "C2'" 
259 C  "C1'" . DG  A 9  ? 0.9895 1.1948 0.9591 -0.1615 -0.0137 -0.0537 9   DG  A "C1'" 
260 N  N9    . DG  A 9  ? 1.0233 1.2686 1.0592 -0.1530 0.0137  -0.0633 9   DG  A N9    
261 C  C8    . DG  A 9  ? 1.0038 1.2474 1.1328 -0.1429 0.0119  -0.0771 9   DG  A C8    
262 N  N7    . DG  A 9  ? 1.0563 1.3326 1.2211 -0.1440 0.0518  -0.0871 9   DG  A N7    
263 C  C5    . DG  A 9  ? 1.0925 1.3872 1.1741 -0.1528 0.0713  -0.0748 9   DG  A C5    
264 C  C6    . DG  A 9  ? 1.1579 1.4710 1.2139 -0.1597 0.1083  -0.0754 9   DG  A C6    
265 O  O6    . DG  A 9  ? 1.1929 1.5083 1.2879 -0.1643 0.1427  -0.0881 9   DG  A O6    
266 N  N1    . DG  A 9  ? 1.2356 1.5561 1.2101 -0.1640 0.1027  -0.0618 9   DG  A N1    
267 C  C2    . DG  A 9  ? 1.1667 1.4862 1.1035 -0.1642 0.0763  -0.0544 9   DG  A C2    
268 N  N2    . DG  A 9  ? 1.2659 1.5994 1.1502 -0.1675 0.0745  -0.0491 9   DG  A N2    
269 N  N3    . DG  A 9  ? 1.2552 1.5534 1.2040 -0.1634 0.0533  -0.0549 9   DG  A N3    
270 C  C4    . DG  A 9  ? 0.9697 1.2526 0.9851 -0.1565 0.0473  -0.0625 9   DG  A C4    
282 P  P     . DG  A 10 ? 1.4404 1.4618 1.4344 -0.1583 -0.1186 -0.0685 10  DG  A P     
283 O  OP1   . DG  A 10 ? 1.4881 1.4325 1.5158 -0.1467 -0.1845 -0.0669 10  DG  A OP1   
284 O  OP2   . DG  A 10 ? 1.5559 1.6556 1.6317 -0.1504 -0.0694 -0.0879 10  DG  A OP2   
285 O  "O5'" . DG  A 10 ? 1.5660 1.5619 1.4547 -0.1818 -0.0993 -0.0663 10  DG  A "O5'" 
286 C  "C5'" . DG  A 10 ? 1.4026 1.4611 1.2827 -0.1905 -0.0463 -0.0788 10  DG  A "C5'" 
287 C  "C4'" . DG  A 10 ? 1.5992 1.6586 1.5196 -0.1878 -0.0354 -0.0973 10  DG  A "C4'" 
288 O  "O4'" . DG  A 10 ? 1.4958 1.6279 1.4531 -0.1857 0.0120  -0.1118 10  DG  A "O4'" 
289 C  "C3'" . DG  A 10 ? 1.5009 1.5229 1.5073 -0.1698 -0.0722 -0.1062 10  DG  A "C3'" 
290 O  "O3'" . DG  A 10 ? 1.2956 1.2332 1.2622 -0.1750 -0.1131 -0.1026 10  DG  A "O3'" 
291 C  "C2'" . DG  A 10 ? 1.2354 1.3094 1.3149 -0.1654 -0.0288 -0.1326 10  DG  A "C2'" 
292 C  "C1'" . DG  A 10 ? 1.3746 1.5150 1.4198 -0.1746 0.0217  -0.1322 10  DG  A "C1'" 
293 N  N9    . DG  A 10 ? 1.2541 1.4359 1.3629 -0.1652 0.0420  -0.1372 10  DG  A N9    
294 C  C8    . DG  A 10 ? 1.1852 1.3631 1.3945 -0.1498 0.0252  -0.1457 10  DG  A C8    
295 N  N7    . DG  A 10 ? 1.2272 1.4451 1.4696 -0.1495 0.0588  -0.1509 10  DG  A N7    
296 C  C5    . DG  A 10 ? 1.3989 1.6413 1.5489 -0.1640 0.0928  -0.1426 10  DG  A C5    
297 C  C6    . DG  A 10 ? 1.5239 1.7959 1.6456 -0.1716 0.1311  -0.1413 10  DG  A C6    
298 O  O6    . DG  A 10 ? 1.6125 1.8965 1.7830 -0.1704 0.1530  -0.1480 10  DG  A O6    
299 N  N1    . DG  A 10 ? 1.5548 1.8352 1.5806 -0.1831 0.1407  -0.1326 10  DG  A N1    
300 C  C2    . DG  A 10 ? 1.5898 1.8609 1.5661 -0.1885 0.1244  -0.1299 10  DG  A C2    
301 N  N2    . DG  A 10 ? 1.5775 1.8634 1.4827 -0.1986 0.1336  -0.1273 10  DG  A N2    
302 N  N3    . DG  A 10 ? 1.3266 1.5693 1.3223 -0.1854 0.0986  -0.1314 10  DG  A N3    
303 C  C4    . DG  A 10 ? 1.1754 1.4009 1.2524 -0.1724 0.0807  -0.1360 10  DG  A C4    
316 C  C11   . V7F B .  ? 1.2284 1.2882 1.6275 -0.1391 -0.2381 0.0531  101 V7F A C11   
317 C  C12   . V7F B .  ? 1.2270 1.3226 1.8640 -0.1412 -0.2552 0.0210  101 V7F A C12   
318 C  C13   . V7F B .  ? 1.0911 1.1777 1.9091 -0.1732 -0.1808 -0.0030 101 V7F A C13   
319 C  C14   . V7F B .  ? 1.1147 1.2457 1.7388 -0.1858 0.0646  0.0490  101 V7F A C14   
320 C  C15   . V7F B .  ? 1.2266 1.2790 1.8415 -0.1636 -0.1610 0.0362  101 V7F A C15   
321 C  C16   . V7F B .  ? 1.1939 1.3637 1.7986 -0.1743 0.0591  0.0463  101 V7F A C16   
322 C  C17   . V7F B .  ? 1.0227 1.1176 1.3628 -0.1307 -0.1457 0.0770  101 V7F A C17   
323 C  C18   . V7F B .  ? 1.0377 1.2387 1.6647 -0.1475 -0.0392 0.0394  101 V7F A C18   
324 C  C19   . V7F B .  ? 1.2580 1.3341 1.8504 -0.1570 -0.1444 0.0441  101 V7F A C19   
325 C  C20   . V7F B .  ? 1.0163 1.1974 1.9581 -0.1646 -0.1299 -0.0262 101 V7F A C20   
326 C  C21   . V7F B .  ? 1.2453 1.2985 1.8036 -0.1397 -0.3094 0.0248  101 V7F A C21   
327 C  C22   . V7F B .  ? 1.2282 1.3383 1.6587 -0.1372 -0.0797 0.0836  101 V7F A C22   
328 C  C23   . V7F B .  ? 0.7822 0.9329 1.8174 -0.1753 -0.1757 -0.0475 101 V7F A C23   
329 C  C24   . V7F B .  ? 0.6830 0.8666 1.8354 -0.1762 -0.1695 -0.0740 101 V7F A C24   
330 C  C25   . V7F B .  ? 1.2591 1.2918 1.6931 -0.1413 -0.2963 0.0406  101 V7F A C25   
331 C  C26   . V7F B .  ? 1.1794 1.2763 1.7940 -0.2001 0.0960  0.0530  101 V7F A C26   
332 C  C29   . V7F B .  ? 1.1719 1.2430 1.4544 -0.1340 -0.1767 0.0717  101 V7F A C29   
333 C  C30   . V7F B .  ? 1.3554 1.5322 1.9341 -0.1776 0.0866  0.0459  101 V7F A C30   
334 C  C31   . V7F B .  ? 1.2378 1.2855 1.5357 -0.1396 -0.2205 0.0626  101 V7F A C31   
335 C  C32   . V7F B .  ? 1.3908 1.4475 1.9546 -0.2210 0.1574  0.0597  101 V7F A C32   
336 C  C33   . V7F B .  ? 1.0081 1.1098 1.3208 -0.1247 -0.1118 0.0887  101 V7F A C33   
337 C  C34   . V7F B .  ? 1.3134 1.4176 1.6647 -0.1271 -0.0835 0.0945  101 V7F A C34   
338 C  C35   . V7F B .  ? 1.1309 1.3454 1.7422 -0.1490 -0.0099 0.0394  101 V7F A C35   
339 C  C36   . V7F B .  ? 1.2370 1.3339 1.7817 -0.2111 0.1569  0.0560  101 V7F A C36   
340 C  C37   . V7F B .  ? 1.2383 1.4424 1.8267 -0.1638 0.0527  0.0419  101 V7F A C37   
341 C  C38   . V7F B .  ? 1.4039 1.4570 1.9276 -0.2274 0.1870  0.0612  101 V7F A C38   
342 C  C01   . V7F B .  ? 1.0900 1.1833 1.5635 -0.1383 -0.1975 0.0528  101 V7F A C01   
343 C  C02   . V7F B .  ? 1.0778 1.2625 1.7081 -0.1588 -0.0039 0.0421  101 V7F A C02   
344 C  C03   . V7F B .  ? 0.9717 1.1421 1.6192 -0.1578 -0.0334 0.0410  101 V7F A C03   
345 C  C04   . V7F B .  ? 0.8834 1.0210 1.7693 -0.1683 -0.1568 -0.0141 101 V7F A C04   
346 C  C05   . V7F B .  ? 1.0532 1.2504 2.1518 -0.1710 -0.1447 -0.0619 101 V7F A C05   
347 C  C06   . V7F B .  ? 1.1703 1.2266 1.8904 -0.1718 -0.1797 0.0146  101 V7F A C06   
348 C  C07   . V7F B .  ? 0.9759 1.1252 1.6277 -0.1699 0.0006  0.0436  101 V7F A C07   
349 C  C08   . V7F B .  ? 1.0488 1.1526 1.4787 -0.1356 -0.1507 0.0673  101 V7F A C08   
350 C  C09   . V7F B .  ? 1.1803 1.3168 1.7755 -0.1895 0.0940  0.0504  101 V7F A C09   
351 C  C10   . V7F B .  ? 0.9782 1.0855 1.7622 -0.1667 -0.1599 0.0067  101 V7F A C10   
352 C  C27   . V7F B .  ? 0.9782 1.0765 1.9365 -0.1806 -0.2014 -0.0338 101 V7F A C27   
353 C  C28   . V7F B .  ? 0.8832 1.0138 1.9520 -0.1812 -0.1997 -0.0566 101 V7F A C28   
354 N  N01   . V7F B .  ? 1.0140 1.1155 1.6826 -0.1589 -0.1433 0.0310  101 V7F A N01   
355 N  N02   . V7F B .  ? 0.9345 1.0727 1.6036 -0.1678 -0.0313 0.0407  101 V7F A N02   
356 N  N03   . V7F B .  ? 1.0179 1.1265 1.6030 -0.1420 -0.2000 0.0369  101 V7F A N03   
357 N  N04   . V7F B .  ? 0.9159 1.0813 1.5665 -0.1490 -0.0904 0.0373  101 V7F A N04   
358 N  N05   . V7F B .  ? 1.0666 1.1827 1.5498 -0.1400 -0.1136 0.0677  101 V7F A N05   
359 N  N06   . V7F B .  ? 0.9294 1.0829 1.7693 -0.1626 -0.1356 -0.0033 101 V7F A N06   
360 RU RU01  . V7F B .  ? 1.1890 1.3230 1.8357 -0.1520 -0.1182 0.0376  101 V7F A RU01  
387 C  C11   . V7F C .  ? 0.7218 1.0118 1.5635 -0.1026 -0.1457 -0.0429 102 V7F A C11   
388 C  C12   . V7F C .  ? 0.7185 0.9695 1.5376 -0.1028 -0.2040 -0.0272 102 V7F A C12   
389 C  C13   . V7F C .  ? 1.0630 1.0903 1.5532 -0.1018 -0.4339 0.0196  102 V7F A C13   
390 C  C14   . V7F C .  ? 1.0413 1.2401 1.2623 -0.1114 -0.1344 0.0789  102 V7F A C14   
391 C  C15   . V7F C .  ? 1.0951 1.1300 1.5386 -0.0976 -0.4172 0.0237  102 V7F A C15   
392 C  C16   . V7F C .  ? 1.0522 1.2881 1.3087 -0.1095 -0.0642 0.0877  102 V7F A C16   
393 C  C17   . V7F C .  ? 0.9305 1.2025 1.5111 -0.1020 -0.1291 0.0049  102 V7F A C17   
394 C  C18   . V7F C .  ? 0.8986 1.1498 1.2765 -0.1224 -0.0173 0.0683  102 V7F A C18   
395 C  C19   . V7F C .  ? 1.2419 1.3504 1.7075 -0.0982 -0.3355 0.0256  102 V7F A C19   
396 C  C20   . V7F C .  ? 0.9041 1.0964 1.4554 -0.1118 -0.2065 0.0315  102 V7F A C20   
397 C  C21   . V7F C .  ? 0.7722 1.0537 1.7437 -0.1034 -0.1869 -0.0620 102 V7F A C21   
398 C  C22   . V7F C .  ? 1.1488 1.3762 1.5192 -0.1044 -0.1559 0.0470  102 V7F A C22   
399 C  C23   . V7F C .  ? 0.7375 0.8312 1.2931 -0.1081 -0.3559 0.0191  102 V7F A C23   
400 C  C24   . V7F C .  ? 0.7197 0.8422 1.3035 -0.1120 -0.3134 0.0198  102 V7F A C24   
401 C  C25   . V7F C .  ? 0.7233 1.0239 1.7071 -0.1037 -0.1558 -0.0707 102 V7F A C25   
402 C  C26   . V7F C .  ? 1.0668 1.2308 1.2158 -0.1178 -0.1571 0.0784  102 V7F A C26   
403 C  C29   . V7F C .  ? 0.8832 1.1788 1.5910 -0.1028 -0.1100 -0.0246 102 V7F A C29   
404 C  C30   . V7F C .  ? 1.0925 1.3263 1.3145 -0.1092 -0.0342 0.0988  102 V7F A C30   
405 C  C31   . V7F C .  ? 0.9754 1.2809 1.8131 -0.1034 -0.1158 -0.0494 102 V7F A C31   
406 C  C32   . V7F C .  ? 1.0463 1.2101 1.1389 -0.1203 -0.1374 0.0798  102 V7F A C32   
407 C  C33   . V7F C .  ? 1.1349 1.4004 1.5994 -0.1025 -0.1215 0.0238  102 V7F A C33   
408 C  C34   . V7F C .  ? 1.4034 1.6486 1.7694 -0.1037 -0.1346 0.0434  102 V7F A C34   
409 C  C35   . V7F C .  ? 1.0470 1.2844 1.3656 -0.1273 0.0176  0.0820  102 V7F A C35   
410 C  C36   . V7F C .  ? 1.1082 1.3252 1.2597 -0.1061 -0.0911 0.0919  102 V7F A C36   
411 C  C37   . V7F C .  ? 0.8914 1.1193 1.1333 -0.1182 0.0022  0.0987  102 V7F A C37   
412 C  C38   . V7F C .  ? 1.0174 1.2132 1.1231 -0.1118 -0.1076 0.0855  102 V7F A C38   
413 C  C01   . V7F C .  ? 0.5738 0.8363 1.2783 -0.1018 -0.1653 -0.0110 102 V7F A C01   
414 C  C02   . V7F C .  ? 1.0014 1.2451 1.3388 -0.1136 -0.0625 0.0738  102 V7F A C02   
415 C  C03   . V7F C .  ? 0.9107 1.1446 1.2857 -0.1112 -0.1088 0.0624  102 V7F A C03   
416 C  C04   . V7F C .  ? 0.8536 0.9809 1.3900 -0.1056 -0.3131 0.0237  102 V7F A C04   
417 C  C05   . V7F C .  ? 0.9534 1.1228 1.5342 -0.1139 -0.2396 0.0264  102 V7F A C05   
418 C  C06   . V7F C .  ? 1.3928 1.3844 1.8438 -0.0997 -0.4671 0.0212  102 V7F A C06   
419 C  C07   . V7F C .  ? 0.5917 0.7949 0.8969 -0.1105 -0.1495 0.0678  102 V7F A C07   
420 C  C08   . V7F C .  ? 0.7781 1.0332 1.3581 -0.1018 -0.1545 0.0107  102 V7F A C08   
421 C  C09   . V7F C .  ? 1.1114 1.3317 1.3206 -0.1081 -0.0969 0.0872  102 V7F A C09   
422 C  C10   . V7F C .  ? 0.8572 0.9563 1.3659 -0.1021 -0.3504 0.0230  102 V7F A C10   
423 C  C27   . V7F C .  ? 0.8008 0.7878 1.3027 -0.1047 -0.4810 0.0157  102 V7F A C27   
424 C  C28   . V7F C .  ? 0.9144 0.9375 1.4515 -0.1075 -0.4422 0.0147  102 V7F A C28   
425 N  N01   . V7F C .  ? 0.8121 0.9467 1.3042 -0.1006 -0.3051 0.0263  102 V7F A N01   
426 N  N02   . V7F C .  ? 0.6587 0.8371 0.9919 -0.1102 -0.1945 0.0587  102 V7F A N02   
427 N  N03   . V7F C .  ? 0.7297 0.9724 1.4224 -0.1025 -0.1914 -0.0040 102 V7F A N03   
428 N  N04   . V7F C .  ? 0.8497 1.0906 1.3175 -0.1113 -0.1198 0.0446  102 V7F A N04   
429 N  N05   . V7F C .  ? 0.9598 1.1914 1.4316 -0.1031 -0.1676 0.0324  102 V7F A N05   
430 N  N06   . V7F C .  ? 0.7799 0.9568 1.3146 -0.1075 -0.2403 0.0293  102 V7F A N06   
431 RU RU01  . V7F C .  ? 1.1624 1.3677 1.6592 -0.1049 -0.2018 0.0330  102 V7F A RU01  
458 C  C11   . V7F D .  ? 1.2970 1.2689 0.9351 -0.1888 0.1362  0.1379  103 V7F A C11   
459 C  C12   . V7F D .  ? 1.4630 1.5098 1.1366 -0.1822 0.1354  0.1127  103 V7F A C12   
460 C  C13   . V7F D .  ? 1.2940 1.4682 1.0230 -0.0977 -0.0534 0.1130  103 V7F A C13   
461 C  C14   . V7F D .  ? 1.0761 1.3783 1.0867 -0.1091 0.0093  0.0814  103 V7F A C14   
462 C  C15   . V7F D .  ? 1.3220 1.4787 1.0824 -0.0841 -0.0735 0.1277  103 V7F A C15   
463 C  C16   . V7F D .  ? 1.1495 1.4528 1.2643 -0.1199 0.0362  0.0633  103 V7F A C16   
464 C  C17   . V7F D .  ? 1.2625 1.3328 1.0487 -0.1436 0.0703  0.1441  103 V7F A C17   
465 C  C18   . V7F D .  ? 1.1398 1.4161 1.2830 -0.1443 0.1116  0.0501  103 V7F A C18   
466 C  C19   . V7F D .  ? 1.3504 1.5128 1.1289 -0.0992 -0.0293 0.1284  103 V7F A C19   
467 C  C20   . V7F D .  ? 1.3466 1.5550 1.1766 -0.1456 0.0889  0.0832  103 V7F A C20   
468 C  C21   . V7F D .  ? 1.3817 1.3404 0.9612 -0.2101 0.1717  0.1185  103 V7F A C21   
469 C  C22   . V7F D .  ? 1.3300 1.5251 1.2351 -0.1122 0.0234  0.1238  103 V7F A C22   
470 C  C23   . V7F D .  ? 1.3011 1.4956 1.0313 -0.1254 0.0157  0.0950  103 V7F A C23   
471 C  C24   . V7F D .  ? 1.3753 1.5797 1.1195 -0.1382 0.0499  0.0829  103 V7F A C24   
472 C  C25   . V7F D .  ? 1.3357 1.2542 0.8938 -0.2144 0.1725  0.1315  103 V7F A C25   
473 C  C26   . V7F D .  ? 1.1732 1.4856 1.1610 -0.1026 -0.0119 0.0808  103 V7F A C26   
474 C  C29   . V7F D .  ? 1.2815 1.2694 0.9844 -0.1673 0.1009  0.1536  103 V7F A C29   
475 C  C30   . V7F D .  ? 1.1809 1.4912 1.3728 -0.1194 0.0273  0.0485  103 V7F A C30   
476 C  C31   . V7F D .  ? 1.3405 1.2767 0.9668 -0.1906 0.1337  0.1506  103 V7F A C31   
477 C  C32   . V7F D .  ? 1.1657 1.4845 1.1625 -0.1043 -0.0257 0.0724  103 V7F A C32   
478 C  C33   . V7F D .  ? 1.3693 1.4820 1.2206 -0.1251 0.0417  0.1442  103 V7F A C33   
479 C  C34   . V7F D .  ? 1.4222 1.5946 1.3289 -0.1108 0.0200  0.1332  103 V7F A C34   
480 C  C35   . V7F D .  ? 1.1046 1.4022 1.3473 -0.1420 0.1062  0.0303  103 V7F A C35   
481 C  C36   . V7F D .  ? 1.2224 1.5316 1.2886 -0.1097 -0.0187 0.0679  103 V7F A C36   
482 C  C37   . V7F D .  ? 1.0397 1.3516 1.3039 -0.1277 0.0578  0.0317  103 V7F A C37   
483 C  C38   . V7F D .  ? 1.1244 1.4350 1.1485 -0.1086 -0.0310 0.0687  103 V7F A C38   
484 C  C01   . V7F D .  ? 1.2832 1.3398 1.0080 -0.1636 0.1038  0.1299  103 V7F A C01   
485 C  C02   . V7F D .  ? 1.0569 1.3409 1.1471 -0.1304 0.0726  0.0657  103 V7F A C02   
486 C  C03   . V7F D .  ? 1.1474 1.4103 1.1552 -0.1290 0.0685  0.0817  103 V7F A C03   
487 C  C04   . V7F D .  ? 1.2684 1.4587 1.0281 -0.1245 0.0235  0.1027  103 V7F A C04   
488 C  C05   . V7F D .  ? 1.3369 1.5483 1.1338 -0.1473 0.0856  0.0765  103 V7F A C05   
489 C  C06   . V7F D .  ? 1.3395 1.5031 1.0795 -0.0833 -0.0864 0.1192  103 V7F A C06   
490 C  C07   . V7F D .  ? 1.1580 1.4355 1.1377 -0.1152 0.0319  0.0886  103 V7F A C07   
491 C  C08   . V7F D .  ? 1.2263 1.3276 1.0198 -0.1429 0.0722  0.1330  103 V7F A C08   
492 C  C09   . V7F D .  ? 1.1633 1.4712 1.2270 -0.1120 0.0086  0.0719  103 V7F A C09   
493 C  C10   . V7F D .  ? 1.2373 1.4165 0.9897 -0.1111 -0.0102 0.1134  103 V7F A C10   
494 C  C27   . V7F D .  ? 1.2892 1.4703 0.9961 -0.0991 -0.0627 0.1033  103 V7F A C27   
495 C  C28   . V7F D .  ? 1.3431 1.5326 1.0442 -0.1130 -0.0286 0.0962  103 V7F A C28   
496 N  N01   . V7F D .  ? 1.3139 1.4875 1.0937 -0.1118 0.0004  0.1201  103 V7F A N01   
497 N  N02   . V7F D .  ? 1.1320 1.3892 1.0574 -0.1119 0.0232  0.0988  103 V7F A N02   
498 N  N03   . V7F D .  ? 1.2435 1.3344 0.9830 -0.1610 0.1035  0.1180  103 V7F A N03   
499 N  N04   . V7F D .  ? 1.1563 1.3799 1.1103 -0.1404 0.0928  0.0886  103 V7F A N04   
500 N  N05   . V7F D .  ? 1.3180 1.4828 1.1739 -0.1264 0.0483  0.1235  103 V7F A N05   
501 N  N06   . V7F D .  ? 1.3818 1.5794 1.1891 -0.1350 0.0600  0.0973  103 V7F A N06   
502 RU RU01  . V7F D .  ? 1.5188 1.7077 1.3643 -0.1310 0.0579  0.1087  103 V7F A RU01  
529 SR SR    . SR  E .  ? 2.8590 2.5317 3.0824 -0.0939 -0.4272 -0.0953 104 SR  A SR    
530 SR SR    . SR  F .  ? 2.5590 3.0584 2.6257 -0.1037 -0.1254 -0.1178 105 SR  A SR    
531 O  O     . HOH G .  ? 0.8660 1.0736 1.2980 -0.1073 -0.0542 -0.1213 201 HOH A O     
532 O  O     . HOH G .  ? 1.3611 1.6880 1.2038 -0.1785 0.0464  -0.0515 202 HOH A O     
533 O  O     . HOH G .  ? 1.1428 1.3247 0.9807 -0.2088 0.0418  -0.0988 203 HOH A O     
534 O  O     . HOH G .  ? 1.2159 1.4410 1.2389 -0.2061 0.2657  -0.0191 204 HOH A O     
535 O  O     . HOH G .  ? 1.2205 1.4494 1.2665 -0.1814 0.2029  0.0272  205 HOH A O     
536 O  O     . HOH G .  ? 1.1042 1.2448 1.2523 -0.1010 -0.0873 0.0857  206 HOH A O     
537 O  O     . HOH G .  ? 1.1520 1.3222 1.2678 -0.1181 -0.1503 0.0120  207 HOH A O     
538 O  O     . HOH G .  ? 1.2416 1.5972 1.8862 -0.1505 0.1665  -0.1075 208 HOH A O     
# 
